data_9PZ0
#
_entry.id   9PZ0
#
loop_
_entity.id
_entity.type
_entity.pdbx_description
1 polymer 'RNA-directed RNA polymerase nsp12'
2 polymer 'Non-structural protein 8'
3 polymer 'Non-structural protein 7'
4 polymer 'Primer RNA'
5 polymer 'Template RNA'
6 non-polymer 'ZINC ION'
#
loop_
_entity_poly.entity_id
_entity_poly.type
_entity_poly.pdbx_seq_one_letter_code
_entity_poly.pdbx_strand_id
1 'polypeptide(L)'
;MGSADAQSFLNRVCGVSAARLTPCGTGTSTDVVYRAFDIYNDKVAGFAKFLKTNCCRFQEKDEDDNLIDSYFVVKRHTFS
NYQHEETIYNLLKDCPAVAKHDFFKFRIDGDMVPHISRQRLTKYTMADLVYALRHFDEGNCDTLKEILVTYNCCDDDYFN
KKDWYDFVENPDILRVYANLGERVRQALLKTVQFCDAMRNAGIVGVLTLDNQDLNGNWYDFGDFIQTTPGSGVPVVDSYY
SLLMPILTLTRALTAESHVDTDLTKPYIKWDLLKYDFTEERLKLFDRYFKYWDQTYHPNCVNCLDDRCILHCANFNVLFS
TVFPPTSFGPLVRKIFVDGVPFVVSTGYHFRELGVVHNQDVNLHSSRLSFKELLVYAADPAMHAASGNLLLDKRTTCFSV
AALTNNVAFQTVKPGNFNKDFYDFAVSKGFFKEGSSVELKHFFFAQDGNAAISDYDYYRYNLPTMCDIRQLLFVVEVVDK
YFDCYDGGCINANQVIVNNLDKSAGFPFNKWGKARLYYDSMSYEDQDALFAYTKRNVIPTITQMNLKYAISAKNRARTVA
GVSICSTMTNRQFHQKLLKSIAATRGATVVIGTSKFYGGWHNMLKTVYSDVENPHLMGWDYPKCDRAMPNMLRIMASLVL
ARKHTTCCSLSHRFYRLANECAQVLSEMVMCGGSLYVKPGGTSSGDATTAYANSVFNICQAVTANVNALLSTDGNKIADK
YVRNLQHRLYECLYRNRDVDTDFVNEFYAYLRKHFSMMILSDDAVVCFNSTYASQGLVASIKNFKSVLYYQNNVFMSEAK
CWTETDLTKGPHEFCSQHTMLVKQGDDYVYLPYPDPSRILGAGCFVDDIVKTDGTLMIERFVSLAIDAYPLTKHPNQEYA
DVFHLYLQYIRKLHDELTGHMLDMYSVMLTNDNTSRYWEPEFYEAMYTPHTVLQENLYFQGSWSHPQFEKGGSGSSWSHP
QFEK
;
A
2 'polypeptide(L)'
;GAIASEFSSLPSYAAFATAQEAYEQAVANGDSEVVLKKLKKSLNVAKSEFDRDAAMQRKLEKMADQAMTQMYKQARSEDK
RAKVTSAMQTMLFTMLRKLDNDALNNIINNARDGCVPLNIIPLTTAAKLMVVIPDYNTYKNTCDGTTFTYASALWEIQQV
VDADSKIVQLSEISMDNSPNLAWPLIVTALRANSAVKLQ
;
B,D
3 'polypeptide(L)'
;GSKMSDVKCTSVVLLSVLQQLRVESSSKLWAQCVQLHNDILLAKDTTEAFEKMVSLLSVLLSMQGAVDINKLCEEMLDNR
ATLQ
;
C
4 'polyribonucleotide' CAUUCUCCUAAGAAGCUAUUAAAAUCACAUU P
5 'polyribonucleotide' UUUUCCCAAUGUGAUUUUAAUAGCUUCUUAGGAGAAUG T
#
loop_
_chem_comp.id
_chem_comp.type
_chem_comp.name
_chem_comp.formula
A RNA linking ADENOSINE-5'-MONOPHOSPHATE 'C10 H14 N5 O7 P'
C RNA linking CYTIDINE-5'-MONOPHOSPHATE 'C9 H14 N3 O8 P'
G RNA linking GUANOSINE-5'-MONOPHOSPHATE 'C10 H14 N5 O8 P'
U RNA linking URIDINE-5'-MONOPHOSPHATE 'C9 H13 N2 O9 P'
ZN non-polymer 'ZINC ION' 'Zn 2'
#
# COMPACT_ATOMS: atom_id res chain seq x y z
N ALA A 4 -25.68 18.97 60.69
CA ALA A 4 -26.89 18.74 61.52
C ALA A 4 -27.95 17.94 60.76
N ASP A 5 -28.79 18.58 59.94
CA ASP A 5 -30.00 17.97 59.37
C ASP A 5 -29.76 16.82 58.36
N ALA A 6 -28.58 16.78 57.74
CA ALA A 6 -28.26 15.85 56.64
C ALA A 6 -28.37 14.36 57.01
N GLN A 7 -28.21 13.99 58.27
CA GLN A 7 -28.41 12.60 58.71
C GLN A 7 -29.88 12.16 58.56
N SER A 8 -30.84 13.06 58.80
CA SER A 8 -32.27 12.75 58.58
C SER A 8 -32.61 12.55 57.09
N PHE A 9 -31.95 13.30 56.20
CA PHE A 9 -32.04 13.09 54.76
C PHE A 9 -31.41 11.75 54.36
N LEU A 10 -30.19 11.44 54.81
CA LEU A 10 -29.49 10.19 54.54
C LEU A 10 -30.29 8.95 54.96
N ASN A 11 -30.93 8.96 56.14
CA ASN A 11 -31.79 7.87 56.56
C ASN A 11 -33.04 7.74 55.68
N ARG A 12 -33.65 8.84 55.20
CA ARG A 12 -34.78 8.76 54.26
C ARG A 12 -34.37 8.29 52.87
N VAL A 13 -33.16 8.60 52.40
CA VAL A 13 -32.63 8.06 51.14
C VAL A 13 -32.46 6.54 51.20
N CYS A 14 -32.02 5.98 52.34
CA CYS A 14 -32.00 4.53 52.55
C CYS A 14 -33.42 3.92 52.54
N GLY A 15 -34.35 4.55 53.27
CA GLY A 15 -35.77 4.20 53.27
C GLY A 15 -36.07 2.81 53.81
N VAL A 16 -36.92 2.05 53.10
CA VAL A 16 -37.29 0.67 53.43
C VAL A 16 -36.16 -0.34 53.12
N SER A 17 -35.30 -0.02 52.15
CA SER A 17 -34.27 -0.92 51.64
C SER A 17 -33.15 -1.23 52.64
N ALA A 18 -32.58 -2.43 52.57
CA ALA A 18 -31.32 -2.74 53.23
C ALA A 18 -30.16 -2.15 52.41
N ALA A 19 -29.55 -1.08 52.94
CA ALA A 19 -28.45 -0.35 52.30
C ALA A 19 -27.56 0.32 53.37
N ARG A 20 -26.31 0.63 52.99
CA ARG A 20 -25.29 1.20 53.88
C ARG A 20 -24.59 2.36 53.16
N LEU A 21 -25.31 3.47 53.02
CA LEU A 21 -24.90 4.62 52.22
C LEU A 21 -23.91 5.56 52.93
N THR A 22 -23.05 6.18 52.13
CA THR A 22 -22.11 7.23 52.53
C THR A 22 -22.26 8.44 51.60
N PRO A 23 -22.15 9.69 52.09
CA PRO A 23 -22.33 10.88 51.27
C PRO A 23 -21.15 11.09 50.32
N CYS A 24 -21.44 11.34 49.04
CA CYS A 24 -20.42 11.51 47.99
C CYS A 24 -20.05 12.99 47.74
N GLY A 25 -20.52 13.90 48.58
CA GLY A 25 -20.29 15.34 48.55
C GLY A 25 -20.81 16.02 49.82
N THR A 26 -21.11 17.32 49.77
CA THR A 26 -21.84 18.00 50.87
C THR A 26 -23.27 17.45 50.99
N GLY A 27 -23.81 17.36 52.21
CA GLY A 27 -24.97 16.50 52.50
C GLY A 27 -26.33 16.94 51.96
N THR A 28 -26.65 18.24 52.03
CA THR A 28 -27.98 18.76 51.63
C THR A 28 -27.97 19.44 50.24
N SER A 29 -26.84 19.98 49.81
CA SER A 29 -26.67 20.57 48.46
C SER A 29 -26.38 19.51 47.39
N THR A 30 -26.48 19.89 46.11
CA THR A 30 -26.21 19.01 44.97
C THR A 30 -24.72 18.91 44.65
N ASP A 31 -24.30 17.77 44.10
CA ASP A 31 -22.95 17.54 43.59
C ASP A 31 -22.80 18.06 42.14
N VAL A 32 -21.56 18.37 41.72
CA VAL A 32 -21.25 18.84 40.35
C VAL A 32 -20.32 17.85 39.66
N VAL A 33 -20.72 17.33 38.50
CA VAL A 33 -19.93 16.37 37.69
C VAL A 33 -19.90 16.75 36.22
N TYR A 34 -18.83 16.39 35.51
CA TYR A 34 -18.68 16.60 34.07
C TYR A 34 -18.88 15.28 33.32
N ARG A 35 -19.89 15.21 32.44
CA ARG A 35 -20.42 13.96 31.84
C ARG A 35 -20.85 14.16 30.40
N ALA A 36 -20.84 13.12 29.57
CA ALA A 36 -21.26 13.17 28.17
C ALA A 36 -22.77 12.96 27.96
N PHE A 37 -23.38 13.75 27.08
CA PHE A 37 -24.83 13.75 26.79
C PHE A 37 -25.10 13.75 25.28
N ASP A 38 -26.09 12.98 24.83
CA ASP A 38 -26.70 13.04 23.49
C ASP A 38 -27.96 13.91 23.57
N ILE A 39 -27.95 15.12 23.00
CA ILE A 39 -28.91 16.18 23.29
C ILE A 39 -29.47 16.83 22.02
N TYR A 40 -30.78 17.12 22.02
CA TYR A 40 -31.46 17.88 20.97
C TYR A 40 -32.67 18.61 21.58
N ASN A 41 -32.57 19.93 21.68
CA ASN A 41 -33.60 20.84 22.19
C ASN A 41 -33.98 21.88 21.11
N ASP A 42 -34.89 22.80 21.44
CA ASP A 42 -35.15 24.00 20.64
C ASP A 42 -33.95 24.98 20.61
N LYS A 43 -32.99 24.86 21.54
CA LYS A 43 -31.86 25.80 21.72
C LYS A 43 -30.43 25.24 21.62
N VAL A 44 -30.24 23.92 21.57
CA VAL A 44 -28.93 23.25 21.45
C VAL A 44 -29.10 21.86 20.84
N ALA A 45 -28.08 21.35 20.13
CA ALA A 45 -28.01 19.95 19.72
C ALA A 45 -26.55 19.46 19.63
N GLY A 46 -26.28 18.20 19.97
CA GLY A 46 -24.95 17.60 19.81
C GLY A 46 -24.73 16.33 20.64
N PHE A 47 -23.50 15.81 20.59
CA PHE A 47 -23.01 14.74 21.46
C PHE A 47 -21.72 15.21 22.14
N ALA A 48 -21.86 15.79 23.32
CA ALA A 48 -20.86 16.66 23.95
C ALA A 48 -20.83 16.50 25.47
N LYS A 49 -19.79 17.00 26.13
CA LYS A 49 -19.70 17.03 27.59
C LYS A 49 -20.29 18.32 28.18
N PHE A 50 -21.00 18.19 29.29
CA PHE A 50 -21.64 19.28 30.02
C PHE A 50 -21.48 19.08 31.53
N LEU A 51 -21.62 20.16 32.32
CA LEU A 51 -21.79 20.06 33.77
C LEU A 51 -23.21 19.59 34.12
N LYS A 52 -23.33 18.58 34.98
CA LYS A 52 -24.59 18.13 35.59
C LYS A 52 -24.61 18.57 37.06
N THR A 53 -25.67 19.26 37.48
CA THR A 53 -25.67 20.02 38.77
C THR A 53 -26.94 19.87 39.61
N ASN A 54 -27.94 19.10 39.18
CA ASN A 54 -29.24 18.95 39.88
C ASN A 54 -29.26 17.84 40.94
N CYS A 55 -28.25 16.97 40.99
CA CYS A 55 -28.28 15.70 41.72
C CYS A 55 -27.37 15.68 42.96
N CYS A 56 -27.88 15.22 44.10
CA CYS A 56 -27.08 14.69 45.21
C CYS A 56 -26.66 13.24 44.91
N ARG A 57 -25.55 12.77 45.49
CA ARG A 57 -25.06 11.38 45.30
C ARG A 57 -24.64 10.73 46.62
N PHE A 58 -24.92 9.43 46.76
CA PHE A 58 -24.52 8.60 47.89
C PHE A 58 -23.98 7.26 47.37
N GLN A 59 -22.96 6.68 48.00
CA GLN A 59 -22.35 5.42 47.58
C GLN A 59 -22.45 4.35 48.66
N GLU A 60 -22.76 3.10 48.29
CA GLU A 60 -22.80 1.97 49.20
C GLU A 60 -21.43 1.49 49.68
N LYS A 61 -21.30 1.24 50.98
CA LYS A 61 -20.37 0.26 51.56
C LYS A 61 -21.00 -1.13 51.57
N ASP A 62 -20.16 -2.17 51.52
CA ASP A 62 -20.57 -3.55 51.74
C ASP A 62 -20.58 -3.95 53.24
N GLU A 63 -20.79 -5.23 53.52
CA GLU A 63 -20.86 -5.79 54.88
C GLU A 63 -19.49 -5.97 55.57
N ASP A 64 -18.37 -5.57 54.96
CA ASP A 64 -17.04 -5.58 55.55
C ASP A 64 -16.26 -4.27 55.31
N ASP A 65 -16.98 -3.14 55.30
CA ASP A 65 -16.46 -1.77 55.34
C ASP A 65 -15.69 -1.29 54.09
N ASN A 66 -15.97 -1.85 52.91
CA ASN A 66 -15.36 -1.42 51.65
C ASN A 66 -16.42 -0.89 50.66
N LEU A 67 -16.07 0.16 49.89
CA LEU A 67 -16.95 0.80 48.93
C LEU A 67 -17.11 -0.03 47.65
N ILE A 68 -18.29 0.04 47.01
CA ILE A 68 -18.64 -0.75 45.82
C ILE A 68 -19.24 0.14 44.71
N ASP A 69 -19.30 -0.38 43.47
CA ASP A 69 -19.89 0.32 42.32
C ASP A 69 -21.43 0.29 42.38
N SER A 70 -22.01 0.98 43.36
CA SER A 70 -23.46 1.13 43.53
C SER A 70 -23.76 2.45 44.22
N TYR A 71 -24.44 3.34 43.50
CA TYR A 71 -24.77 4.68 43.91
C TYR A 71 -26.27 4.90 43.98
N PHE A 72 -26.72 5.67 44.96
CA PHE A 72 -28.08 6.22 45.01
C PHE A 72 -27.97 7.68 44.59
N VAL A 73 -28.69 8.06 43.53
CA VAL A 73 -28.64 9.40 42.95
C VAL A 73 -29.99 10.07 43.16
N VAL A 74 -30.02 11.22 43.81
CA VAL A 74 -31.25 11.90 44.28
C VAL A 74 -31.33 13.28 43.67
N LYS A 75 -32.48 13.74 43.16
CA LYS A 75 -32.60 15.10 42.59
C LYS A 75 -33.89 15.86 42.94
N ARG A 76 -33.80 17.18 42.82
CA ARG A 76 -34.86 18.16 43.10
C ARG A 76 -35.75 18.35 41.86
N HIS A 77 -37.08 18.45 42.06
CA HIS A 77 -38.06 18.60 40.97
C HIS A 77 -38.99 19.81 41.13
N THR A 78 -39.52 20.28 39.99
CA THR A 78 -40.79 21.02 39.96
C THR A 78 -41.96 20.03 40.13
N PHE A 79 -42.97 20.37 40.93
CA PHE A 79 -43.99 19.40 41.35
C PHE A 79 -44.81 18.78 40.19
N SER A 80 -45.06 19.54 39.13
CA SER A 80 -45.76 19.04 37.92
C SER A 80 -44.94 18.00 37.15
N ASN A 81 -43.61 18.13 37.11
CA ASN A 81 -42.72 17.13 36.50
C ASN A 81 -42.55 15.89 37.40
N TYR A 82 -42.53 16.06 38.72
CA TYR A 82 -42.55 14.96 39.68
C TYR A 82 -43.80 14.07 39.54
N GLN A 83 -44.99 14.66 39.41
CA GLN A 83 -46.23 13.89 39.19
C GLN A 83 -46.26 13.16 37.84
N HIS A 84 -45.73 13.77 36.78
CA HIS A 84 -45.63 13.13 35.46
C HIS A 84 -44.67 11.94 35.46
N GLU A 85 -43.46 12.11 35.98
CA GLU A 85 -42.45 11.05 36.01
C GLU A 85 -42.85 9.88 36.92
N GLU A 86 -43.59 10.14 38.01
CA GLU A 86 -44.22 9.07 38.82
C GLU A 86 -45.34 8.34 38.07
N THR A 87 -46.16 9.07 37.31
CA THR A 87 -47.26 8.49 36.54
C THR A 87 -46.76 7.58 35.42
N ILE A 88 -45.68 7.95 34.72
CA ILE A 88 -45.02 7.09 33.72
C ILE A 88 -44.31 5.90 34.37
N TYR A 89 -43.57 6.09 35.47
CA TYR A 89 -42.87 4.99 36.13
C TYR A 89 -43.82 3.87 36.55
N ASN A 90 -44.98 4.17 37.13
CA ASN A 90 -45.91 3.13 37.58
C ASN A 90 -46.50 2.25 36.46
N LEU A 91 -46.41 2.65 35.19
CA LEU A 91 -46.75 1.81 34.03
C LEU A 91 -45.62 0.86 33.65
N LEU A 92 -44.34 1.28 33.76
CA LEU A 92 -43.18 0.43 33.34
C LEU A 92 -42.59 -0.33 34.55
N LYS A 93 -43.02 -0.01 35.76
CA LYS A 93 -42.57 -0.58 37.04
C LYS A 93 -42.36 -2.10 37.07
N ASP A 94 -43.14 -2.86 36.30
CA ASP A 94 -43.04 -4.32 36.20
C ASP A 94 -41.89 -4.82 35.30
N CYS A 95 -41.27 -3.96 34.48
CA CYS A 95 -40.18 -4.35 33.58
C CYS A 95 -38.86 -4.58 34.34
N PRO A 96 -38.13 -5.69 34.08
CA PRO A 96 -36.84 -5.98 34.74
C PRO A 96 -35.65 -5.16 34.20
N ALA A 97 -35.81 -4.43 33.10
CA ALA A 97 -34.81 -3.52 32.53
C ALA A 97 -34.84 -2.10 33.09
N VAL A 98 -35.74 -1.79 34.03
CA VAL A 98 -35.92 -0.45 34.63
C VAL A 98 -35.29 -0.37 36.02
N ALA A 99 -34.52 0.67 36.30
CA ALA A 99 -33.91 0.90 37.60
C ALA A 99 -34.96 1.26 38.66
N LYS A 100 -34.81 0.78 39.90
CA LYS A 100 -35.78 1.07 40.97
C LYS A 100 -35.74 2.55 41.37
N HIS A 101 -36.91 3.14 41.60
CA HIS A 101 -37.11 4.54 41.99
C HIS A 101 -37.82 4.62 43.34
N ASP A 102 -37.56 5.69 44.11
CA ASP A 102 -38.38 6.09 45.25
C ASP A 102 -38.70 7.58 45.18
N PHE A 103 -39.96 7.93 45.38
CA PHE A 103 -40.50 9.29 45.26
C PHE A 103 -40.92 9.80 46.64
N PHE A 104 -40.38 10.93 47.10
CA PHE A 104 -40.66 11.44 48.45
C PHE A 104 -40.61 12.96 48.57
N LYS A 105 -41.25 13.51 49.61
CA LYS A 105 -41.17 14.94 49.98
C LYS A 105 -40.45 15.10 51.31
N PHE A 106 -39.61 16.12 51.39
CA PHE A 106 -38.71 16.38 52.52
C PHE A 106 -38.54 17.88 52.74
N ARG A 107 -38.26 18.32 53.96
CA ARG A 107 -38.20 19.75 54.31
C ARG A 107 -36.79 20.32 54.20
N ILE A 108 -36.63 21.38 53.41
CA ILE A 108 -35.41 22.20 53.30
C ILE A 108 -35.79 23.68 53.28
N ASP A 109 -34.94 24.56 53.85
CA ASP A 109 -35.17 26.01 53.92
C ASP A 109 -36.56 26.42 54.47
N GLY A 110 -37.16 25.58 55.32
CA GLY A 110 -38.47 25.81 55.94
C GLY A 110 -39.69 25.35 55.12
N ASP A 111 -39.52 24.64 54.00
CA ASP A 111 -40.62 24.22 53.11
C ASP A 111 -40.45 22.78 52.57
N MET A 112 -41.55 22.12 52.21
CA MET A 112 -41.57 20.78 51.61
C MET A 112 -41.20 20.83 50.12
N VAL A 113 -40.19 20.05 49.72
CA VAL A 113 -39.70 19.96 48.33
C VAL A 113 -39.81 18.50 47.83
N PRO A 114 -40.29 18.24 46.61
CA PRO A 114 -40.34 16.90 46.03
C PRO A 114 -38.98 16.43 45.52
N HIS A 115 -38.66 15.16 45.79
CA HIS A 115 -37.42 14.48 45.44
C HIS A 115 -37.69 13.16 44.71
N ILE A 116 -36.82 12.81 43.77
CA ILE A 116 -36.73 11.46 43.18
C ILE A 116 -35.38 10.84 43.53
N SER A 117 -35.38 9.64 44.07
CA SER A 117 -34.20 8.80 44.28
C SER A 117 -34.15 7.68 43.27
N ARG A 118 -33.01 7.46 42.63
CA ARG A 118 -32.74 6.39 41.66
C ARG A 118 -31.69 5.45 42.23
N GLN A 119 -31.99 4.15 42.34
CA GLN A 119 -31.26 3.24 43.21
C GLN A 119 -30.27 2.33 42.49
N ARG A 120 -29.09 2.15 43.09
CA ARG A 120 -28.05 1.18 42.67
C ARG A 120 -27.55 1.33 41.23
N LEU A 121 -27.37 2.58 40.79
CA LEU A 121 -26.75 2.92 39.52
C LEU A 121 -25.22 2.75 39.55
N THR A 122 -24.57 2.61 38.39
CA THR A 122 -23.11 2.66 38.23
C THR A 122 -22.58 4.10 38.25
N LYS A 123 -21.27 4.30 38.39
CA LYS A 123 -20.64 5.65 38.34
C LYS A 123 -20.81 6.35 36.98
N TYR A 124 -20.69 5.58 35.89
CA TYR A 124 -20.72 6.03 34.50
C TYR A 124 -21.88 5.40 33.73
N THR A 125 -22.32 6.03 32.64
CA THR A 125 -23.42 5.61 31.78
C THR A 125 -22.93 4.99 30.48
N MET A 126 -23.82 4.47 29.63
CA MET A 126 -23.42 4.02 28.28
C MET A 126 -22.90 5.16 27.40
N ALA A 127 -23.32 6.41 27.61
CA ALA A 127 -22.80 7.56 26.88
C ALA A 127 -21.34 7.85 27.23
N ASP A 128 -20.92 7.65 28.48
CA ASP A 128 -19.52 7.84 28.88
C ASP A 128 -18.60 6.81 28.25
N LEU A 129 -19.00 5.55 28.11
CA LEU A 129 -18.24 4.52 27.41
C LEU A 129 -18.12 4.80 25.91
N VAL A 130 -19.21 5.18 25.24
CA VAL A 130 -19.21 5.52 23.82
C VAL A 130 -18.38 6.77 23.54
N TYR A 131 -18.56 7.84 24.32
CA TYR A 131 -17.82 9.08 24.17
C TYR A 131 -16.32 8.93 24.46
N ALA A 132 -15.88 7.96 25.27
CA ALA A 132 -14.48 7.76 25.60
C ALA A 132 -13.65 7.03 24.52
N LEU A 133 -14.29 6.16 23.74
CA LEU A 133 -13.68 5.38 22.66
C LEU A 133 -13.77 6.07 21.29
N ARG A 134 -14.83 6.83 21.04
CA ARG A 134 -14.77 7.98 20.12
C ARG A 134 -13.96 9.09 20.84
N HIS A 135 -13.65 10.23 20.23
CA HIS A 135 -13.07 11.40 20.96
C HIS A 135 -11.85 11.10 21.87
N PHE A 136 -10.98 10.17 21.49
CA PHE A 136 -9.85 9.67 22.30
C PHE A 136 -8.61 10.59 22.33
N ASP A 137 -8.10 10.84 23.54
CA ASP A 137 -6.84 11.60 23.74
C ASP A 137 -5.99 10.78 24.71
N GLU A 138 -4.73 10.49 24.37
CA GLU A 138 -3.91 9.61 25.21
C GLU A 138 -3.41 10.30 26.49
N GLY A 139 -3.61 11.62 26.61
CA GLY A 139 -3.26 12.39 27.79
C GLY A 139 -4.51 12.73 28.56
N ASN A 140 -5.68 12.29 28.14
CA ASN A 140 -6.95 12.51 28.87
C ASN A 140 -7.79 11.23 29.01
N CYS A 141 -7.15 10.08 29.27
CA CYS A 141 -7.79 8.77 29.38
C CYS A 141 -8.52 8.46 30.70
N ASP A 142 -8.66 9.38 31.66
CA ASP A 142 -9.05 9.04 33.03
C ASP A 142 -10.40 8.31 33.18
N THR A 143 -11.41 8.61 32.35
CA THR A 143 -12.69 7.86 32.34
C THR A 143 -12.55 6.48 31.70
N LEU A 144 -11.77 6.34 30.64
CA LEU A 144 -11.53 5.03 30.01
C LEU A 144 -10.71 4.11 30.91
N LYS A 145 -9.65 4.61 31.55
CA LYS A 145 -8.86 3.87 32.54
C LYS A 145 -9.71 3.39 33.70
N GLU A 146 -10.57 4.24 34.26
CA GLU A 146 -11.42 3.88 35.39
C GLU A 146 -12.53 2.89 35.02
N ILE A 147 -13.13 2.98 33.83
CA ILE A 147 -14.06 1.96 33.30
C ILE A 147 -13.33 0.62 33.09
N LEU A 148 -12.16 0.58 32.46
CA LEU A 148 -11.41 -0.67 32.26
C LEU A 148 -11.02 -1.35 33.58
N VAL A 149 -10.55 -0.60 34.58
CA VAL A 149 -10.17 -1.12 35.89
C VAL A 149 -11.38 -1.53 36.74
N THR A 150 -12.49 -0.78 36.73
CA THR A 150 -13.68 -1.11 37.54
C THR A 150 -14.31 -2.43 37.12
N TYR A 151 -14.31 -2.75 35.83
CA TYR A 151 -14.95 -3.95 35.27
C TYR A 151 -13.96 -5.09 34.94
N ASN A 152 -12.81 -5.13 35.61
CA ASN A 152 -11.80 -6.20 35.54
C ASN A 152 -11.21 -6.50 34.14
N CYS A 153 -11.12 -5.52 33.25
CA CYS A 153 -10.52 -5.73 31.93
C CYS A 153 -9.00 -5.93 31.99
N CYS A 154 -8.32 -5.21 32.89
CA CYS A 154 -6.90 -5.30 33.20
C CYS A 154 -6.59 -4.73 34.59
N ASP A 155 -5.41 -5.02 35.16
CA ASP A 155 -4.93 -4.38 36.39
C ASP A 155 -4.51 -2.92 36.15
N ASP A 156 -4.46 -2.10 37.20
CA ASP A 156 -4.05 -0.69 37.12
C ASP A 156 -2.56 -0.51 36.69
N ASP A 157 -1.76 -1.57 36.78
CA ASP A 157 -0.38 -1.61 36.28
C ASP A 157 -0.27 -1.64 34.74
N TYR A 158 -1.34 -1.98 34.02
CA TYR A 158 -1.28 -2.14 32.56
C TYR A 158 -0.92 -0.83 31.85
N PHE A 159 -1.36 0.30 32.39
CA PHE A 159 -1.16 1.63 31.81
C PHE A 159 0.25 2.20 31.98
N ASN A 160 1.17 1.48 32.63
CA ASN A 160 2.59 1.84 32.73
C ASN A 160 3.43 1.38 31.51
N LYS A 161 2.89 0.56 30.62
CA LYS A 161 3.54 0.20 29.35
C LYS A 161 3.73 1.41 28.44
N LYS A 162 4.75 1.36 27.58
CA LYS A 162 4.92 2.47 26.59
C LYS A 162 3.92 2.24 25.44
N ASP A 163 2.98 3.18 25.24
CA ASP A 163 1.95 3.05 24.16
C ASP A 163 1.20 1.73 24.33
N TRP A 164 0.46 1.58 25.43
CA TRP A 164 -0.32 0.34 25.70
C TRP A 164 -1.65 0.37 24.93
N TYR A 165 -1.93 1.47 24.24
CA TYR A 165 -3.23 1.62 23.52
C TYR A 165 -3.02 1.49 22.02
N ASP A 166 -1.77 1.58 21.57
CA ASP A 166 -1.48 1.55 20.10
C ASP A 166 -1.85 0.18 19.53
N PHE A 167 -2.91 0.09 18.73
CA PHE A 167 -3.27 -1.17 18.09
C PHE A 167 -2.15 -1.84 17.29
N VAL A 168 -1.16 -1.08 16.82
CA VAL A 168 -0.08 -1.60 15.94
C VAL A 168 1.13 -2.00 16.77
N GLU A 169 1.50 -1.23 17.79
CA GLU A 169 2.63 -1.53 18.69
C GLU A 169 2.26 -2.42 19.89
N ASN A 170 1.05 -2.32 20.43
CA ASN A 170 0.53 -3.16 21.51
C ASN A 170 -0.80 -3.83 21.11
N PRO A 171 -0.78 -4.86 20.24
CA PRO A 171 -1.99 -5.50 19.74
C PRO A 171 -2.77 -6.29 20.80
N ASP A 172 -2.24 -6.44 22.02
CA ASP A 172 -2.93 -6.98 23.19
C ASP A 172 -4.09 -6.10 23.70
N ILE A 173 -4.14 -4.82 23.33
CA ILE A 173 -5.27 -3.94 23.68
C ILE A 173 -6.60 -4.44 23.11
N LEU A 174 -6.57 -5.20 22.00
CA LEU A 174 -7.74 -5.87 21.42
C LEU A 174 -8.29 -7.00 22.32
N ARG A 175 -7.52 -7.54 23.26
CA ARG A 175 -7.95 -8.51 24.27
C ARG A 175 -8.52 -7.79 25.49
N VAL A 176 -7.92 -6.67 25.91
CA VAL A 176 -8.37 -5.89 27.09
C VAL A 176 -9.72 -5.23 26.77
N TYR A 177 -9.95 -4.74 25.55
CA TYR A 177 -11.21 -4.09 25.15
C TYR A 177 -12.32 -5.09 24.92
N ALA A 178 -12.02 -6.30 24.46
CA ALA A 178 -12.97 -7.38 24.22
C ALA A 178 -13.49 -7.93 25.54
N ASN A 179 -12.87 -7.65 26.69
CA ASN A 179 -13.44 -7.97 28.00
C ASN A 179 -14.64 -7.07 28.38
N LEU A 180 -14.92 -5.99 27.65
CA LEU A 180 -16.17 -5.23 27.75
C LEU A 180 -17.32 -5.84 26.91
N GLY A 181 -17.06 -6.82 26.04
CA GLY A 181 -18.02 -7.29 25.05
C GLY A 181 -19.31 -7.88 25.61
N GLU A 182 -19.25 -8.77 26.59
CA GLU A 182 -20.46 -9.39 27.17
C GLU A 182 -21.25 -8.42 28.05
N ARG A 183 -20.61 -7.40 28.62
CA ARG A 183 -21.29 -6.29 29.30
C ARG A 183 -22.06 -5.40 28.34
N VAL A 184 -21.52 -5.11 27.15
CA VAL A 184 -22.22 -4.39 26.08
C VAL A 184 -23.36 -5.23 25.48
N ARG A 185 -23.20 -6.53 25.28
CA ARG A 185 -24.27 -7.41 24.76
C ARG A 185 -25.46 -7.52 25.70
N GLN A 186 -25.24 -7.59 27.01
CA GLN A 186 -26.32 -7.58 28.00
C GLN A 186 -27.07 -6.23 28.05
N ALA A 187 -26.41 -5.11 27.73
CA ALA A 187 -27.06 -3.82 27.54
C ALA A 187 -27.92 -3.75 26.25
N LEU A 188 -27.49 -4.37 25.14
CA LEU A 188 -28.33 -4.48 23.92
C LEU A 188 -29.59 -5.32 24.15
N LEU A 189 -29.53 -6.40 24.95
CA LEU A 189 -30.69 -7.21 25.31
C LEU A 189 -31.69 -6.47 26.21
N LYS A 190 -31.24 -5.75 27.25
CA LYS A 190 -32.15 -4.98 28.12
C LYS A 190 -32.87 -3.86 27.38
N THR A 191 -32.28 -3.26 26.37
CA THR A 191 -32.94 -2.24 25.53
C THR A 191 -34.12 -2.81 24.74
N VAL A 192 -34.04 -4.04 24.26
CA VAL A 192 -35.14 -4.70 23.54
C VAL A 192 -36.27 -5.11 24.49
N GLN A 193 -35.99 -5.44 25.75
CA GLN A 193 -37.03 -5.58 26.78
C GLN A 193 -37.74 -4.25 27.08
N PHE A 194 -37.00 -3.14 27.21
CA PHE A 194 -37.56 -1.83 27.50
C PHE A 194 -38.44 -1.31 26.36
N CYS A 195 -38.08 -1.53 25.10
CA CYS A 195 -38.90 -1.20 23.94
C CYS A 195 -40.24 -1.96 23.91
N ASP A 196 -40.23 -3.25 24.24
CA ASP A 196 -41.45 -4.05 24.36
C ASP A 196 -42.33 -3.57 25.53
N ALA A 197 -41.75 -3.17 26.66
CA ALA A 197 -42.50 -2.55 27.76
C ALA A 197 -43.14 -1.22 27.35
N MET A 198 -42.40 -0.30 26.70
CA MET A 198 -42.97 0.95 26.19
C MET A 198 -44.11 0.73 25.20
N ARG A 199 -43.95 -0.19 24.25
CA ARG A 199 -44.99 -0.48 23.25
C ARG A 199 -46.26 -1.02 23.89
N ASN A 200 -46.16 -2.06 24.70
CA ASN A 200 -47.32 -2.67 25.35
C ASN A 200 -48.03 -1.72 26.33
N ALA A 201 -47.29 -0.93 27.11
CA ALA A 201 -47.86 0.09 28.00
C ALA A 201 -48.50 1.29 27.28
N GLY A 202 -48.19 1.52 26.00
CA GLY A 202 -48.70 2.66 25.23
C GLY A 202 -47.91 3.95 25.43
N ILE A 203 -46.58 3.90 25.56
CA ILE A 203 -45.73 5.06 25.87
C ILE A 203 -44.88 5.46 24.65
N VAL A 204 -44.74 6.76 24.41
CA VAL A 204 -43.98 7.34 23.29
C VAL A 204 -42.78 8.15 23.81
N GLY A 205 -41.59 7.95 23.26
CA GLY A 205 -40.41 8.73 23.64
C GLY A 205 -39.12 8.32 22.93
N VAL A 206 -38.04 9.06 23.17
CA VAL A 206 -36.72 8.87 22.54
C VAL A 206 -35.75 8.20 23.51
N LEU A 207 -35.09 7.13 23.09
CA LEU A 207 -34.03 6.48 23.86
C LEU A 207 -32.67 7.12 23.56
N THR A 208 -31.92 7.53 24.59
CA THR A 208 -30.58 8.12 24.48
C THR A 208 -29.59 7.46 25.43
N LEU A 209 -28.32 7.33 25.03
CA LEU A 209 -27.30 6.55 25.74
C LEU A 209 -27.03 7.01 27.18
N ASP A 210 -27.29 8.26 27.52
CA ASP A 210 -27.04 8.85 28.83
C ASP A 210 -28.09 8.46 29.90
N ASN A 211 -29.12 7.71 29.52
CA ASN A 211 -30.17 7.22 30.41
C ASN A 211 -30.09 5.70 30.68
N GLN A 212 -29.03 5.03 30.24
CA GLN A 212 -28.72 3.64 30.51
C GLN A 212 -27.42 3.51 31.33
N ASP A 213 -27.44 2.79 32.45
CA ASP A 213 -26.23 2.53 33.26
C ASP A 213 -25.36 1.42 32.66
N LEU A 214 -24.13 1.21 33.16
CA LEU A 214 -23.24 0.14 32.66
C LEU A 214 -23.58 -1.27 33.17
N ASN A 215 -24.64 -1.45 33.97
CA ASN A 215 -25.32 -2.74 34.18
C ASN A 215 -26.48 -2.95 33.18
N GLY A 216 -26.86 -1.95 32.39
CA GLY A 216 -27.87 -2.00 31.36
C GLY A 216 -29.25 -1.47 31.74
N ASN A 217 -29.46 -0.92 32.95
CA ASN A 217 -30.77 -0.47 33.41
C ASN A 217 -31.14 0.93 32.91
N TRP A 218 -32.42 1.16 32.59
CA TRP A 218 -32.97 2.41 32.12
C TRP A 218 -33.65 3.20 33.25
N TYR A 219 -33.46 4.53 33.30
CA TYR A 219 -33.78 5.31 34.50
C TYR A 219 -34.33 6.74 34.33
N ASP A 220 -34.67 7.23 33.12
CA ASP A 220 -35.20 8.59 33.00
C ASP A 220 -36.43 8.70 32.07
N PHE A 221 -37.52 9.26 32.57
CA PHE A 221 -38.84 9.27 31.90
C PHE A 221 -39.51 10.65 31.86
N GLY A 222 -38.79 11.72 32.19
CA GLY A 222 -39.38 13.07 32.32
C GLY A 222 -39.83 13.72 31.00
N ASP A 223 -39.55 13.09 29.87
CA ASP A 223 -39.83 13.59 28.51
C ASP A 223 -40.60 12.56 27.64
N PHE A 224 -41.19 11.54 28.26
CA PHE A 224 -42.09 10.57 27.61
C PHE A 224 -43.55 11.04 27.70
N ILE A 225 -44.43 10.56 26.82
CA ILE A 225 -45.89 10.83 26.84
C ILE A 225 -46.72 9.54 26.68
N GLN A 226 -47.96 9.56 27.17
CA GLN A 226 -48.90 8.44 27.03
C GLN A 226 -49.62 8.43 25.68
N THR A 227 -50.22 7.28 25.35
CA THR A 227 -50.94 6.93 24.12
C THR A 227 -51.80 5.68 24.44
N THR A 228 -52.68 5.24 23.53
CA THR A 228 -53.46 4.00 23.74
C THR A 228 -52.53 2.78 23.92
N PRO A 229 -52.73 1.91 24.94
CA PRO A 229 -51.96 0.68 25.14
C PRO A 229 -51.83 -0.19 23.89
N GLY A 230 -50.67 -0.83 23.71
CA GLY A 230 -50.32 -1.56 22.49
C GLY A 230 -49.84 -0.70 21.31
N SER A 231 -49.91 0.63 21.42
CA SER A 231 -49.49 1.58 20.36
C SER A 231 -48.34 2.51 20.79
N GLY A 232 -47.54 2.13 21.78
CA GLY A 232 -46.34 2.88 22.13
C GLY A 232 -45.26 2.84 21.06
N VAL A 233 -44.34 3.81 21.08
CA VAL A 233 -43.32 4.01 20.05
C VAL A 233 -41.99 4.44 20.70
N PRO A 234 -41.01 3.52 20.85
CA PRO A 234 -39.64 3.87 21.17
C PRO A 234 -38.89 4.36 19.92
N VAL A 235 -38.20 5.49 20.01
CA VAL A 235 -37.37 6.05 18.93
C VAL A 235 -35.90 5.82 19.26
N VAL A 236 -35.15 5.16 18.36
CA VAL A 236 -33.84 4.54 18.67
C VAL A 236 -32.73 4.90 17.68
N ASP A 237 -32.93 5.91 16.85
CA ASP A 237 -32.08 6.22 15.69
C ASP A 237 -30.69 6.74 16.08
N SER A 238 -30.57 7.61 17.10
CA SER A 238 -29.26 7.99 17.65
C SER A 238 -28.68 6.91 18.57
N TYR A 239 -29.47 6.24 19.42
CA TYR A 239 -28.97 5.21 20.34
C TYR A 239 -28.13 4.14 19.65
N TYR A 240 -28.70 3.45 18.65
CA TYR A 240 -27.99 2.39 17.96
C TYR A 240 -26.87 2.93 17.08
N SER A 241 -27.09 3.96 16.26
CA SER A 241 -26.09 4.47 15.33
C SER A 241 -24.83 5.02 16.00
N LEU A 242 -25.00 5.73 17.11
CA LEU A 242 -23.92 6.35 17.84
C LEU A 242 -23.05 5.29 18.53
N LEU A 243 -23.67 4.19 19.00
CA LEU A 243 -23.05 3.00 19.60
C LEU A 243 -22.39 2.03 18.60
N MET A 244 -22.83 1.93 17.34
CA MET A 244 -22.36 0.94 16.36
C MET A 244 -20.84 0.69 16.30
N PRO A 245 -19.94 1.69 16.19
CA PRO A 245 -18.50 1.41 16.13
C PRO A 245 -17.91 0.75 17.38
N ILE A 246 -18.60 0.73 18.52
CA ILE A 246 -18.15 0.07 19.76
C ILE A 246 -18.46 -1.43 19.75
N LEU A 247 -19.45 -1.88 18.98
CA LEU A 247 -19.90 -3.28 18.95
C LEU A 247 -18.85 -4.21 18.34
N THR A 248 -18.18 -3.80 17.27
CA THR A 248 -17.05 -4.56 16.69
C THR A 248 -15.73 -4.33 17.44
N LEU A 249 -15.50 -3.15 18.01
CA LEU A 249 -14.28 -2.86 18.79
C LEU A 249 -14.19 -3.70 20.06
N THR A 250 -15.28 -3.83 20.80
CA THR A 250 -15.37 -4.68 22.00
C THR A 250 -15.78 -6.13 21.69
N ARG A 251 -15.83 -6.55 20.42
CA ARG A 251 -16.27 -7.88 19.94
C ARG A 251 -17.53 -8.42 20.63
N ALA A 252 -18.60 -7.65 20.68
CA ALA A 252 -19.76 -7.91 21.55
C ALA A 252 -20.50 -9.23 21.24
N LEU A 253 -20.74 -9.58 19.98
CA LEU A 253 -21.48 -10.80 19.61
C LEU A 253 -20.66 -12.11 19.68
N THR A 254 -19.49 -12.11 20.32
CA THR A 254 -18.62 -13.30 20.40
C THR A 254 -19.28 -14.50 21.10
N ALA A 255 -20.26 -14.27 21.98
CA ALA A 255 -21.05 -15.32 22.63
C ALA A 255 -22.02 -16.05 21.71
N GLU A 256 -22.35 -15.53 20.52
CA GLU A 256 -23.23 -16.21 19.55
C GLU A 256 -22.57 -17.44 18.90
N SER A 257 -21.25 -17.57 19.01
CA SER A 257 -20.47 -18.71 18.51
C SER A 257 -20.54 -19.97 19.40
N HIS A 258 -21.10 -19.89 20.61
CA HIS A 258 -21.15 -20.97 21.60
C HIS A 258 -22.53 -21.64 21.69
N VAL A 259 -22.58 -22.90 22.14
CA VAL A 259 -23.84 -23.63 22.38
C VAL A 259 -24.68 -22.94 23.45
N ASP A 260 -25.99 -22.81 23.22
CA ASP A 260 -26.92 -21.99 24.02
C ASP A 260 -26.50 -20.52 24.23
N THR A 261 -25.57 -20.01 23.40
CA THR A 261 -24.87 -18.72 23.53
C THR A 261 -24.29 -18.46 24.93
N ASP A 262 -23.80 -19.50 25.60
CA ASP A 262 -23.20 -19.43 26.94
C ASP A 262 -21.68 -19.52 26.82
N LEU A 263 -20.95 -18.49 27.26
CA LEU A 263 -19.48 -18.43 27.15
C LEU A 263 -18.75 -19.55 27.91
N THR A 264 -19.43 -20.31 28.77
CA THR A 264 -18.87 -21.47 29.48
C THR A 264 -19.05 -22.81 28.73
N LYS A 265 -19.90 -22.88 27.70
CA LYS A 265 -20.13 -24.06 26.85
C LYS A 265 -19.16 -24.09 25.64
N PRO A 266 -19.04 -25.19 24.88
CA PRO A 266 -18.16 -25.24 23.72
C PRO A 266 -18.69 -24.46 22.51
N TYR A 267 -17.85 -24.24 21.51
CA TYR A 267 -18.24 -23.65 20.23
C TYR A 267 -19.27 -24.52 19.48
N ILE A 268 -20.13 -23.90 18.67
CA ILE A 268 -21.01 -24.61 17.72
C ILE A 268 -20.15 -25.22 16.61
N LYS A 269 -20.34 -26.51 16.31
CA LYS A 269 -19.79 -27.16 15.12
C LYS A 269 -20.82 -27.12 14.00
N TRP A 270 -20.59 -26.25 13.03
CA TRP A 270 -21.43 -26.11 11.84
C TRP A 270 -21.23 -27.26 10.84
N ASP A 271 -22.23 -27.53 10.02
CA ASP A 271 -22.11 -28.42 8.86
C ASP A 271 -21.10 -27.84 7.87
N LEU A 272 -20.05 -28.58 7.53
CA LEU A 272 -18.91 -28.06 6.77
C LEU A 272 -19.27 -27.60 5.34
N LEU A 273 -20.29 -28.22 4.71
CA LEU A 273 -20.74 -27.87 3.36
C LEU A 273 -21.62 -26.61 3.30
N LYS A 274 -22.09 -26.07 4.42
CA LYS A 274 -23.05 -24.97 4.48
C LYS A 274 -22.44 -23.63 4.06
N TYR A 275 -23.10 -22.95 3.12
CA TYR A 275 -22.75 -21.59 2.71
C TYR A 275 -23.88 -20.57 2.92
N ASP A 276 -25.15 -20.96 2.95
CA ASP A 276 -26.27 -20.01 3.07
C ASP A 276 -26.70 -19.84 4.53
N PHE A 277 -26.33 -18.70 5.12
CA PHE A 277 -26.67 -18.28 6.48
C PHE A 277 -27.79 -17.23 6.54
N THR A 278 -28.62 -17.10 5.50
CA THR A 278 -29.68 -16.07 5.41
C THR A 278 -30.66 -16.11 6.58
N GLU A 279 -31.10 -17.28 7.04
CA GLU A 279 -32.01 -17.40 8.18
C GLU A 279 -31.33 -17.10 9.52
N GLU A 280 -30.02 -17.36 9.66
CA GLU A 280 -29.25 -16.97 10.84
C GLU A 280 -29.07 -15.44 10.91
N ARG A 281 -28.76 -14.77 9.80
CA ARG A 281 -28.68 -13.31 9.72
C ARG A 281 -29.99 -12.62 10.06
N LEU A 282 -31.13 -13.11 9.57
CA LEU A 282 -32.46 -12.57 9.93
C LEU A 282 -32.81 -12.79 11.41
N LYS A 283 -32.39 -13.90 12.02
CA LYS A 283 -32.60 -14.17 13.45
C LYS A 283 -31.70 -13.32 14.35
N LEU A 284 -30.46 -13.03 13.98
CA LEU A 284 -29.58 -12.12 14.73
C LEU A 284 -30.11 -10.69 14.74
N PHE A 285 -30.66 -10.20 13.63
CA PHE A 285 -31.23 -8.86 13.54
C PHE A 285 -32.44 -8.68 14.46
N ASP A 286 -33.40 -9.61 14.46
CA ASP A 286 -34.57 -9.57 15.35
C ASP A 286 -34.24 -9.68 16.85
N ARG A 287 -33.06 -10.19 17.23
CA ARG A 287 -32.67 -10.33 18.64
C ARG A 287 -32.14 -9.03 19.26
N TYR A 288 -31.38 -8.23 18.50
CA TYR A 288 -30.66 -7.07 19.04
C TYR A 288 -31.14 -5.72 18.47
N PHE A 289 -31.72 -5.71 17.27
CA PHE A 289 -32.11 -4.51 16.53
C PHE A 289 -33.60 -4.50 16.16
N LYS A 290 -34.45 -5.10 16.99
CA LYS A 290 -35.90 -5.32 16.72
C LYS A 290 -36.68 -4.06 16.33
N TYR A 291 -36.40 -2.92 16.95
CA TYR A 291 -37.12 -1.64 16.75
C TYR A 291 -36.42 -0.65 15.81
N TRP A 292 -35.49 -1.10 14.96
CA TRP A 292 -34.70 -0.23 14.09
C TRP A 292 -35.52 0.52 13.01
N ASP A 293 -36.64 -0.03 12.54
CA ASP A 293 -37.61 0.66 11.66
C ASP A 293 -37.07 1.04 10.26
N GLN A 294 -36.16 0.24 9.69
CA GLN A 294 -35.73 0.30 8.29
C GLN A 294 -35.48 -1.12 7.78
N THR A 295 -35.76 -1.40 6.51
CA THR A 295 -35.69 -2.76 5.95
C THR A 295 -34.25 -3.26 5.85
N TYR A 296 -33.99 -4.48 6.30
CA TYR A 296 -32.71 -5.16 6.20
C TYR A 296 -32.78 -6.29 5.17
N HIS A 297 -31.86 -6.30 4.20
CA HIS A 297 -31.69 -7.34 3.19
C HIS A 297 -30.42 -8.11 3.50
N PRO A 298 -30.45 -9.40 3.88
CA PRO A 298 -29.24 -10.14 4.18
C PRO A 298 -28.30 -10.26 2.97
N ASN A 299 -28.85 -10.35 1.76
CA ASN A 299 -28.14 -10.43 0.49
C ASN A 299 -28.35 -9.12 -0.29
N CYS A 300 -27.28 -8.40 -0.61
CA CYS A 300 -27.37 -7.05 -1.19
C CYS A 300 -27.84 -7.03 -2.66
N VAL A 301 -27.94 -8.18 -3.33
CA VAL A 301 -28.52 -8.27 -4.68
C VAL A 301 -30.01 -7.90 -4.71
N ASN A 302 -30.66 -7.81 -3.55
CA ASN A 302 -32.06 -7.38 -3.37
C ASN A 302 -32.24 -5.88 -3.08
N CYS A 303 -31.16 -5.13 -2.82
CA CYS A 303 -31.21 -3.74 -2.37
C CYS A 303 -31.70 -2.77 -3.47
N LEU A 304 -32.21 -1.60 -3.06
CA LEU A 304 -32.91 -0.65 -3.94
C LEU A 304 -32.01 0.40 -4.62
N ASP A 305 -30.88 0.77 -4.02
CA ASP A 305 -29.91 1.76 -4.54
C ASP A 305 -28.57 1.67 -3.77
N ASP A 306 -27.63 2.58 -4.04
CA ASP A 306 -26.32 2.64 -3.35
C ASP A 306 -26.44 2.82 -1.83
N ARG A 307 -27.47 3.53 -1.35
CA ARG A 307 -27.64 3.88 0.07
C ARG A 307 -28.25 2.72 0.85
N CYS A 308 -29.06 1.88 0.21
CA CYS A 308 -29.47 0.60 0.76
C CYS A 308 -28.29 -0.39 0.79
N ILE A 309 -27.41 -0.43 -0.23
CA ILE A 309 -26.21 -1.28 -0.17
C ILE A 309 -25.33 -0.91 1.03
N LEU A 310 -25.02 0.38 1.27
CA LEU A 310 -24.23 0.77 2.44
C LEU A 310 -24.94 0.48 3.78
N HIS A 311 -26.25 0.63 3.85
CA HIS A 311 -27.01 0.29 5.05
C HIS A 311 -26.97 -1.21 5.37
N CYS A 312 -27.30 -2.08 4.42
CA CYS A 312 -27.37 -3.51 4.64
C CYS A 312 -26.00 -4.17 4.81
N ALA A 313 -24.96 -3.72 4.10
CA ALA A 313 -23.59 -4.23 4.26
C ALA A 313 -23.00 -3.98 5.66
N ASN A 314 -23.40 -2.91 6.36
CA ASN A 314 -22.94 -2.60 7.70
C ASN A 314 -23.41 -3.61 8.76
N PHE A 315 -24.62 -4.15 8.64
CA PHE A 315 -25.07 -5.26 9.47
C PHE A 315 -24.39 -6.57 9.08
N ASN A 316 -24.05 -6.76 7.82
CA ASN A 316 -23.31 -7.95 7.40
C ASN A 316 -21.87 -7.97 7.89
N VAL A 317 -21.11 -6.87 7.96
CA VAL A 317 -19.78 -6.90 8.62
C VAL A 317 -19.85 -7.27 10.10
N LEU A 318 -20.96 -6.97 10.80
CA LEU A 318 -21.19 -7.40 12.18
C LEU A 318 -21.52 -8.89 12.25
N PHE A 319 -22.58 -9.35 11.59
CA PHE A 319 -23.07 -10.72 11.72
C PHE A 319 -22.13 -11.78 11.11
N SER A 320 -21.36 -11.45 10.07
CA SER A 320 -20.36 -12.35 9.49
C SER A 320 -19.20 -12.72 10.41
N THR A 321 -19.07 -12.11 11.58
CA THR A 321 -18.08 -12.50 12.60
C THR A 321 -18.46 -13.76 13.38
N VAL A 322 -19.72 -14.21 13.30
CA VAL A 322 -20.25 -15.39 14.00
C VAL A 322 -20.00 -16.70 13.23
N PHE A 323 -20.00 -16.65 11.90
CA PHE A 323 -19.98 -17.81 11.00
C PHE A 323 -18.56 -18.31 10.67
N PRO A 324 -18.38 -19.60 10.28
CA PRO A 324 -17.06 -20.20 10.12
C PRO A 324 -16.25 -19.64 8.94
N PRO A 325 -14.95 -19.35 9.08
CA PRO A 325 -14.13 -18.74 8.02
C PRO A 325 -14.07 -19.48 6.68
N THR A 326 -14.28 -20.79 6.67
CA THR A 326 -14.28 -21.63 5.46
C THR A 326 -15.52 -21.46 4.60
N SER A 327 -16.55 -20.78 5.08
CA SER A 327 -17.85 -20.64 4.41
C SER A 327 -17.88 -19.57 3.31
N PHE A 328 -16.96 -18.61 3.37
CA PHE A 328 -16.86 -17.48 2.44
C PHE A 328 -16.02 -17.81 1.21
N GLY A 329 -15.93 -16.91 0.24
CA GLY A 329 -15.16 -17.11 -0.98
C GLY A 329 -15.96 -17.75 -2.11
N PRO A 330 -15.30 -18.17 -3.21
CA PRO A 330 -15.96 -18.73 -4.38
C PRO A 330 -16.82 -19.95 -4.07
N LEU A 331 -17.98 -20.07 -4.71
CA LEU A 331 -18.85 -21.25 -4.61
C LEU A 331 -18.74 -22.05 -5.91
N VAL A 332 -18.41 -23.33 -5.85
CA VAL A 332 -18.08 -24.12 -7.04
C VAL A 332 -19.07 -25.24 -7.31
N ARG A 333 -19.17 -25.61 -8.57
CA ARG A 333 -20.10 -26.61 -9.11
C ARG A 333 -19.37 -27.48 -10.12
N LYS A 334 -19.80 -28.73 -10.29
CA LYS A 334 -19.29 -29.68 -11.29
C LYS A 334 -20.05 -29.53 -12.62
N ILE A 335 -19.34 -29.34 -13.73
CA ILE A 335 -19.91 -29.16 -15.08
C ILE A 335 -19.19 -30.04 -16.09
N PHE A 336 -19.80 -30.34 -17.24
CA PHE A 336 -19.23 -31.24 -18.25
C PHE A 336 -18.85 -30.48 -19.53
N VAL A 337 -17.59 -30.57 -19.94
CA VAL A 337 -17.09 -30.03 -21.21
C VAL A 337 -16.64 -31.22 -22.07
N ASP A 338 -17.24 -31.41 -23.24
CA ASP A 338 -16.98 -32.56 -24.14
C ASP A 338 -17.00 -33.93 -23.40
N GLY A 339 -17.86 -34.06 -22.39
CA GLY A 339 -18.02 -35.26 -21.58
C GLY A 339 -17.01 -35.46 -20.42
N VAL A 340 -16.04 -34.57 -20.20
CA VAL A 340 -15.14 -34.63 -19.02
C VAL A 340 -15.51 -33.58 -17.95
N PRO A 341 -15.52 -33.94 -16.66
CA PRO A 341 -16.01 -33.07 -15.59
C PRO A 341 -14.99 -32.02 -15.13
N PHE A 342 -15.31 -30.73 -15.29
CA PHE A 342 -14.61 -29.59 -14.70
C PHE A 342 -15.22 -29.21 -13.35
N VAL A 343 -14.45 -28.53 -12.49
CA VAL A 343 -14.95 -27.79 -11.30
C VAL A 343 -14.78 -26.30 -11.57
N VAL A 344 -15.85 -25.50 -11.48
CA VAL A 344 -15.83 -24.08 -11.84
C VAL A 344 -16.61 -23.24 -10.83
N SER A 345 -16.25 -21.97 -10.65
CA SER A 345 -16.98 -21.05 -9.77
C SER A 345 -18.32 -20.61 -10.38
N THR A 346 -19.42 -20.75 -9.66
CA THR A 346 -20.78 -20.38 -10.08
C THR A 346 -21.48 -19.41 -9.11
N GLY A 347 -20.74 -18.71 -8.28
CA GLY A 347 -21.23 -17.75 -7.30
C GLY A 347 -20.13 -17.33 -6.34
N TYR A 348 -20.43 -16.46 -5.39
CA TYR A 348 -19.49 -16.03 -4.37
C TYR A 348 -20.24 -15.72 -3.07
N HIS A 349 -19.67 -16.04 -1.91
CA HIS A 349 -20.22 -15.64 -0.62
C HIS A 349 -19.30 -14.59 0.03
N PHE A 350 -19.84 -13.38 0.20
CA PHE A 350 -19.13 -12.18 0.67
C PHE A 350 -19.45 -11.88 2.13
N ARG A 351 -18.46 -11.46 2.93
CA ARG A 351 -18.71 -11.02 4.32
C ARG A 351 -19.57 -9.77 4.40
N GLU A 352 -19.55 -8.90 3.39
CA GLU A 352 -20.36 -7.68 3.29
C GLU A 352 -21.63 -7.86 2.44
N LEU A 353 -21.53 -8.36 1.21
CA LEU A 353 -22.64 -8.37 0.23
C LEU A 353 -23.57 -9.60 0.31
N GLY A 354 -23.29 -10.60 1.15
CA GLY A 354 -24.09 -11.82 1.27
C GLY A 354 -23.79 -12.86 0.19
N VAL A 355 -24.77 -13.67 -0.20
CA VAL A 355 -24.63 -14.71 -1.22
C VAL A 355 -25.01 -14.18 -2.62
N VAL A 356 -24.20 -14.44 -3.64
CA VAL A 356 -24.41 -14.04 -5.04
C VAL A 356 -24.24 -15.23 -5.99
N HIS A 357 -25.15 -15.42 -6.95
CA HIS A 357 -25.09 -16.50 -7.96
C HIS A 357 -24.91 -15.93 -9.37
N ASN A 358 -24.19 -16.65 -10.23
CA ASN A 358 -23.99 -16.29 -11.63
C ASN A 358 -25.26 -16.58 -12.44
N GLN A 359 -25.61 -15.71 -13.40
CA GLN A 359 -26.83 -15.84 -14.19
C GLN A 359 -26.65 -16.69 -15.47
N ASP A 360 -25.44 -16.82 -16.00
CA ASP A 360 -25.14 -17.48 -17.28
C ASP A 360 -24.37 -18.81 -17.13
N VAL A 361 -24.72 -19.63 -16.14
CA VAL A 361 -24.12 -20.96 -15.94
C VAL A 361 -24.65 -21.97 -16.97
N ASN A 362 -23.75 -22.65 -17.69
CA ASN A 362 -24.06 -23.79 -18.56
C ASN A 362 -23.48 -25.09 -17.99
N LEU A 363 -24.31 -26.11 -17.76
CA LEU A 363 -23.88 -27.37 -17.14
C LEU A 363 -23.27 -28.40 -18.12
N HIS A 364 -23.57 -28.27 -19.42
CA HIS A 364 -23.00 -29.06 -20.52
C HIS A 364 -22.54 -28.16 -21.68
N SER A 365 -21.33 -28.36 -22.18
CA SER A 365 -20.77 -27.65 -23.35
C SER A 365 -20.01 -28.61 -24.26
N SER A 366 -20.11 -28.44 -25.58
CA SER A 366 -19.40 -29.27 -26.57
C SER A 366 -17.99 -28.73 -26.91
N ARG A 367 -17.77 -27.41 -26.82
CA ARG A 367 -16.50 -26.71 -27.14
C ARG A 367 -16.33 -25.49 -26.25
N LEU A 368 -15.09 -25.01 -26.08
CA LEU A 368 -14.75 -23.76 -25.40
C LEU A 368 -14.26 -22.70 -26.41
N SER A 369 -14.82 -21.50 -26.36
CA SER A 369 -14.27 -20.33 -27.06
C SER A 369 -12.99 -19.82 -26.40
N PHE A 370 -12.25 -18.93 -27.07
CA PHE A 370 -11.09 -18.26 -26.44
C PHE A 370 -11.50 -17.46 -25.19
N LYS A 371 -12.67 -16.82 -25.20
CA LYS A 371 -13.23 -16.09 -24.06
C LYS A 371 -13.48 -17.02 -22.86
N GLU A 372 -14.03 -18.20 -23.08
CA GLU A 372 -14.26 -19.18 -22.00
C GLU A 372 -12.98 -19.80 -21.47
N LEU A 373 -11.93 -19.96 -22.28
CA LEU A 373 -10.61 -20.38 -21.79
C LEU A 373 -9.98 -19.33 -20.86
N LEU A 374 -10.11 -18.02 -21.11
CA LEU A 374 -9.64 -17.00 -20.17
C LEU A 374 -10.37 -17.10 -18.84
N VAL A 375 -11.70 -17.19 -18.85
CA VAL A 375 -12.50 -17.26 -17.62
C VAL A 375 -12.15 -18.49 -16.79
N TYR A 376 -12.09 -19.69 -17.38
CA TYR A 376 -11.76 -20.91 -16.65
C TYR A 376 -10.29 -21.04 -16.26
N ALA A 377 -9.36 -20.32 -16.91
CA ALA A 377 -7.96 -20.27 -16.47
C ALA A 377 -7.69 -19.25 -15.38
N ALA A 378 -8.42 -18.13 -15.34
CA ALA A 378 -8.30 -17.10 -14.32
C ALA A 378 -8.93 -17.49 -12.98
N ASP A 379 -10.07 -18.19 -13.02
CA ASP A 379 -10.83 -18.69 -11.88
C ASP A 379 -9.95 -19.56 -10.95
N PRO A 380 -9.86 -19.30 -9.63
CA PRO A 380 -9.07 -20.11 -8.71
C PRO A 380 -9.58 -21.54 -8.49
N ALA A 381 -10.80 -21.89 -8.91
CA ALA A 381 -11.39 -23.20 -8.67
C ALA A 381 -10.56 -24.39 -9.17
N MET A 382 -10.08 -24.38 -10.41
CA MET A 382 -9.31 -25.48 -10.99
C MET A 382 -7.90 -25.58 -10.39
N HIS A 383 -7.30 -24.46 -9.98
CA HIS A 383 -5.99 -24.41 -9.35
C HIS A 383 -6.04 -24.92 -7.91
N ALA A 384 -6.96 -24.44 -7.08
CA ALA A 384 -7.08 -24.85 -5.69
C ALA A 384 -7.65 -26.27 -5.52
N ALA A 385 -8.57 -26.73 -6.37
CA ALA A 385 -9.09 -28.10 -6.30
C ALA A 385 -8.06 -29.17 -6.67
N SER A 386 -7.04 -28.83 -7.47
CA SER A 386 -5.97 -29.76 -7.89
C SER A 386 -4.63 -29.57 -7.16
N GLY A 387 -4.53 -28.65 -6.18
CA GLY A 387 -3.36 -28.45 -5.32
C GLY A 387 -3.36 -29.27 -4.03
N ASN A 388 -2.27 -29.21 -3.26
CA ASN A 388 -2.12 -29.91 -1.98
C ASN A 388 -2.74 -29.12 -0.82
N LEU A 389 -3.10 -29.78 0.28
CA LEU A 389 -3.50 -29.06 1.50
C LEU A 389 -2.27 -28.39 2.12
N LEU A 390 -2.43 -27.19 2.68
CA LEU A 390 -1.34 -26.40 3.26
C LEU A 390 -1.69 -25.97 4.68
N LEU A 391 -0.75 -26.19 5.61
CA LEU A 391 -0.76 -25.67 6.97
C LEU A 391 0.53 -24.88 7.19
N ASP A 392 0.47 -23.57 6.91
CA ASP A 392 1.62 -22.67 7.06
C ASP A 392 1.59 -22.01 8.44
N LYS A 393 2.54 -22.34 9.32
CA LYS A 393 2.61 -21.80 10.68
C LYS A 393 3.34 -20.45 10.80
N ARG A 394 3.81 -19.87 9.70
CA ARG A 394 4.51 -18.57 9.68
C ARG A 394 3.58 -17.36 9.76
N THR A 395 2.28 -17.53 9.52
CA THR A 395 1.27 -16.46 9.43
C THR A 395 0.02 -16.78 10.25
N THR A 396 -0.78 -15.77 10.63
CA THR A 396 -2.15 -15.98 11.13
C THR A 396 -3.21 -15.95 10.03
N CYS A 397 -2.88 -15.46 8.82
CA CYS A 397 -3.77 -15.42 7.67
C CYS A 397 -4.16 -16.83 7.18
N PHE A 398 -5.37 -16.98 6.64
CA PHE A 398 -5.92 -18.26 6.17
C PHE A 398 -5.24 -18.74 4.87
N SER A 399 -4.73 -19.98 4.86
CA SER A 399 -4.04 -20.60 3.71
C SER A 399 -4.94 -21.64 3.03
N VAL A 400 -5.05 -21.57 1.70
CA VAL A 400 -5.98 -22.42 0.92
C VAL A 400 -5.29 -23.70 0.46
N ALA A 401 -4.26 -23.61 -0.38
CA ALA A 401 -3.60 -24.73 -1.01
C ALA A 401 -2.15 -24.38 -1.40
N ALA A 402 -1.29 -25.38 -1.50
CA ALA A 402 0.03 -25.27 -2.12
C ALA A 402 -0.06 -25.77 -3.56
N LEU A 403 0.31 -24.95 -4.55
CA LEU A 403 0.17 -25.31 -5.97
C LEU A 403 1.33 -26.19 -6.51
N THR A 404 2.37 -26.40 -5.71
CA THR A 404 3.62 -27.13 -6.05
C THR A 404 4.06 -28.03 -4.90
N ASN A 405 4.95 -28.99 -5.18
CA ASN A 405 5.54 -29.87 -4.16
C ASN A 405 6.66 -29.21 -3.32
N ASN A 406 7.17 -28.04 -3.72
CA ASN A 406 8.19 -27.26 -3.01
C ASN A 406 7.70 -25.83 -2.72
N VAL A 407 8.16 -25.26 -1.61
CA VAL A 407 8.03 -23.83 -1.28
C VAL A 407 9.16 -23.02 -1.92
N ALA A 408 8.87 -21.80 -2.37
CA ALA A 408 9.85 -20.87 -2.93
C ALA A 408 10.19 -19.72 -1.98
N PHE A 409 11.48 -19.41 -1.82
CA PHE A 409 11.99 -18.32 -0.99
C PHE A 409 12.68 -17.26 -1.87
N GLN A 410 12.19 -16.01 -1.85
CA GLN A 410 12.69 -14.94 -2.72
C GLN A 410 13.51 -13.92 -1.93
N THR A 411 14.78 -13.76 -2.30
CA THR A 411 15.71 -12.76 -1.77
C THR A 411 15.65 -11.44 -2.55
N VAL A 412 16.29 -10.39 -2.01
CA VAL A 412 16.61 -9.15 -2.72
C VAL A 412 18.10 -8.88 -2.53
N LYS A 413 18.82 -8.60 -3.62
CA LYS A 413 20.27 -8.38 -3.63
C LYS A 413 20.63 -6.90 -3.43
N PRO A 414 21.88 -6.54 -3.08
CA PRO A 414 22.29 -5.14 -2.90
C PRO A 414 22.30 -4.36 -4.24
N GLY A 415 22.49 -3.04 -4.17
CA GLY A 415 22.66 -2.19 -5.33
C GLY A 415 24.08 -2.27 -5.90
N ASN A 416 24.27 -1.77 -7.12
CA ASN A 416 25.59 -1.63 -7.73
C ASN A 416 26.18 -0.27 -7.41
N PHE A 417 27.48 -0.18 -7.18
CA PHE A 417 28.15 1.05 -6.75
C PHE A 417 28.84 1.73 -7.94
N ASN A 418 28.41 2.96 -8.25
CA ASN A 418 28.94 3.81 -9.30
C ASN A 418 30.17 4.60 -8.80
N LYS A 419 31.32 3.92 -8.68
CA LYS A 419 32.51 4.45 -8.02
C LYS A 419 33.08 5.71 -8.67
N ASP A 420 32.96 5.84 -9.98
CA ASP A 420 33.47 7.00 -10.72
C ASP A 420 32.75 8.31 -10.36
N PHE A 421 31.45 8.26 -10.04
CA PHE A 421 30.71 9.42 -9.54
C PHE A 421 31.06 9.73 -8.07
N TYR A 422 31.19 8.72 -7.21
CA TYR A 422 31.59 8.91 -5.81
C TYR A 422 32.99 9.51 -5.67
N ASP A 423 33.98 9.00 -6.41
CA ASP A 423 35.32 9.58 -6.45
C ASP A 423 35.34 11.03 -6.99
N PHE A 424 34.51 11.37 -7.96
CA PHE A 424 34.34 12.74 -8.41
C PHE A 424 33.73 13.63 -7.32
N ALA A 425 32.62 13.24 -6.69
CA ALA A 425 31.99 14.00 -5.62
C ALA A 425 32.90 14.21 -4.40
N VAL A 426 33.65 13.20 -3.97
CA VAL A 426 34.66 13.34 -2.91
C VAL A 426 35.75 14.35 -3.28
N SER A 427 36.18 14.43 -4.54
CA SER A 427 37.17 15.44 -4.97
C SER A 427 36.66 16.89 -4.90
N LYS A 428 35.34 17.11 -5.02
CA LYS A 428 34.67 18.42 -4.83
C LYS A 428 34.35 18.74 -3.36
N GLY A 429 34.77 17.89 -2.43
CA GLY A 429 34.60 18.12 -0.99
C GLY A 429 33.26 17.66 -0.39
N PHE A 430 32.45 16.87 -1.12
CA PHE A 430 31.27 16.25 -0.54
C PHE A 430 31.63 15.16 0.49
N PHE A 431 30.67 14.84 1.36
CA PHE A 431 30.74 13.74 2.33
C PHE A 431 31.79 13.90 3.45
N LYS A 432 32.37 15.10 3.65
CA LYS A 432 33.22 15.39 4.82
C LYS A 432 32.42 15.25 6.11
N GLU A 433 33.08 14.78 7.17
CA GLU A 433 32.41 14.49 8.45
C GLU A 433 31.87 15.76 9.11
N GLY A 434 30.60 15.75 9.53
CA GLY A 434 29.89 16.92 10.05
C GLY A 434 29.26 17.84 9.01
N SER A 435 29.34 17.53 7.71
CA SER A 435 28.58 18.20 6.64
C SER A 435 27.06 18.04 6.81
N SER A 436 26.28 19.01 6.35
CA SER A 436 24.81 18.95 6.38
C SER A 436 24.19 18.05 5.30
N VAL A 437 24.98 17.59 4.31
CA VAL A 437 24.54 16.66 3.26
C VAL A 437 25.32 15.34 3.35
N GLU A 438 24.62 14.22 3.50
CA GLU A 438 25.20 12.89 3.69
C GLU A 438 24.33 11.79 3.05
N LEU A 439 24.88 10.59 2.82
CA LEU A 439 24.14 9.46 2.27
C LEU A 439 23.17 8.87 3.30
N LYS A 440 21.88 8.81 2.95
CA LYS A 440 20.79 8.23 3.75
C LYS A 440 19.91 7.26 2.98
N HIS A 441 19.93 7.29 1.65
CA HIS A 441 19.15 6.45 0.75
C HIS A 441 20.05 5.37 0.11
N PHE A 442 19.67 4.10 0.24
CA PHE A 442 20.44 2.93 -0.19
C PHE A 442 19.53 1.85 -0.78
N PHE A 443 20.09 0.87 -1.47
CA PHE A 443 19.42 -0.40 -1.76
C PHE A 443 19.71 -1.39 -0.62
N PHE A 444 18.71 -1.75 0.16
CA PHE A 444 18.84 -2.73 1.25
C PHE A 444 18.57 -4.15 0.72
N ALA A 445 19.41 -5.12 1.09
CA ALA A 445 19.22 -6.53 0.76
C ALA A 445 18.16 -7.18 1.67
N GLN A 446 17.57 -8.31 1.24
CA GLN A 446 16.54 -9.04 1.99
C GLN A 446 16.77 -10.56 1.89
N ASP A 447 16.53 -11.31 2.97
CA ASP A 447 16.63 -12.78 3.01
C ASP A 447 15.34 -13.47 2.57
N GLY A 448 15.33 -14.81 2.51
CA GLY A 448 14.22 -15.60 1.98
C GLY A 448 12.90 -15.50 2.75
N ASN A 449 12.94 -15.07 4.00
CA ASN A 449 11.76 -14.89 4.87
C ASN A 449 10.94 -13.61 4.58
N ALA A 450 11.45 -12.68 3.78
CA ALA A 450 10.90 -11.34 3.63
C ALA A 450 9.51 -11.26 2.98
N ALA A 451 9.20 -12.11 2.00
CA ALA A 451 7.94 -12.05 1.28
C ALA A 451 6.73 -12.39 2.17
N ILE A 452 6.80 -13.51 2.90
CA ILE A 452 5.73 -13.92 3.83
C ILE A 452 5.69 -13.04 5.10
N SER A 453 6.82 -12.48 5.52
CA SER A 453 6.90 -11.53 6.63
C SER A 453 6.19 -10.20 6.32
N ASP A 454 6.28 -9.70 5.08
CA ASP A 454 5.49 -8.56 4.61
C ASP A 454 4.01 -8.89 4.42
N TYR A 455 3.68 -10.09 3.94
CA TYR A 455 2.29 -10.51 3.78
C TYR A 455 1.54 -10.58 5.13
N ASP A 456 2.19 -11.04 6.19
CA ASP A 456 1.56 -11.14 7.51
C ASP A 456 1.12 -9.79 8.10
N TYR A 457 1.57 -8.64 7.60
CA TYR A 457 1.07 -7.32 8.03
C TYR A 457 -0.40 -7.08 7.64
N TYR A 458 -1.06 -7.95 6.87
CA TYR A 458 -2.52 -7.93 6.73
C TYR A 458 -3.26 -8.26 8.04
N ARG A 459 -2.57 -8.71 9.09
CA ARG A 459 -3.12 -8.86 10.45
C ARG A 459 -3.65 -7.57 11.09
N TYR A 460 -3.34 -6.41 10.52
CA TYR A 460 -3.87 -5.10 10.95
C TYR A 460 -5.24 -4.75 10.36
N ASN A 461 -5.75 -5.49 9.37
CA ASN A 461 -7.12 -5.33 8.87
C ASN A 461 -8.12 -6.09 9.76
N LEU A 462 -9.05 -5.37 10.41
CA LEU A 462 -10.02 -5.90 11.35
C LEU A 462 -11.46 -5.56 10.92
N PRO A 463 -12.46 -6.43 11.15
CA PRO A 463 -13.85 -6.13 10.82
C PRO A 463 -14.34 -4.92 11.61
N THR A 464 -14.80 -3.89 10.90
CA THR A 464 -15.13 -2.57 11.45
C THR A 464 -16.52 -2.15 10.99
N MET A 465 -17.41 -1.87 11.93
CA MET A 465 -18.77 -1.43 11.67
C MET A 465 -18.83 0.10 11.79
N CYS A 466 -19.42 0.78 10.83
CA CYS A 466 -19.52 2.24 10.82
C CYS A 466 -20.79 2.73 11.53
N ASP A 467 -20.78 3.98 11.99
CA ASP A 467 -22.00 4.74 12.28
C ASP A 467 -22.71 5.04 10.95
N ILE A 468 -23.83 4.36 10.68
CA ILE A 468 -24.44 4.42 9.36
C ILE A 468 -25.19 5.73 9.09
N ARG A 469 -25.73 6.39 10.11
CA ARG A 469 -26.40 7.68 9.96
C ARG A 469 -25.41 8.80 9.70
N GLN A 470 -24.21 8.74 10.27
CA GLN A 470 -23.10 9.61 9.91
C GLN A 470 -22.55 9.29 8.51
N LEU A 471 -22.27 8.03 8.19
CA LEU A 471 -21.69 7.65 6.89
C LEU A 471 -22.61 8.02 5.71
N LEU A 472 -23.91 7.78 5.82
CA LEU A 472 -24.87 8.15 4.76
C LEU A 472 -25.04 9.66 4.56
N PHE A 473 -24.71 10.51 5.54
CA PHE A 473 -24.60 11.96 5.32
C PHE A 473 -23.26 12.31 4.66
N VAL A 474 -22.15 11.79 5.20
CA VAL A 474 -20.80 12.06 4.69
C VAL A 474 -20.68 11.70 3.22
N VAL A 475 -21.26 10.60 2.75
CA VAL A 475 -21.23 10.21 1.33
C VAL A 475 -21.82 11.26 0.40
N GLU A 476 -22.86 12.01 0.81
CA GLU A 476 -23.46 13.04 -0.03
C GLU A 476 -22.62 14.33 -0.08
N VAL A 477 -21.83 14.62 0.96
CA VAL A 477 -20.87 15.73 0.96
C VAL A 477 -19.56 15.33 0.26
N VAL A 478 -19.14 14.07 0.32
CA VAL A 478 -18.02 13.54 -0.48
C VAL A 478 -18.34 13.54 -1.98
N ASP A 479 -19.56 13.20 -2.40
CA ASP A 479 -19.96 13.24 -3.80
C ASP A 479 -19.95 14.66 -4.40
N LYS A 480 -20.14 15.71 -3.60
CA LYS A 480 -20.03 17.11 -4.05
C LYS A 480 -18.64 17.47 -4.57
N TYR A 481 -17.57 16.83 -4.10
CA TYR A 481 -16.22 17.04 -4.62
C TYR A 481 -15.99 16.44 -6.03
N PHE A 482 -16.91 15.61 -6.52
CA PHE A 482 -16.83 14.92 -7.81
C PHE A 482 -17.92 15.35 -8.82
N ASP A 483 -18.65 16.45 -8.57
CA ASP A 483 -19.58 17.07 -9.52
C ASP A 483 -18.91 17.69 -10.77
N CYS A 484 -17.61 17.93 -10.75
CA CYS A 484 -16.87 18.54 -11.87
C CYS A 484 -16.84 17.67 -13.15
N TYR A 485 -16.81 16.35 -12.98
CA TYR A 485 -16.31 15.38 -13.97
C TYR A 485 -17.43 14.63 -14.72
N ASP A 486 -17.07 13.93 -15.80
CA ASP A 486 -17.92 13.04 -16.58
C ASP A 486 -17.41 11.60 -16.56
N GLY A 487 -18.28 10.62 -16.78
CA GLY A 487 -17.95 9.20 -16.76
C GLY A 487 -19.02 8.33 -17.40
N GLY A 488 -18.74 7.04 -17.55
CA GLY A 488 -19.59 6.10 -18.26
C GLY A 488 -18.79 5.00 -18.95
N CYS A 489 -19.48 4.02 -19.54
CA CYS A 489 -18.88 2.90 -20.23
C CYS A 489 -18.38 3.30 -21.63
N ILE A 490 -17.36 2.62 -22.13
CA ILE A 490 -16.77 2.82 -23.46
C ILE A 490 -16.56 1.47 -24.15
N ASN A 491 -16.42 1.46 -25.47
CA ASN A 491 -16.17 0.24 -26.24
C ASN A 491 -14.68 -0.12 -26.26
N ALA A 492 -14.33 -1.37 -26.57
CA ALA A 492 -12.94 -1.83 -26.56
C ALA A 492 -12.02 -1.08 -27.54
N ASN A 493 -12.56 -0.46 -28.59
CA ASN A 493 -11.81 0.37 -29.55
C ASN A 493 -11.48 1.78 -29.05
N GLN A 494 -12.05 2.23 -27.92
CA GLN A 494 -11.79 3.54 -27.30
C GLN A 494 -10.76 3.49 -26.16
N VAL A 495 -10.37 2.31 -25.68
CA VAL A 495 -9.49 2.13 -24.53
C VAL A 495 -8.03 2.47 -24.87
N ILE A 496 -7.34 3.15 -23.96
CA ILE A 496 -5.91 3.51 -24.05
C ILE A 496 -5.11 2.68 -23.03
N VAL A 497 -3.98 2.11 -23.45
CA VAL A 497 -3.06 1.30 -22.62
C VAL A 497 -1.67 1.91 -22.64
N ASN A 498 -1.06 2.20 -21.49
CA ASN A 498 0.21 2.93 -21.42
C ASN A 498 1.42 2.11 -21.89
N ASN A 499 1.53 0.86 -21.43
CA ASN A 499 2.61 -0.05 -21.77
C ASN A 499 2.09 -1.50 -21.83
N LEU A 500 2.20 -2.13 -23.00
CA LEU A 500 1.72 -3.50 -23.24
C LEU A 500 2.76 -4.57 -22.89
N ASP A 501 4.04 -4.24 -22.72
CA ASP A 501 5.11 -5.19 -22.42
C ASP A 501 5.35 -5.36 -20.91
N LYS A 502 4.27 -5.45 -20.14
CA LYS A 502 4.23 -5.68 -18.68
C LYS A 502 3.39 -6.90 -18.33
N SER A 503 3.61 -7.47 -17.14
CA SER A 503 3.05 -8.77 -16.75
C SER A 503 1.52 -8.85 -16.83
N ALA A 504 0.99 -10.02 -17.20
CA ALA A 504 -0.43 -10.33 -17.26
C ALA A 504 -0.99 -10.96 -15.95
N GLY A 505 -0.18 -11.17 -14.91
CA GLY A 505 -0.59 -11.83 -13.67
C GLY A 505 -0.69 -13.35 -13.80
N PHE A 506 -1.26 -14.05 -12.81
CA PHE A 506 -1.33 -15.51 -12.78
C PHE A 506 -2.69 -16.05 -13.29
N PRO A 507 -2.74 -17.14 -14.08
CA PRO A 507 -1.63 -17.93 -14.64
C PRO A 507 -1.01 -17.36 -15.92
N PHE A 508 -1.52 -16.26 -16.45
CA PHE A 508 -1.25 -15.78 -17.80
C PHE A 508 0.20 -15.43 -18.10
N ASN A 509 1.01 -15.10 -17.09
CA ASN A 509 2.44 -14.87 -17.21
C ASN A 509 3.27 -16.12 -17.54
N LYS A 510 2.69 -17.33 -17.53
CA LYS A 510 3.29 -18.53 -18.11
C LYS A 510 3.49 -18.41 -19.62
N TRP A 511 2.65 -17.63 -20.33
CA TRP A 511 2.57 -17.65 -21.79
C TRP A 511 2.89 -16.33 -22.49
N GLY A 512 2.83 -15.18 -21.82
CA GLY A 512 3.21 -13.89 -22.42
C GLY A 512 2.90 -12.65 -21.58
N LYS A 513 3.34 -11.49 -22.07
CA LYS A 513 3.04 -10.15 -21.54
C LYS A 513 1.63 -9.70 -21.94
N ALA A 514 1.12 -8.58 -21.40
CA ALA A 514 -0.22 -8.10 -21.70
C ALA A 514 -0.49 -7.88 -23.21
N ARG A 515 0.55 -7.57 -24.01
CA ARG A 515 0.50 -7.47 -25.48
C ARG A 515 -0.11 -8.70 -26.16
N LEU A 516 0.18 -9.91 -25.67
CA LEU A 516 -0.32 -11.16 -26.24
C LEU A 516 -1.85 -11.25 -26.18
N TYR A 517 -2.46 -10.73 -25.13
CA TYR A 517 -3.89 -10.83 -24.91
C TYR A 517 -4.67 -9.73 -25.64
N TYR A 518 -4.16 -8.51 -25.67
CA TYR A 518 -4.72 -7.45 -26.50
C TYR A 518 -4.57 -7.71 -28.02
N ASP A 519 -3.52 -8.41 -28.48
CA ASP A 519 -3.41 -8.88 -29.87
C ASP A 519 -4.33 -10.06 -30.19
N SER A 520 -4.46 -11.04 -29.28
CA SER A 520 -5.27 -12.25 -29.49
C SER A 520 -6.78 -12.01 -29.36
N MET A 521 -7.23 -11.08 -28.52
CA MET A 521 -8.65 -10.74 -28.34
C MET A 521 -9.07 -9.65 -29.35
N SER A 522 -9.95 -9.96 -30.28
CA SER A 522 -10.61 -8.94 -31.12
C SER A 522 -11.53 -8.04 -30.29
N TYR A 523 -11.91 -6.87 -30.78
CA TYR A 523 -12.78 -5.97 -30.01
C TYR A 523 -14.14 -6.58 -29.66
N GLU A 524 -14.66 -7.50 -30.48
CA GLU A 524 -15.89 -8.22 -30.15
C GLU A 524 -15.70 -9.34 -29.10
N ASP A 525 -14.50 -9.92 -28.93
CA ASP A 525 -14.18 -10.77 -27.78
C ASP A 525 -14.06 -9.93 -26.50
N GLN A 526 -13.47 -8.74 -26.58
CA GLN A 526 -13.29 -7.84 -25.44
C GLN A 526 -14.64 -7.27 -24.96
N ASP A 527 -15.49 -6.79 -25.85
CA ASP A 527 -16.85 -6.33 -25.52
C ASP A 527 -17.79 -7.46 -25.06
N ALA A 528 -17.61 -8.70 -25.52
CA ALA A 528 -18.33 -9.88 -25.00
C ALA A 528 -17.84 -10.30 -23.61
N LEU A 529 -16.60 -10.09 -23.21
CA LEU A 529 -16.19 -10.41 -21.82
C LEU A 529 -16.74 -9.37 -20.84
N PHE A 530 -16.83 -8.10 -21.21
CA PHE A 530 -17.31 -7.04 -20.33
C PHE A 530 -18.79 -7.19 -19.98
N ALA A 531 -19.57 -7.83 -20.84
CA ALA A 531 -21.01 -8.02 -20.75
C ALA A 531 -21.30 -9.21 -19.87
N TYR A 532 -20.31 -10.07 -19.67
CA TYR A 532 -20.47 -11.24 -18.76
C TYR A 532 -20.32 -10.72 -17.34
N THR A 533 -19.30 -9.88 -17.12
CA THR A 533 -19.13 -9.28 -15.78
C THR A 533 -20.29 -8.41 -15.24
N LYS A 534 -21.24 -7.97 -16.07
CA LYS A 534 -22.50 -7.31 -15.64
C LYS A 534 -23.63 -8.28 -15.23
N ARG A 535 -23.39 -9.59 -15.32
CA ARG A 535 -24.33 -10.70 -15.06
C ARG A 535 -23.72 -11.88 -14.29
N ASN A 536 -22.41 -11.87 -14.04
CA ASN A 536 -21.66 -12.96 -13.44
C ASN A 536 -20.44 -12.43 -12.67
N VAL A 537 -19.92 -13.16 -11.69
CA VAL A 537 -18.70 -12.81 -10.92
C VAL A 537 -17.51 -13.61 -11.45
N ILE A 538 -16.41 -12.97 -11.85
CA ILE A 538 -15.12 -13.63 -12.07
C ILE A 538 -14.24 -13.40 -10.84
N PRO A 539 -14.02 -14.38 -9.96
CA PRO A 539 -12.96 -14.30 -8.97
C PRO A 539 -11.60 -14.54 -9.64
N THR A 540 -10.53 -13.86 -9.21
CA THR A 540 -9.20 -13.96 -9.85
C THR A 540 -8.05 -14.03 -8.85
N ILE A 541 -6.91 -14.63 -9.21
CA ILE A 541 -5.69 -14.72 -8.39
C ILE A 541 -4.76 -13.51 -8.63
N THR A 542 -4.09 -13.03 -7.57
CA THR A 542 -3.11 -11.91 -7.62
C THR A 542 -1.73 -12.31 -7.10
N GLN A 543 -0.64 -12.11 -7.83
CA GLN A 543 0.72 -12.37 -7.32
C GLN A 543 1.25 -11.24 -6.44
N MET A 544 2.04 -11.58 -5.42
CA MET A 544 2.87 -10.63 -4.65
C MET A 544 4.33 -10.77 -5.07
N ASN A 545 4.98 -9.67 -5.44
CA ASN A 545 6.40 -9.61 -5.84
C ASN A 545 7.17 -8.62 -4.96
N LEU A 546 8.40 -8.93 -4.55
CA LEU A 546 9.27 -7.98 -3.84
C LEU A 546 9.85 -6.92 -4.79
N LYS A 547 10.05 -5.70 -4.29
CA LYS A 547 10.50 -4.52 -5.07
C LYS A 547 11.98 -4.23 -4.85
N TYR A 548 12.74 -4.05 -5.93
CA TYR A 548 14.16 -3.71 -5.95
C TYR A 548 14.36 -2.24 -6.36
N ALA A 549 14.41 -1.34 -5.38
CA ALA A 549 14.44 0.12 -5.55
C ALA A 549 15.08 0.82 -4.33
N ILE A 550 15.61 2.03 -4.49
CA ILE A 550 16.28 2.78 -3.43
C ILE A 550 15.31 3.32 -2.36
N SER A 551 15.71 3.34 -1.08
CA SER A 551 14.88 3.82 0.04
C SER A 551 15.73 4.30 1.22
N ALA A 552 15.12 5.05 2.15
CA ALA A 552 15.74 5.49 3.40
C ALA A 552 15.45 4.57 4.60
N LYS A 553 14.58 3.58 4.42
CA LYS A 553 14.10 2.61 5.42
C LYS A 553 14.35 1.18 4.94
N ASN A 554 14.64 0.26 5.85
CA ASN A 554 15.13 -1.09 5.53
C ASN A 554 14.05 -2.19 5.44
N ARG A 555 12.79 -1.94 5.80
CA ARG A 555 11.70 -2.92 5.64
C ARG A 555 11.44 -3.24 4.18
N ALA A 556 11.08 -4.48 3.87
CA ALA A 556 10.75 -4.91 2.52
C ALA A 556 9.51 -4.16 1.98
N ARG A 557 9.40 -4.04 0.66
CA ARG A 557 8.21 -3.55 -0.04
C ARG A 557 7.80 -4.55 -1.10
N THR A 558 6.51 -4.79 -1.21
CA THR A 558 5.92 -5.71 -2.19
C THR A 558 4.93 -4.98 -3.06
N VAL A 559 4.72 -5.48 -4.28
CA VAL A 559 3.75 -4.97 -5.24
C VAL A 559 2.81 -6.10 -5.67
N ALA A 560 1.51 -5.81 -5.78
CA ALA A 560 0.49 -6.81 -6.13
C ALA A 560 0.15 -6.78 -7.62
N GLY A 561 0.45 -7.83 -8.37
CA GLY A 561 0.16 -7.93 -9.80
C GLY A 561 -1.24 -8.49 -10.09
N VAL A 562 -2.22 -7.63 -10.31
CA VAL A 562 -3.61 -8.00 -10.63
C VAL A 562 -3.72 -8.63 -12.03
N SER A 563 -4.59 -9.63 -12.19
CA SER A 563 -4.74 -10.45 -13.41
C SER A 563 -5.28 -9.69 -14.63
N ILE A 564 -5.03 -10.18 -15.84
CA ILE A 564 -5.49 -9.53 -17.09
C ILE A 564 -7.02 -9.49 -17.24
N CYS A 565 -7.80 -10.46 -16.77
CA CYS A 565 -9.28 -10.39 -16.84
C CYS A 565 -9.87 -9.23 -16.02
N SER A 566 -9.31 -9.00 -14.83
CA SER A 566 -9.67 -7.88 -13.97
C SER A 566 -9.21 -6.55 -14.55
N THR A 567 -7.96 -6.48 -15.00
CA THR A 567 -7.36 -5.28 -15.59
C THR A 567 -8.04 -4.85 -16.88
N MET A 568 -8.35 -5.78 -17.79
CA MET A 568 -8.95 -5.49 -19.10
C MET A 568 -10.37 -4.95 -18.99
N THR A 569 -11.19 -5.44 -18.05
CA THR A 569 -12.60 -5.04 -17.91
C THR A 569 -12.83 -3.89 -16.93
N ASN A 570 -12.06 -3.73 -15.84
CA ASN A 570 -12.15 -2.57 -14.97
C ASN A 570 -11.76 -1.28 -15.71
N ARG A 571 -10.77 -1.35 -16.58
CA ARG A 571 -10.33 -0.27 -17.48
C ARG A 571 -11.45 0.20 -18.41
N GLN A 572 -12.31 -0.68 -18.90
CA GLN A 572 -13.43 -0.36 -19.77
C GLN A 572 -14.68 0.18 -19.03
N PHE A 573 -14.81 -0.05 -17.72
CA PHE A 573 -15.84 0.54 -16.86
C PHE A 573 -15.45 1.93 -16.36
N HIS A 574 -14.23 2.11 -15.85
CA HIS A 574 -13.79 3.33 -15.16
C HIS A 574 -12.98 4.34 -15.98
N GLN A 575 -12.27 3.98 -17.06
CA GLN A 575 -11.24 4.85 -17.65
C GLN A 575 -11.73 6.23 -18.10
N LYS A 576 -12.97 6.37 -18.59
CA LYS A 576 -13.52 7.67 -19.00
C LYS A 576 -13.58 8.68 -17.86
N LEU A 577 -13.89 8.26 -16.63
CA LEU A 577 -13.84 9.11 -15.44
C LEU A 577 -12.41 9.42 -15.00
N LEU A 578 -11.52 8.43 -14.96
CA LEU A 578 -10.15 8.64 -14.50
C LEU A 578 -9.41 9.64 -15.41
N LYS A 579 -9.60 9.55 -16.73
CA LYS A 579 -9.07 10.52 -17.71
C LYS A 579 -9.66 11.91 -17.58
N SER A 580 -10.86 12.06 -17.00
CA SER A 580 -11.54 13.34 -16.73
C SER A 580 -11.06 14.00 -15.43
N ILE A 581 -10.74 13.21 -14.40
CA ILE A 581 -10.08 13.67 -13.17
C ILE A 581 -8.66 14.19 -13.48
N ALA A 582 -7.86 13.46 -14.26
CA ALA A 582 -6.50 13.87 -14.59
C ALA A 582 -6.39 15.12 -15.52
N ALA A 583 -7.40 15.38 -16.36
CA ALA A 583 -7.42 16.50 -17.30
C ALA A 583 -7.89 17.84 -16.70
N THR A 584 -8.44 17.83 -15.48
CA THR A 584 -9.03 19.01 -14.81
C THR A 584 -7.98 19.82 -14.03
N ARG A 585 -8.14 21.15 -13.96
CA ARG A 585 -7.24 22.08 -13.24
C ARG A 585 -8.02 22.97 -12.28
N GLY A 586 -7.45 23.30 -11.13
CA GLY A 586 -8.08 24.12 -10.08
C GLY A 586 -9.03 23.37 -9.14
N ALA A 587 -9.13 22.03 -9.26
CA ALA A 587 -9.97 21.18 -8.41
C ALA A 587 -9.30 20.84 -7.07
N THR A 588 -10.01 20.12 -6.18
CA THR A 588 -9.47 19.58 -4.92
C THR A 588 -8.48 18.42 -5.15
N VAL A 589 -8.83 17.46 -6.01
CA VAL A 589 -7.96 16.31 -6.32
C VAL A 589 -6.99 16.68 -7.43
N VAL A 590 -5.69 16.70 -7.12
CA VAL A 590 -4.63 17.23 -8.02
C VAL A 590 -3.84 16.16 -8.78
N ILE A 591 -4.38 14.95 -8.92
CA ILE A 591 -3.85 13.93 -9.85
C ILE A 591 -3.83 14.51 -11.27
N GLY A 592 -2.75 14.28 -12.03
CA GLY A 592 -2.61 14.76 -13.40
C GLY A 592 -2.06 16.17 -13.58
N THR A 593 -1.73 16.91 -12.51
CA THR A 593 -1.11 18.25 -12.58
C THR A 593 0.41 18.13 -12.37
N SER A 594 1.22 18.83 -13.18
CA SER A 594 2.69 18.82 -13.08
C SER A 594 3.24 19.92 -12.16
N LYS A 595 4.47 19.76 -11.65
CA LYS A 595 5.20 20.78 -10.86
C LYS A 595 5.96 21.80 -11.71
N PHE A 596 6.28 21.44 -12.95
CA PHE A 596 7.04 22.24 -13.92
C PHE A 596 6.22 23.38 -14.52
N TYR A 597 6.89 24.31 -15.19
CA TYR A 597 6.30 25.42 -15.94
C TYR A 597 5.30 26.26 -15.13
N GLY A 598 5.57 26.46 -13.83
CA GLY A 598 4.74 27.25 -12.92
C GLY A 598 3.63 26.46 -12.21
N GLY A 599 3.50 25.16 -12.42
CA GLY A 599 2.40 24.35 -11.88
C GLY A 599 2.38 24.23 -10.36
N TRP A 600 3.52 24.26 -9.66
CA TRP A 600 3.55 24.25 -8.20
C TRP A 600 3.00 25.53 -7.59
N HIS A 601 3.33 26.69 -8.15
CA HIS A 601 2.78 27.97 -7.73
C HIS A 601 1.26 28.06 -7.95
N ASN A 602 0.75 27.58 -9.09
CA ASN A 602 -0.68 27.55 -9.37
C ASN A 602 -1.45 26.63 -8.41
N MET A 603 -0.89 25.47 -8.04
CA MET A 603 -1.46 24.60 -7.01
C MET A 603 -1.54 25.28 -5.64
N LEU A 604 -0.46 25.90 -5.14
CA LEU A 604 -0.47 26.56 -3.83
C LEU A 604 -1.36 27.81 -3.79
N LYS A 605 -1.37 28.66 -4.83
CA LYS A 605 -2.31 29.78 -4.93
C LYS A 605 -3.78 29.34 -4.94
N THR A 606 -4.08 28.14 -5.43
CA THR A 606 -5.43 27.58 -5.43
C THR A 606 -5.85 27.07 -4.05
N VAL A 607 -5.01 26.34 -3.29
CA VAL A 607 -5.41 25.87 -1.95
C VAL A 607 -5.55 27.02 -0.95
N TYR A 608 -4.73 28.07 -1.04
CA TYR A 608 -4.88 29.26 -0.18
C TYR A 608 -6.20 29.99 -0.41
N SER A 609 -6.78 29.90 -1.62
CA SER A 609 -8.13 30.33 -1.95
C SER A 609 -8.44 31.74 -1.43
N ASP A 610 -9.53 31.92 -0.68
CA ASP A 610 -9.87 33.15 0.06
C ASP A 610 -10.13 32.85 1.56
N VAL A 611 -9.40 31.90 2.14
CA VAL A 611 -9.46 31.55 3.57
C VAL A 611 -9.09 32.75 4.44
N GLU A 612 -9.77 32.94 5.57
CA GLU A 612 -9.54 34.04 6.53
C GLU A 612 -8.74 33.55 7.74
N ASN A 613 -7.84 34.37 8.28
CA ASN A 613 -6.89 33.97 9.34
C ASN A 613 -6.17 32.62 9.08
N PRO A 614 -5.60 32.39 7.89
CA PRO A 614 -5.18 31.07 7.44
C PRO A 614 -3.94 30.54 8.17
N HIS A 615 -3.99 29.28 8.60
CA HIS A 615 -2.82 28.43 8.87
C HIS A 615 -2.79 27.29 7.86
N LEU A 616 -1.70 26.51 7.81
CA LEU A 616 -1.59 25.28 7.00
C LEU A 616 -1.39 24.06 7.91
N MET A 617 -1.88 22.89 7.51
CA MET A 617 -1.48 21.61 8.11
C MET A 617 -1.49 20.46 7.11
N GLY A 618 -0.85 19.38 7.50
CA GLY A 618 -0.83 18.11 6.81
C GLY A 618 -0.63 16.99 7.82
N TRP A 619 -1.13 15.81 7.49
CA TRP A 619 -1.30 14.67 8.40
C TRP A 619 -0.93 13.35 7.72
N ASP A 620 -0.81 12.28 8.49
CA ASP A 620 -0.33 10.97 8.05
C ASP A 620 -1.37 9.86 8.28
N TYR A 621 -1.37 8.81 7.44
CA TYR A 621 -2.14 7.59 7.67
C TYR A 621 -1.20 6.43 8.01
N PRO A 622 -1.11 5.98 9.29
CA PRO A 622 -0.37 4.78 9.64
C PRO A 622 -0.92 3.55 8.90
N LYS A 623 -0.04 2.67 8.41
CA LYS A 623 -0.41 1.36 7.80
C LYS A 623 -1.52 1.45 6.74
N CYS A 624 -1.55 2.51 5.94
CA CYS A 624 -2.74 2.93 5.19
C CYS A 624 -3.33 1.85 4.27
N ASP A 625 -2.49 1.15 3.51
CA ASP A 625 -2.90 0.12 2.56
C ASP A 625 -3.38 -1.18 3.24
N ARG A 626 -2.80 -1.54 4.40
CA ARG A 626 -3.17 -2.72 5.17
C ARG A 626 -4.39 -2.50 6.05
N ALA A 627 -4.52 -1.33 6.70
CA ALA A 627 -5.53 -1.06 7.72
C ALA A 627 -6.88 -0.52 7.22
N MET A 628 -7.05 -0.17 5.94
CA MET A 628 -8.27 0.44 5.42
C MET A 628 -9.50 -0.51 5.56
N PRO A 629 -10.61 -0.07 6.20
CA PRO A 629 -11.83 -0.87 6.34
C PRO A 629 -12.52 -1.21 5.02
N ASN A 630 -13.13 -2.39 4.93
CA ASN A 630 -13.90 -2.79 3.76
C ASN A 630 -15.14 -1.91 3.53
N MET A 631 -15.78 -1.42 4.58
CA MET A 631 -16.90 -0.47 4.46
C MET A 631 -16.51 0.87 3.83
N LEU A 632 -15.24 1.27 3.86
CA LEU A 632 -14.76 2.48 3.19
C LEU A 632 -14.19 2.21 1.79
N ARG A 633 -13.65 1.02 1.50
CA ARG A 633 -13.30 0.63 0.12
C ARG A 633 -14.51 0.26 -0.74
N ILE A 634 -15.61 -0.20 -0.16
CA ILE A 634 -16.93 -0.32 -0.84
C ILE A 634 -17.55 1.07 -1.07
N MET A 635 -17.46 1.99 -0.10
CA MET A 635 -17.96 3.35 -0.29
C MET A 635 -17.24 4.09 -1.42
N ALA A 636 -15.91 3.92 -1.59
CA ALA A 636 -15.17 4.56 -2.67
C ALA A 636 -15.62 4.10 -4.06
N SER A 637 -15.82 2.81 -4.31
CA SER A 637 -16.29 2.34 -5.62
C SER A 637 -17.76 2.64 -5.90
N LEU A 638 -18.61 2.71 -4.87
CA LEU A 638 -19.98 3.21 -5.02
C LEU A 638 -20.02 4.71 -5.38
N VAL A 639 -19.04 5.53 -4.96
CA VAL A 639 -18.92 6.93 -5.39
C VAL A 639 -18.41 7.04 -6.82
N LEU A 640 -17.40 6.27 -7.23
CA LEU A 640 -16.93 6.26 -8.63
C LEU A 640 -18.01 5.76 -9.62
N ALA A 641 -18.85 4.81 -9.22
CA ALA A 641 -19.96 4.31 -10.04
C ALA A 641 -21.15 5.27 -10.21
N ARG A 642 -21.31 6.36 -9.45
CA ARG A 642 -22.43 7.32 -9.60
C ARG A 642 -22.49 8.02 -10.96
N LYS A 643 -21.45 7.88 -11.80
CA LYS A 643 -21.41 8.35 -13.20
C LYS A 643 -22.17 7.44 -14.20
N HIS A 644 -22.55 6.23 -13.81
CA HIS A 644 -23.18 5.22 -14.68
C HIS A 644 -24.72 5.24 -14.67
N THR A 645 -25.36 6.38 -14.43
CA THR A 645 -26.84 6.48 -14.35
C THR A 645 -27.57 6.29 -15.67
N THR A 646 -26.92 6.51 -16.83
CA THR A 646 -27.54 6.37 -18.15
C THR A 646 -27.26 5.01 -18.83
N CYS A 647 -26.05 4.47 -18.70
CA CYS A 647 -25.59 3.29 -19.43
C CYS A 647 -25.82 1.94 -18.74
N CYS A 648 -26.10 1.91 -17.43
CA CYS A 648 -26.21 0.70 -16.63
C CYS A 648 -27.51 0.70 -15.82
N SER A 649 -28.16 -0.46 -15.67
CA SER A 649 -29.26 -0.61 -14.71
C SER A 649 -28.72 -0.84 -13.29
N LEU A 650 -29.61 -0.80 -12.30
CA LEU A 650 -29.28 -1.12 -10.90
C LEU A 650 -28.68 -2.52 -10.74
N SER A 651 -29.14 -3.49 -11.52
CA SER A 651 -28.61 -4.85 -11.58
C SER A 651 -27.21 -4.93 -12.18
N HIS A 652 -26.91 -4.20 -13.25
CA HIS A 652 -25.56 -4.15 -13.83
C HIS A 652 -24.55 -3.50 -12.90
N ARG A 653 -24.97 -2.46 -12.15
CA ARG A 653 -24.14 -1.79 -11.15
C ARG A 653 -23.83 -2.65 -9.92
N PHE A 654 -24.75 -3.50 -9.47
CA PHE A 654 -24.46 -4.46 -8.40
C PHE A 654 -23.44 -5.52 -8.85
N TYR A 655 -23.65 -6.14 -10.00
CA TYR A 655 -22.76 -7.25 -10.46
C TYR A 655 -21.38 -6.73 -10.82
N ARG A 656 -21.23 -5.44 -11.06
CA ARG A 656 -19.88 -4.84 -11.27
C ARG A 656 -19.20 -4.65 -9.90
N LEU A 657 -19.93 -4.14 -8.91
CA LEU A 657 -19.37 -3.99 -7.54
C LEU A 657 -18.86 -5.36 -7.06
N ALA A 658 -19.71 -6.39 -7.16
CA ALA A 658 -19.31 -7.74 -6.78
C ALA A 658 -18.00 -8.16 -7.45
N ASN A 659 -17.79 -7.81 -8.73
CA ASN A 659 -16.54 -8.07 -9.43
C ASN A 659 -15.35 -7.28 -8.86
N GLU A 660 -15.47 -6.02 -8.43
CA GLU A 660 -14.37 -5.40 -7.65
C GLU A 660 -14.10 -6.16 -6.34
N CYS A 661 -15.13 -6.47 -5.55
CA CYS A 661 -14.95 -7.13 -4.26
C CYS A 661 -14.32 -8.54 -4.34
N ALA A 662 -14.56 -9.28 -5.43
CA ALA A 662 -14.01 -10.61 -5.68
C ALA A 662 -12.59 -10.61 -6.27
N GLN A 663 -12.08 -9.45 -6.70
CA GLN A 663 -10.85 -9.35 -7.48
C GLN A 663 -9.76 -8.47 -6.85
N VAL A 664 -10.12 -7.39 -6.14
CA VAL A 664 -9.12 -6.45 -5.58
C VAL A 664 -9.32 -6.11 -4.10
N LEU A 665 -10.39 -6.58 -3.46
CA LEU A 665 -10.68 -6.37 -2.04
C LEU A 665 -10.51 -7.67 -1.26
N SER A 666 -11.43 -8.62 -1.45
CA SER A 666 -11.29 -9.96 -0.81
C SER A 666 -11.01 -11.01 -1.89
N GLU A 667 -9.74 -11.41 -2.06
CA GLU A 667 -9.38 -12.37 -3.13
C GLU A 667 -8.22 -13.28 -2.66
N MET A 668 -7.92 -14.33 -3.42
CA MET A 668 -6.79 -15.24 -3.06
C MET A 668 -5.46 -14.57 -3.43
N VAL A 669 -4.36 -15.00 -2.83
CA VAL A 669 -3.04 -14.32 -3.07
C VAL A 669 -1.94 -15.34 -3.35
N MET A 670 -1.28 -15.23 -4.52
CA MET A 670 -0.14 -16.10 -4.82
C MET A 670 1.11 -15.52 -4.18
N CYS A 671 1.66 -16.23 -3.20
CA CYS A 671 2.84 -15.78 -2.46
C CYS A 671 3.77 -16.99 -2.23
N GLY A 672 4.82 -17.12 -3.04
CA GLY A 672 5.78 -18.21 -2.90
C GLY A 672 5.31 -19.58 -3.37
N GLY A 673 4.39 -19.65 -4.34
CA GLY A 673 3.84 -20.89 -4.90
C GLY A 673 2.59 -21.44 -4.20
N SER A 674 2.01 -20.69 -3.26
CA SER A 674 0.87 -21.07 -2.42
C SER A 674 -0.22 -20.00 -2.45
N LEU A 675 -1.48 -20.40 -2.23
CA LEU A 675 -2.64 -19.50 -2.21
C LEU A 675 -3.06 -19.17 -0.77
N TYR A 676 -3.24 -17.89 -0.48
CA TYR A 676 -3.72 -17.35 0.79
C TYR A 676 -4.93 -16.45 0.57
N VAL A 677 -5.82 -16.31 1.55
CA VAL A 677 -7.00 -15.43 1.47
C VAL A 677 -6.69 -14.06 2.05
N LYS A 678 -6.73 -13.01 1.22
CA LYS A 678 -6.55 -11.61 1.64
C LYS A 678 -7.82 -11.08 2.33
N PRO A 679 -7.73 -10.48 3.53
CA PRO A 679 -8.91 -10.03 4.27
C PRO A 679 -9.51 -8.71 3.77
N GLY A 680 -8.70 -7.81 3.23
CA GLY A 680 -9.11 -6.48 2.79
C GLY A 680 -7.92 -5.61 2.45
N GLY A 681 -8.14 -4.29 2.35
CA GLY A 681 -7.11 -3.32 2.00
C GLY A 681 -6.83 -3.23 0.50
N THR A 682 -6.21 -2.14 0.06
CA THR A 682 -5.95 -1.86 -1.36
C THR A 682 -4.86 -2.77 -1.93
N SER A 683 -5.05 -3.24 -3.16
CA SER A 683 -4.05 -3.96 -3.96
C SER A 683 -3.47 -3.00 -4.99
N SER A 684 -2.15 -2.85 -5.08
CA SER A 684 -1.48 -1.80 -5.88
C SER A 684 -1.79 -1.83 -7.39
N GLY A 685 -2.05 -3.00 -7.97
CA GLY A 685 -2.34 -3.17 -9.39
C GLY A 685 -3.77 -2.84 -9.82
N ASP A 686 -4.67 -2.57 -8.87
CA ASP A 686 -6.02 -2.10 -9.15
C ASP A 686 -5.95 -0.76 -9.90
N ALA A 687 -6.54 -0.71 -11.10
CA ALA A 687 -6.50 0.44 -12.00
C ALA A 687 -6.97 1.75 -11.34
N THR A 688 -7.84 1.66 -10.33
CA THR A 688 -8.44 2.79 -9.62
C THR A 688 -7.71 3.22 -8.36
N THR A 689 -6.56 2.64 -7.98
CA THR A 689 -5.96 2.82 -6.64
C THR A 689 -5.73 4.28 -6.22
N ALA A 690 -5.10 5.13 -7.04
CA ALA A 690 -4.89 6.54 -6.69
C ALA A 690 -6.20 7.33 -6.52
N TYR A 691 -7.26 6.92 -7.21
CA TYR A 691 -8.55 7.58 -7.25
C TYR A 691 -9.45 7.11 -6.10
N ALA A 692 -9.48 5.82 -5.76
CA ALA A 692 -10.11 5.31 -4.56
C ALA A 692 -9.44 5.81 -3.26
N ASN A 693 -8.11 5.95 -3.23
CA ASN A 693 -7.41 6.60 -2.11
C ASN A 693 -7.83 8.06 -1.94
N SER A 694 -8.03 8.81 -3.02
CA SER A 694 -8.43 10.22 -2.95
C SER A 694 -9.85 10.39 -2.41
N VAL A 695 -10.77 9.48 -2.72
CA VAL A 695 -12.13 9.47 -2.16
C VAL A 695 -12.12 9.11 -0.67
N PHE A 696 -11.31 8.14 -0.25
CA PHE A 696 -11.10 7.80 1.17
C PHE A 696 -10.50 8.97 1.97
N ASN A 697 -9.51 9.66 1.42
CA ASN A 697 -8.84 10.81 2.04
C ASN A 697 -9.81 11.99 2.28
N ILE A 698 -10.69 12.31 1.32
CA ILE A 698 -11.79 13.27 1.51
C ILE A 698 -12.80 12.78 2.56
N CYS A 699 -13.24 11.54 2.53
CA CYS A 699 -14.19 10.98 3.49
C CYS A 699 -13.76 11.12 4.96
N GLN A 700 -12.49 10.82 5.26
CA GLN A 700 -11.95 10.95 6.62
C GLN A 700 -11.81 12.40 7.06
N ALA A 701 -11.56 13.33 6.14
CA ALA A 701 -11.51 14.77 6.42
C ALA A 701 -12.89 15.43 6.57
N VAL A 702 -13.91 14.99 5.85
CA VAL A 702 -15.31 15.42 6.09
C VAL A 702 -15.81 14.88 7.43
N THR A 703 -15.50 13.63 7.76
CA THR A 703 -15.87 13.03 9.05
C THR A 703 -15.30 13.79 10.25
N ALA A 704 -14.04 14.23 10.22
CA ALA A 704 -13.42 14.99 11.29
C ALA A 704 -14.12 16.33 11.56
N ASN A 705 -14.68 16.98 10.55
CA ASN A 705 -15.38 18.27 10.67
C ASN A 705 -16.81 18.13 11.20
N VAL A 706 -17.50 17.02 10.91
CA VAL A 706 -18.78 16.67 11.56
C VAL A 706 -18.58 16.43 13.05
N ASN A 707 -17.57 15.65 13.46
CA ASN A 707 -17.27 15.40 14.87
C ASN A 707 -16.79 16.64 15.63
N ALA A 708 -16.04 17.55 15.00
CA ALA A 708 -15.66 18.82 15.62
C ALA A 708 -16.87 19.70 15.94
N LEU A 709 -17.76 19.90 14.97
CA LEU A 709 -18.93 20.74 15.14
C LEU A 709 -19.97 20.12 16.07
N LEU A 710 -20.26 18.81 15.98
CA LEU A 710 -21.27 18.16 16.85
C LEU A 710 -20.84 17.93 18.30
N SER A 711 -19.55 18.00 18.64
CA SER A 711 -19.05 17.81 20.01
C SER A 711 -18.62 19.10 20.71
N THR A 712 -18.85 20.25 20.09
CA THR A 712 -18.68 21.58 20.69
C THR A 712 -19.93 21.95 21.49
N ASP A 713 -19.77 22.53 22.68
CA ASP A 713 -20.88 23.00 23.52
C ASP A 713 -21.66 24.15 22.86
N GLY A 714 -22.87 23.86 22.37
CA GLY A 714 -23.63 24.78 21.51
C GLY A 714 -24.12 26.04 22.21
N ASN A 715 -24.11 26.11 23.54
CA ASN A 715 -24.44 27.32 24.28
C ASN A 715 -23.31 28.37 24.26
N LYS A 716 -22.07 27.96 23.95
CA LYS A 716 -20.88 28.81 23.98
C LYS A 716 -20.44 29.31 22.59
N ILE A 717 -21.02 28.82 21.51
CA ILE A 717 -20.81 29.35 20.15
C ILE A 717 -21.44 30.75 20.08
N ALA A 718 -20.64 31.78 19.79
CA ALA A 718 -21.10 33.18 19.80
C ALA A 718 -21.87 33.59 18.54
N ASP A 719 -21.54 33.03 17.37
CA ASP A 719 -22.16 33.37 16.09
C ASP A 719 -23.46 32.59 15.83
N LYS A 720 -24.57 33.30 15.64
CA LYS A 720 -25.88 32.68 15.39
C LYS A 720 -25.96 31.89 14.08
N TYR A 721 -25.12 32.17 13.09
CA TYR A 721 -25.09 31.35 11.87
C TYR A 721 -24.55 29.94 12.15
N VAL A 722 -23.48 29.80 12.93
CA VAL A 722 -22.85 28.51 13.23
C VAL A 722 -23.64 27.71 14.26
N ARG A 723 -24.41 28.34 15.16
CA ARG A 723 -25.42 27.63 15.97
C ARG A 723 -26.49 26.95 15.11
N ASN A 724 -27.04 27.64 14.10
CA ASN A 724 -28.04 27.07 13.20
C ASN A 724 -27.45 25.96 12.32
N LEU A 725 -26.20 26.09 11.86
CA LEU A 725 -25.50 25.04 11.13
C LEU A 725 -25.30 23.77 11.99
N GLN A 726 -24.92 23.92 13.27
CA GLN A 726 -24.80 22.78 14.20
C GLN A 726 -26.15 22.12 14.46
N HIS A 727 -27.21 22.90 14.67
CA HIS A 727 -28.55 22.38 14.94
C HIS A 727 -29.18 21.64 13.74
N ARG A 728 -28.99 22.13 12.51
CA ARG A 728 -29.40 21.43 11.28
C ARG A 728 -28.58 20.20 10.97
N LEU A 729 -27.28 20.19 11.26
CA LEU A 729 -26.41 19.03 11.04
C LEU A 729 -26.84 17.81 11.88
N TYR A 730 -27.23 18.00 13.14
CA TYR A 730 -27.73 16.90 13.97
C TYR A 730 -29.00 16.27 13.39
N GLU A 731 -29.95 17.07 12.90
CA GLU A 731 -31.16 16.58 12.23
C GLU A 731 -30.84 15.82 10.96
N CYS A 732 -29.92 16.30 10.13
CA CYS A 732 -29.56 15.64 8.87
C CYS A 732 -28.86 14.30 9.08
N LEU A 733 -28.19 14.08 10.20
CA LEU A 733 -27.70 12.75 10.58
C LEU A 733 -28.80 11.92 11.22
N TYR A 734 -29.29 12.30 12.40
CA TYR A 734 -30.02 11.40 13.29
C TYR A 734 -31.55 11.55 13.31
N ARG A 735 -32.18 12.40 12.46
CA ARG A 735 -33.65 12.56 12.43
C ARG A 735 -34.31 12.65 11.04
N ASN A 736 -33.68 13.24 10.02
CA ASN A 736 -34.10 13.09 8.63
C ASN A 736 -33.64 11.74 8.06
N ARG A 737 -34.34 11.20 7.06
CA ARG A 737 -33.98 9.90 6.44
C ARG A 737 -33.85 9.90 4.93
N ASP A 738 -34.36 10.92 4.25
CA ASP A 738 -34.02 11.28 2.87
C ASP A 738 -32.93 12.38 2.82
N VAL A 739 -32.31 12.57 1.68
CA VAL A 739 -31.28 13.61 1.48
C VAL A 739 -31.91 15.00 1.46
N ASP A 740 -31.55 15.88 2.40
CA ASP A 740 -31.84 17.31 2.29
C ASP A 740 -30.77 17.98 1.42
N THR A 741 -31.08 18.17 0.14
CA THR A 741 -30.12 18.67 -0.86
C THR A 741 -29.67 20.10 -0.58
N ASP A 742 -30.54 20.95 -0.04
CA ASP A 742 -30.20 22.33 0.31
C ASP A 742 -29.22 22.42 1.49
N PHE A 743 -29.29 21.52 2.48
CA PHE A 743 -28.28 21.47 3.53
C PHE A 743 -26.98 20.80 3.08
N VAL A 744 -27.01 19.78 2.24
CA VAL A 744 -25.78 19.22 1.65
C VAL A 744 -25.01 20.28 0.85
N ASN A 745 -25.70 21.17 0.13
CA ASN A 745 -25.07 22.32 -0.54
C ASN A 745 -24.54 23.37 0.44
N GLU A 746 -25.25 23.66 1.54
CA GLU A 746 -24.83 24.65 2.54
C GLU A 746 -23.65 24.17 3.40
N PHE A 747 -23.62 22.92 3.84
CA PHE A 747 -22.46 22.40 4.58
C PHE A 747 -21.22 22.29 3.68
N TYR A 748 -21.36 21.89 2.41
CA TYR A 748 -20.27 21.93 1.45
C TYR A 748 -19.73 23.36 1.21
N ALA A 749 -20.59 24.37 1.07
CA ALA A 749 -20.19 25.77 0.97
C ALA A 749 -19.50 26.32 2.23
N TYR A 750 -19.91 25.93 3.43
CA TYR A 750 -19.22 26.24 4.68
C TYR A 750 -17.83 25.61 4.72
N LEU A 751 -17.75 24.31 4.49
CA LEU A 751 -16.53 23.52 4.55
C LEU A 751 -15.50 24.00 3.53
N ARG A 752 -15.91 24.25 2.28
CA ARG A 752 -15.02 24.70 1.20
C ARG A 752 -14.43 26.11 1.42
N LYS A 753 -15.05 26.97 2.23
CA LYS A 753 -14.48 28.28 2.62
C LYS A 753 -13.52 28.18 3.79
N HIS A 754 -13.91 27.55 4.91
CA HIS A 754 -13.12 27.56 6.15
C HIS A 754 -12.07 26.45 6.24
N PHE A 755 -12.10 25.45 5.35
CA PHE A 755 -11.26 24.25 5.40
C PHE A 755 -10.91 23.78 3.97
N SER A 756 -9.93 24.44 3.36
CA SER A 756 -9.61 24.35 1.93
C SER A 756 -8.52 23.32 1.65
N MET A 757 -8.82 22.26 0.90
CA MET A 757 -7.96 21.07 0.74
C MET A 757 -7.29 20.97 -0.63
N MET A 758 -6.11 20.35 -0.68
CA MET A 758 -5.40 19.90 -1.87
C MET A 758 -5.00 18.44 -1.67
N ILE A 759 -5.48 17.52 -2.52
CA ILE A 759 -5.47 16.08 -2.25
C ILE A 759 -4.88 15.28 -3.41
N LEU A 760 -4.05 14.30 -3.12
CA LEU A 760 -3.42 13.43 -4.12
C LEU A 760 -3.16 12.07 -3.50
N SER A 761 -4.00 11.07 -3.80
CA SER A 761 -3.90 9.74 -3.19
C SER A 761 -3.96 9.86 -1.67
N ASP A 762 -3.05 9.23 -0.93
CA ASP A 762 -2.95 9.26 0.54
C ASP A 762 -2.23 10.50 1.09
N ASP A 763 -1.87 11.48 0.25
CA ASP A 763 -1.18 12.72 0.62
C ASP A 763 -2.11 13.94 0.54
N ALA A 764 -2.05 14.86 1.51
CA ALA A 764 -2.90 16.06 1.55
C ALA A 764 -2.25 17.26 2.23
N VAL A 765 -2.69 18.45 1.84
CA VAL A 765 -2.47 19.75 2.49
C VAL A 765 -3.82 20.41 2.71
N VAL A 766 -4.01 21.11 3.83
CA VAL A 766 -5.17 21.97 4.05
C VAL A 766 -4.73 23.35 4.52
N CYS A 767 -5.41 24.37 4.01
CA CYS A 767 -5.37 25.75 4.48
C CYS A 767 -6.68 26.04 5.22
N PHE A 768 -6.63 26.48 6.48
CA PHE A 768 -7.81 26.50 7.34
C PHE A 768 -7.91 27.76 8.21
N ASN A 769 -9.12 28.15 8.57
CA ASN A 769 -9.37 29.31 9.42
C ASN A 769 -8.96 29.00 10.86
N SER A 770 -7.83 29.54 11.31
CA SER A 770 -7.26 29.25 12.63
C SER A 770 -8.06 29.80 13.82
N THR A 771 -8.94 30.79 13.61
CA THR A 771 -9.85 31.27 14.67
C THR A 771 -10.97 30.28 14.91
N TYR A 772 -11.56 29.71 13.86
CA TYR A 772 -12.58 28.67 14.00
C TYR A 772 -11.99 27.37 14.53
N ALA A 773 -10.83 26.93 14.05
CA ALA A 773 -10.22 25.67 14.48
C ALA A 773 -9.85 25.64 15.97
N SER A 774 -9.53 26.79 16.56
CA SER A 774 -9.26 26.91 18.01
C SER A 774 -10.50 27.12 18.86
N GLN A 775 -11.62 27.58 18.29
CA GLN A 775 -12.95 27.59 18.91
C GLN A 775 -13.70 26.25 18.81
N GLY A 776 -13.27 25.34 17.93
CA GLY A 776 -13.88 24.03 17.71
C GLY A 776 -14.83 23.92 16.52
N LEU A 777 -14.94 24.94 15.67
CA LEU A 777 -15.95 25.01 14.61
C LEU A 777 -15.54 24.31 13.29
N VAL A 778 -14.26 23.92 13.16
CA VAL A 778 -13.69 23.09 12.08
C VAL A 778 -12.65 22.14 12.68
N ALA A 779 -12.24 21.11 11.95
CA ALA A 779 -11.29 20.11 12.41
C ALA A 779 -9.87 20.67 12.67
N SER A 780 -9.14 19.98 13.53
CA SER A 780 -7.72 20.21 13.87
C SER A 780 -7.01 18.86 14.04
N ILE A 781 -5.69 18.82 14.25
CA ILE A 781 -4.93 17.56 14.31
C ILE A 781 -5.47 16.60 15.38
N LYS A 782 -6.06 17.05 16.50
CA LYS A 782 -6.68 16.14 17.48
C LYS A 782 -7.96 15.44 17.01
N ASN A 783 -8.69 16.01 16.04
CA ASN A 783 -9.91 15.40 15.49
C ASN A 783 -9.57 14.27 14.53
N PHE A 784 -8.50 14.39 13.74
CA PHE A 784 -7.97 13.28 12.96
C PHE A 784 -7.46 12.16 13.86
N LYS A 785 -6.70 12.44 14.93
CA LYS A 785 -6.28 11.42 15.90
C LYS A 785 -7.46 10.62 16.46
N SER A 786 -8.54 11.32 16.82
CA SER A 786 -9.74 10.63 17.37
C SER A 786 -10.42 9.76 16.29
N VAL A 787 -10.63 10.32 15.10
CA VAL A 787 -11.33 9.57 14.02
C VAL A 787 -10.51 8.29 13.69
N LEU A 788 -9.25 8.45 13.29
CA LEU A 788 -8.43 7.28 12.88
C LEU A 788 -8.41 6.23 13.99
N TYR A 789 -8.42 6.66 15.26
CA TYR A 789 -8.30 5.68 16.39
C TYR A 789 -9.49 4.72 16.36
N TYR A 790 -10.71 5.24 16.13
CA TYR A 790 -11.91 4.35 16.19
C TYR A 790 -12.37 3.98 14.77
N GLN A 791 -12.01 4.79 13.77
CA GLN A 791 -12.51 4.53 12.39
C GLN A 791 -11.47 3.71 11.62
N ASN A 792 -10.23 4.19 11.56
CA ASN A 792 -9.14 3.45 10.84
C ASN A 792 -8.52 2.44 11.80
N ASN A 793 -8.92 2.48 13.08
CA ASN A 793 -8.40 1.51 14.10
C ASN A 793 -6.87 1.59 14.13
N VAL A 794 -6.31 2.80 14.06
CA VAL A 794 -4.82 2.99 14.14
C VAL A 794 -4.55 4.22 15.01
N PHE A 795 -3.45 4.23 15.77
CA PHE A 795 -3.11 5.41 16.54
C PHE A 795 -2.21 6.34 15.73
N MET A 796 -2.67 7.57 15.46
CA MET A 796 -1.92 8.58 14.71
C MET A 796 -1.06 9.45 15.63
N SER A 797 0.26 9.25 15.63
CA SER A 797 1.21 10.05 16.39
C SER A 797 1.37 11.44 15.79
N GLU A 798 1.32 12.50 16.60
CA GLU A 798 1.51 13.89 16.15
C GLU A 798 2.93 14.18 15.66
N ALA A 799 3.92 13.32 15.96
CA ALA A 799 5.29 13.47 15.49
C ALA A 799 5.45 13.36 13.96
N LYS A 800 4.45 12.80 13.24
CA LYS A 800 4.41 12.69 11.76
C LYS A 800 3.42 13.65 11.07
N CYS A 801 2.69 14.45 11.85
CA CYS A 801 1.90 15.58 11.37
C CYS A 801 2.70 16.89 11.40
N TRP A 802 2.23 17.94 10.76
CA TRP A 802 2.87 19.26 10.78
C TRP A 802 1.86 20.39 10.68
N THR A 803 2.24 21.60 11.08
CA THR A 803 1.45 22.81 10.86
C THR A 803 2.37 24.02 10.66
N GLU A 804 1.93 25.00 9.87
CA GLU A 804 2.69 26.21 9.57
C GLU A 804 1.81 27.46 9.77
N THR A 805 2.38 28.47 10.40
CA THR A 805 1.74 29.75 10.74
C THR A 805 2.01 30.83 9.67
N ASP A 806 3.12 30.74 8.94
CA ASP A 806 3.52 31.73 7.93
C ASP A 806 3.37 31.20 6.50
N LEU A 807 2.39 31.71 5.74
CA LEU A 807 2.16 31.25 4.36
C LEU A 807 3.30 31.59 3.39
N THR A 808 4.21 32.51 3.73
CA THR A 808 5.38 32.81 2.89
C THR A 808 6.41 31.68 2.90
N LYS A 809 6.31 30.71 3.80
CA LYS A 809 7.13 29.49 3.83
C LYS A 809 6.53 28.31 3.03
N GLY A 810 5.23 28.33 2.75
CA GLY A 810 4.53 27.23 2.08
C GLY A 810 4.35 25.98 2.95
N PRO A 811 3.79 24.88 2.41
CA PRO A 811 3.65 23.63 3.14
C PRO A 811 5.00 23.01 3.45
N HIS A 812 5.16 22.40 4.64
CA HIS A 812 6.44 21.79 5.05
C HIS A 812 6.86 20.64 4.16
N GLU A 813 5.92 19.83 3.70
CA GLU A 813 6.13 18.79 2.69
C GLU A 813 4.82 18.40 1.99
N PHE A 814 4.86 18.20 0.67
CA PHE A 814 3.86 17.52 -0.14
C PHE A 814 4.60 16.71 -1.19
N CYS A 815 4.26 15.45 -1.44
CA CYS A 815 4.94 14.57 -2.40
C CYS A 815 6.46 14.54 -2.23
N SER A 816 6.93 14.41 -1.00
CA SER A 816 8.35 14.37 -0.57
C SER A 816 9.20 15.60 -0.90
N GLN A 817 8.60 16.72 -1.33
CA GLN A 817 9.28 17.94 -1.73
C GLN A 817 8.96 19.14 -0.84
N HIS A 818 9.99 19.89 -0.47
CA HIS A 818 9.88 21.12 0.31
C HIS A 818 9.65 22.33 -0.60
N THR A 819 9.34 23.51 -0.05
CA THR A 819 8.99 24.72 -0.82
C THR A 819 9.85 25.92 -0.46
N MET A 820 10.21 26.75 -1.44
CA MET A 820 10.77 28.08 -1.23
C MET A 820 9.96 29.15 -1.97
N LEU A 821 9.79 30.33 -1.38
CA LEU A 821 9.36 31.53 -2.11
C LEU A 821 10.60 32.27 -2.63
N VAL A 822 10.79 32.35 -3.95
CA VAL A 822 11.99 32.91 -4.59
C VAL A 822 11.63 33.93 -5.66
N LYS A 823 12.48 34.94 -5.87
CA LYS A 823 12.32 35.91 -6.96
C LYS A 823 12.70 35.28 -8.31
N GLN A 824 11.85 35.40 -9.32
CA GLN A 824 12.07 34.85 -10.66
C GLN A 824 11.58 35.83 -11.73
N GLY A 825 12.49 36.68 -12.22
CA GLY A 825 12.12 37.85 -13.02
C GLY A 825 11.75 39.02 -12.13
N ASP A 826 10.62 39.68 -12.41
CA ASP A 826 10.15 40.85 -11.66
C ASP A 826 9.37 40.52 -10.37
N ASP A 827 8.95 39.27 -10.18
CA ASP A 827 8.06 38.83 -9.09
C ASP A 827 8.45 37.50 -8.45
N TYR A 828 7.83 37.20 -7.31
CA TYR A 828 8.11 36.02 -6.48
C TYR A 828 7.17 34.85 -6.82
N VAL A 829 7.70 33.63 -6.76
CA VAL A 829 7.00 32.37 -7.04
C VAL A 829 7.39 31.28 -6.05
N TYR A 830 6.53 30.29 -5.82
CA TYR A 830 6.88 29.10 -5.04
C TYR A 830 7.49 28.02 -5.93
N LEU A 831 8.64 27.46 -5.53
CA LEU A 831 9.31 26.34 -6.22
C LEU A 831 9.50 25.13 -5.29
N PRO A 832 9.34 23.89 -5.78
CA PRO A 832 9.60 22.67 -5.02
C PRO A 832 11.09 22.32 -4.99
N TYR A 833 11.60 21.69 -3.94
CA TYR A 833 12.95 21.09 -3.96
C TYR A 833 13.03 19.72 -3.24
N PRO A 834 13.83 18.77 -3.74
CA PRO A 834 13.97 17.44 -3.17
C PRO A 834 14.92 17.39 -1.96
N ASP A 835 14.97 16.26 -1.27
CA ASP A 835 16.03 15.98 -0.30
C ASP A 835 17.37 15.80 -1.03
N PRO A 836 18.44 16.58 -0.74
CA PRO A 836 19.73 16.43 -1.40
C PRO A 836 20.32 15.02 -1.33
N SER A 837 20.03 14.25 -0.29
CA SER A 837 20.54 12.88 -0.13
C SER A 837 19.85 11.86 -1.04
N ARG A 838 18.64 12.14 -1.53
CA ARG A 838 17.93 11.31 -2.53
C ARG A 838 18.54 11.47 -3.93
N ILE A 839 18.96 12.68 -4.28
CA ILE A 839 19.56 13.02 -5.57
C ILE A 839 21.03 12.58 -5.65
N LEU A 840 21.83 12.68 -4.57
CA LEU A 840 23.17 12.09 -4.52
C LEU A 840 23.15 10.56 -4.45
N GLY A 841 22.20 9.96 -3.74
CA GLY A 841 22.00 8.52 -3.66
C GLY A 841 21.74 7.87 -5.02
N ALA A 842 20.87 8.44 -5.85
CA ALA A 842 20.62 7.95 -7.21
C ALA A 842 21.81 8.08 -8.17
N GLY A 843 22.78 8.96 -7.89
CA GLY A 843 24.02 9.04 -8.65
C GLY A 843 25.01 7.95 -8.25
N CYS A 844 25.14 7.67 -6.95
CA CYS A 844 26.05 6.67 -6.40
C CYS A 844 25.59 5.22 -6.55
N PHE A 845 24.31 4.90 -6.40
CA PHE A 845 23.81 3.52 -6.36
C PHE A 845 22.78 3.24 -7.45
N VAL A 846 22.93 2.13 -8.18
CA VAL A 846 22.15 1.80 -9.40
C VAL A 846 21.72 0.33 -9.44
N ASP A 847 20.64 0.03 -10.14
CA ASP A 847 20.00 -1.30 -10.17
C ASP A 847 20.46 -2.21 -11.33
N ASP A 848 21.46 -1.82 -12.13
CA ASP A 848 22.03 -2.64 -13.20
C ASP A 848 23.52 -2.31 -13.39
N ILE A 849 24.34 -3.27 -13.83
CA ILE A 849 25.79 -3.10 -13.93
C ILE A 849 26.17 -2.12 -15.05
N VAL A 850 25.46 -2.12 -16.18
CA VAL A 850 25.75 -1.21 -17.32
C VAL A 850 25.40 0.25 -17.04
N LYS A 851 24.66 0.56 -15.98
CA LYS A 851 24.44 1.95 -15.53
C LYS A 851 25.65 2.58 -14.85
N THR A 852 26.71 1.79 -14.59
CA THR A 852 27.95 2.26 -13.95
C THR A 852 29.02 2.79 -14.92
N ASP A 853 28.77 2.81 -16.23
CA ASP A 853 29.56 3.62 -17.17
C ASP A 853 28.74 4.83 -17.63
N GLY A 854 29.16 6.03 -17.28
CA GLY A 854 28.40 7.23 -17.56
C GLY A 854 28.35 7.62 -19.03
N THR A 855 29.29 7.18 -19.86
CA THR A 855 29.31 7.54 -21.29
C THR A 855 28.13 6.94 -22.06
N LEU A 856 27.53 5.84 -21.56
CA LEU A 856 26.32 5.23 -22.08
C LEU A 856 25.04 5.93 -21.56
N MET A 857 25.15 6.76 -20.52
CA MET A 857 24.05 7.13 -19.61
C MET A 857 23.90 8.65 -19.41
N ILE A 858 24.34 9.51 -20.33
CA ILE A 858 24.30 10.97 -20.09
C ILE A 858 22.86 11.48 -19.90
N GLU A 859 21.86 10.86 -20.54
CA GLU A 859 20.43 11.16 -20.37
C GLU A 859 19.93 10.99 -18.93
N ARG A 860 20.57 10.09 -18.16
CA ARG A 860 20.28 9.78 -16.77
C ARG A 860 20.65 10.95 -15.87
N PHE A 861 21.83 11.54 -16.08
CA PHE A 861 22.34 12.67 -15.32
C PHE A 861 21.68 13.99 -15.70
N VAL A 862 21.25 14.18 -16.94
CA VAL A 862 20.42 15.34 -17.34
C VAL A 862 19.05 15.33 -16.62
N SER A 863 18.39 14.17 -16.54
CA SER A 863 17.13 14.03 -15.79
C SER A 863 17.27 14.32 -14.29
N LEU A 864 18.33 13.86 -13.64
CA LEU A 864 18.60 14.16 -12.22
C LEU A 864 19.02 15.62 -11.97
N ALA A 865 19.61 16.32 -12.95
CA ALA A 865 19.91 17.74 -12.85
C ALA A 865 18.67 18.65 -13.01
N ILE A 866 17.62 18.20 -13.72
CA ILE A 866 16.32 18.90 -13.79
C ILE A 866 15.62 18.94 -12.41
N ASP A 867 15.68 17.85 -11.64
CA ASP A 867 15.19 17.81 -10.26
C ASP A 867 16.09 18.56 -9.25
N ALA A 868 17.40 18.59 -9.45
CA ALA A 868 18.33 19.31 -8.58
C ALA A 868 18.30 20.85 -8.72
N TYR A 869 17.84 21.40 -9.84
CA TYR A 869 17.98 22.84 -10.14
C TYR A 869 17.51 23.80 -9.04
N PRO A 870 16.31 23.65 -8.43
CA PRO A 870 15.82 24.58 -7.43
C PRO A 870 16.75 24.75 -6.23
N LEU A 871 17.60 23.77 -5.90
CA LEU A 871 18.56 23.86 -4.79
C LEU A 871 19.55 25.02 -4.96
N THR A 872 19.82 25.50 -6.18
CA THR A 872 20.69 26.67 -6.41
C THR A 872 20.18 27.98 -5.79
N LYS A 873 18.89 28.07 -5.44
CA LYS A 873 18.27 29.26 -4.83
C LYS A 873 18.11 29.14 -3.31
N HIS A 874 18.64 28.04 -2.74
CA HIS A 874 18.50 27.77 -1.27
C HIS A 874 19.61 28.48 -0.48
N PRO A 875 19.35 28.98 0.74
CA PRO A 875 20.34 29.73 1.53
C PRO A 875 21.57 28.91 1.97
N ASN A 876 21.50 27.58 2.03
CA ASN A 876 22.61 26.72 2.44
C ASN A 876 23.54 26.39 1.25
N GLN A 877 24.81 26.79 1.27
CA GLN A 877 25.73 26.57 0.15
C GLN A 877 25.99 25.08 -0.10
N GLU A 878 25.97 24.23 0.92
CA GLU A 878 26.13 22.78 0.74
C GLU A 878 25.00 22.13 -0.03
N TYR A 879 23.82 22.76 -0.12
CA TYR A 879 22.72 22.31 -0.98
C TYR A 879 22.86 22.93 -2.38
N ALA A 880 23.22 24.21 -2.49
CA ALA A 880 23.42 24.87 -3.77
C ALA A 880 24.52 24.22 -4.62
N ASP A 881 25.58 23.67 -4.00
CA ASP A 881 26.66 22.94 -4.68
C ASP A 881 26.22 21.61 -5.33
N VAL A 882 25.06 21.04 -4.97
CA VAL A 882 24.61 19.75 -5.52
C VAL A 882 24.25 19.86 -7.00
N PHE A 883 23.68 20.98 -7.44
CA PHE A 883 23.39 21.19 -8.86
C PHE A 883 24.66 21.35 -9.71
N HIS A 884 25.62 22.14 -9.26
CA HIS A 884 26.88 22.34 -9.97
C HIS A 884 27.73 21.07 -10.04
N LEU A 885 27.68 20.18 -9.05
CA LEU A 885 28.27 18.85 -9.14
C LEU A 885 27.71 18.06 -10.34
N TYR A 886 26.39 18.01 -10.51
CA TYR A 886 25.75 17.33 -11.62
C TYR A 886 26.13 17.96 -12.97
N LEU A 887 26.13 19.29 -13.12
CA LEU A 887 26.55 19.93 -14.38
C LEU A 887 28.04 19.72 -14.70
N GLN A 888 28.93 19.73 -13.70
CA GLN A 888 30.35 19.48 -13.92
C GLN A 888 30.64 18.03 -14.28
N TYR A 889 29.88 17.07 -13.77
CA TYR A 889 30.01 15.66 -14.14
C TYR A 889 29.49 15.40 -15.57
N ILE A 890 28.39 16.02 -16.00
CA ILE A 890 27.88 15.93 -17.38
C ILE A 890 28.92 16.40 -18.41
N ARG A 891 29.66 17.49 -18.15
CA ARG A 891 30.76 17.90 -19.04
C ARG A 891 31.88 16.85 -19.12
N LYS A 892 32.33 16.31 -17.98
CA LYS A 892 33.34 15.24 -17.93
C LYS A 892 32.92 14.02 -18.74
N LEU A 893 31.67 13.57 -18.62
CA LEU A 893 31.17 12.42 -19.39
C LEU A 893 31.21 12.64 -20.91
N HIS A 894 30.86 13.84 -21.40
CA HIS A 894 30.93 14.15 -22.83
C HIS A 894 32.36 14.28 -23.35
N ASP A 895 33.27 14.83 -22.56
CA ASP A 895 34.70 14.87 -22.89
C ASP A 895 35.31 13.45 -22.96
N GLU A 896 34.98 12.55 -22.03
CA GLU A 896 35.43 11.16 -22.07
C GLU A 896 34.80 10.37 -23.22
N LEU A 897 33.49 10.51 -23.46
CA LEU A 897 32.80 9.93 -24.61
C LEU A 897 33.46 10.37 -25.93
N THR A 898 33.78 11.66 -26.06
CA THR A 898 34.44 12.21 -27.26
C THR A 898 35.84 11.62 -27.48
N GLY A 899 36.60 11.42 -26.40
CA GLY A 899 37.91 10.75 -26.46
C GLY A 899 37.83 9.27 -26.84
N HIS A 900 36.93 8.50 -26.21
CA HIS A 900 36.78 7.06 -26.50
C HIS A 900 36.25 6.81 -27.92
N MET A 901 35.34 7.66 -28.41
CA MET A 901 34.79 7.55 -29.77
C MET A 901 35.88 7.77 -30.84
N LEU A 902 36.75 8.76 -30.64
CA LEU A 902 37.88 9.03 -31.53
C LEU A 902 38.93 7.92 -31.47
N ASP A 903 39.28 7.41 -30.29
CA ASP A 903 40.19 6.26 -30.17
C ASP A 903 39.65 4.98 -30.83
N MET A 904 38.33 4.78 -30.84
CA MET A 904 37.71 3.58 -31.40
C MET A 904 37.52 3.63 -32.93
N TYR A 905 37.20 4.80 -33.50
CA TYR A 905 36.83 4.94 -34.92
C TYR A 905 37.62 6.00 -35.70
N SER A 906 38.54 6.73 -35.07
CA SER A 906 39.36 7.80 -35.68
C SER A 906 38.57 8.97 -36.29
N VAL A 907 37.26 9.04 -36.08
CA VAL A 907 36.36 10.07 -36.64
C VAL A 907 35.47 10.64 -35.55
N MET A 908 35.35 11.97 -35.51
CA MET A 908 34.54 12.70 -34.52
C MET A 908 33.03 12.54 -34.78
N LEU A 909 32.24 12.57 -33.71
CA LEU A 909 30.78 12.70 -33.75
C LEU A 909 30.38 14.06 -34.36
N THR A 910 29.28 14.16 -35.12
CA THR A 910 28.83 15.46 -35.69
C THR A 910 27.82 16.22 -34.82
N ASN A 911 27.19 15.57 -33.84
CA ASN A 911 26.24 16.18 -32.90
C ASN A 911 26.95 16.91 -31.74
N ASP A 912 27.44 18.13 -32.00
CA ASP A 912 28.01 19.04 -30.99
C ASP A 912 26.97 19.69 -30.05
N ASN A 913 25.67 19.56 -30.34
CA ASN A 913 24.58 20.22 -29.61
C ASN A 913 24.41 19.76 -28.13
N THR A 914 25.16 18.75 -27.67
CA THR A 914 25.19 18.32 -26.27
C THR A 914 25.69 19.43 -25.32
N SER A 915 26.36 20.46 -25.85
CA SER A 915 26.86 21.61 -25.10
C SER A 915 25.81 22.35 -24.27
N ARG A 916 24.52 22.29 -24.62
CA ARG A 916 23.47 22.98 -23.85
C ARG A 916 23.15 22.37 -22.49
N TYR A 917 23.60 21.15 -22.19
CA TYR A 917 23.25 20.44 -20.96
C TYR A 917 24.17 20.69 -19.77
N TRP A 918 25.31 21.37 -19.92
CA TRP A 918 26.16 21.79 -18.79
C TRP A 918 26.08 23.29 -18.48
N GLU A 919 25.00 23.95 -18.88
CA GLU A 919 24.75 25.37 -18.65
C GLU A 919 23.36 25.58 -18.00
N PRO A 920 23.18 26.47 -17.00
CA PRO A 920 21.94 26.56 -16.24
C PRO A 920 20.67 26.91 -17.03
N GLU A 921 20.77 27.60 -18.17
CA GLU A 921 19.61 28.12 -18.91
C GLU A 921 18.64 27.05 -19.42
N PHE A 922 19.11 25.84 -19.73
CA PHE A 922 18.24 24.72 -20.11
C PHE A 922 17.33 24.27 -18.95
N TYR A 923 17.83 24.34 -17.72
CA TYR A 923 17.16 23.86 -16.51
C TYR A 923 16.24 24.91 -15.91
N GLU A 924 16.62 26.19 -15.94
CA GLU A 924 15.80 27.27 -15.42
C GLU A 924 14.46 27.40 -16.16
N ALA A 925 14.45 27.18 -17.47
CA ALA A 925 13.25 27.15 -18.31
C ALA A 925 12.20 26.10 -17.89
N MET A 926 12.57 25.07 -17.14
CA MET A 926 11.62 24.08 -16.61
C MET A 926 10.73 24.64 -15.50
N TYR A 927 11.09 25.77 -14.89
CA TYR A 927 10.41 26.34 -13.73
C TYR A 927 9.83 27.75 -13.96
N THR A 928 9.93 28.30 -15.18
CA THR A 928 9.27 29.53 -15.59
C THR A 928 7.94 29.24 -16.30
N PRO A 929 6.87 30.02 -16.08
CA PRO A 929 5.58 29.81 -16.74
C PRO A 929 5.59 30.10 -18.25
N HIS A 930 4.49 29.78 -18.93
CA HIS A 930 4.25 29.94 -20.37
C HIS A 930 5.12 29.06 -21.30
N THR A 931 5.65 27.95 -20.76
CA THR A 931 6.42 26.88 -21.44
C THR A 931 7.60 27.39 -22.27
N PRO B 11 7.19 5.98 -72.20
CA PRO B 11 6.07 6.78 -71.75
C PRO B 11 6.47 8.23 -71.52
N SER B 12 6.01 8.81 -70.40
CA SER B 12 6.40 10.21 -70.07
C SER B 12 7.93 10.30 -69.96
N TYR B 13 8.57 9.25 -69.46
CA TYR B 13 10.06 9.24 -69.37
C TYR B 13 10.63 9.27 -70.79
N ALA B 14 10.25 8.32 -71.64
CA ALA B 14 10.71 8.35 -73.02
C ALA B 14 10.41 9.71 -73.71
N ALA B 15 9.27 10.33 -73.42
CA ALA B 15 8.97 11.69 -73.88
C ALA B 15 9.96 12.69 -73.28
N PHE B 16 10.28 12.61 -71.98
CA PHE B 16 11.31 13.43 -71.35
C PHE B 16 12.70 13.21 -71.98
N ALA B 17 13.15 11.97 -72.15
CA ALA B 17 14.46 11.67 -72.71
C ALA B 17 14.62 12.14 -74.17
N THR B 18 13.60 11.91 -75.01
CA THR B 18 13.61 12.37 -76.41
C THR B 18 13.51 13.90 -76.51
N ALA B 19 12.72 14.56 -75.63
CA ALA B 19 12.68 16.01 -75.56
C ALA B 19 14.00 16.62 -75.05
N GLN B 20 14.70 15.96 -74.10
CA GLN B 20 16.02 16.39 -73.65
C GLN B 20 17.01 16.38 -74.82
N GLU B 21 17.09 15.29 -75.60
CA GLU B 21 17.96 15.24 -76.78
C GLU B 21 17.58 16.28 -77.85
N ALA B 22 16.28 16.48 -78.10
CA ALA B 22 15.79 17.47 -79.06
C ALA B 22 16.13 18.92 -78.67
N TYR B 23 16.07 19.26 -77.37
CA TYR B 23 16.50 20.55 -76.84
C TYR B 23 18.03 20.67 -76.80
N GLU B 24 18.73 19.64 -76.31
CA GLU B 24 20.19 19.66 -76.13
C GLU B 24 20.96 19.77 -77.45
N GLN B 25 20.51 19.14 -78.54
CA GLN B 25 21.15 19.32 -79.85
C GLN B 25 21.03 20.77 -80.38
N ALA B 26 19.95 21.48 -80.03
CA ALA B 26 19.76 22.90 -80.40
C ALA B 26 20.55 23.85 -79.48
N VAL B 27 20.68 23.52 -78.18
CA VAL B 27 21.60 24.21 -77.27
C VAL B 27 23.06 24.03 -77.72
N ALA B 28 23.37 22.85 -78.26
CA ALA B 28 24.74 22.57 -78.73
C ALA B 28 25.04 23.31 -80.04
N ASN B 29 24.28 23.03 -81.10
CA ASN B 29 24.60 23.63 -82.43
C ASN B 29 23.53 24.64 -82.85
N GLY B 30 22.26 24.42 -82.46
CA GLY B 30 21.17 25.30 -82.90
C GLY B 30 21.43 26.75 -82.52
N ASP B 31 21.04 27.69 -83.39
CA ASP B 31 21.31 29.13 -83.13
C ASP B 31 19.98 29.91 -83.13
N SER B 32 18.85 29.20 -83.10
CA SER B 32 17.52 29.88 -83.12
C SER B 32 16.84 29.74 -81.76
N GLU B 33 16.67 30.85 -81.05
CA GLU B 33 15.96 30.83 -79.73
C GLU B 33 14.47 30.52 -79.98
N VAL B 34 13.93 30.97 -81.12
CA VAL B 34 12.51 30.68 -81.47
C VAL B 34 12.25 29.18 -81.26
N VAL B 35 12.92 28.33 -82.03
CA VAL B 35 12.75 26.87 -81.85
C VAL B 35 13.17 26.42 -80.44
N LEU B 36 14.15 27.04 -79.79
CA LEU B 36 14.50 26.70 -78.39
C LEU B 36 13.33 26.89 -77.43
N LYS B 37 12.52 27.95 -77.58
CA LYS B 37 11.36 28.20 -76.70
C LYS B 37 10.26 27.14 -76.87
N LYS B 38 10.00 26.68 -78.10
CA LYS B 38 9.07 25.56 -78.39
C LYS B 38 9.59 24.23 -77.86
N LEU B 39 10.87 23.95 -78.03
CA LEU B 39 11.56 22.80 -77.44
C LEU B 39 11.51 22.85 -75.91
N LYS B 40 11.76 24.01 -75.28
CA LYS B 40 11.66 24.18 -73.82
C LYS B 40 10.25 23.91 -73.29
N LYS B 41 9.19 24.52 -73.86
CA LYS B 41 7.81 24.27 -73.38
C LYS B 41 7.42 22.80 -73.49
N SER B 42 7.65 22.17 -74.63
CA SER B 42 7.36 20.74 -74.82
C SER B 42 8.22 19.83 -73.91
N LEU B 43 9.49 20.16 -73.69
CA LEU B 43 10.36 19.50 -72.70
C LEU B 43 9.83 19.65 -71.28
N ASN B 44 9.49 20.85 -70.82
CA ASN B 44 8.97 21.07 -69.48
C ASN B 44 7.61 20.39 -69.25
N VAL B 45 6.74 20.31 -70.27
CA VAL B 45 5.52 19.48 -70.22
C VAL B 45 5.88 18.00 -70.03
N ALA B 46 6.74 17.43 -70.88
CA ALA B 46 7.14 16.02 -70.77
C ALA B 46 7.83 15.70 -69.43
N LYS B 47 8.73 16.57 -68.96
CA LYS B 47 9.39 16.46 -67.65
C LYS B 47 8.39 16.55 -66.50
N SER B 48 7.42 17.46 -66.58
CA SER B 48 6.34 17.58 -65.58
C SER B 48 5.51 16.30 -65.49
N GLU B 49 5.09 15.74 -66.63
CA GLU B 49 4.38 14.46 -66.65
C GLU B 49 5.24 13.31 -66.12
N PHE B 50 6.54 13.29 -66.42
CA PHE B 50 7.48 12.30 -65.88
C PHE B 50 7.65 12.40 -64.36
N ASP B 51 7.87 13.60 -63.81
CA ASP B 51 7.97 13.77 -62.36
C ASP B 51 6.64 13.47 -61.64
N ARG B 52 5.49 13.78 -62.26
CA ARG B 52 4.16 13.43 -61.74
C ARG B 52 3.93 11.91 -61.73
N ASP B 53 4.24 11.20 -62.82
CA ASP B 53 4.19 9.74 -62.87
C ASP B 53 5.14 9.09 -61.86
N ALA B 54 6.37 9.59 -61.73
CA ALA B 54 7.33 9.09 -60.75
C ALA B 54 6.86 9.31 -59.30
N ALA B 55 6.30 10.49 -58.99
CA ALA B 55 5.74 10.78 -57.68
C ALA B 55 4.53 9.89 -57.33
N MET B 56 3.62 9.65 -58.28
CA MET B 56 2.48 8.74 -58.09
C MET B 56 2.93 7.28 -57.92
N GLN B 57 3.89 6.82 -58.73
CA GLN B 57 4.52 5.50 -58.60
C GLN B 57 5.16 5.32 -57.22
N ARG B 58 5.96 6.29 -56.76
CA ARG B 58 6.62 6.27 -55.45
C ARG B 58 5.62 6.23 -54.29
N LYS B 59 4.51 6.98 -54.39
CA LYS B 59 3.43 6.94 -53.38
C LYS B 59 2.80 5.54 -53.29
N LEU B 60 2.41 4.96 -54.43
CA LEU B 60 1.81 3.62 -54.46
C LEU B 60 2.75 2.53 -53.95
N GLU B 61 4.06 2.63 -54.23
CA GLU B 61 5.06 1.71 -53.69
C GLU B 61 5.19 1.80 -52.16
N LYS B 62 5.29 3.01 -51.59
CA LYS B 62 5.37 3.19 -50.14
C LYS B 62 4.09 2.71 -49.42
N MET B 63 2.92 2.91 -50.04
CA MET B 63 1.65 2.36 -49.56
C MET B 63 1.55 0.83 -49.67
N ALA B 64 2.15 0.21 -50.69
CA ALA B 64 2.19 -1.24 -50.81
C ALA B 64 3.08 -1.90 -49.74
N ASP B 65 4.23 -1.30 -49.39
CA ASP B 65 5.06 -1.78 -48.27
C ASP B 65 4.35 -1.67 -46.91
N GLN B 66 3.56 -0.61 -46.70
CA GLN B 66 2.69 -0.50 -45.52
C GLN B 66 1.62 -1.61 -45.51
N ALA B 67 0.97 -1.90 -46.65
CA ALA B 67 0.00 -2.99 -46.73
C ALA B 67 0.64 -4.37 -46.49
N MET B 68 1.78 -4.68 -47.08
CA MET B 68 2.47 -5.97 -46.88
C MET B 68 2.93 -6.17 -45.43
N THR B 69 3.48 -5.13 -44.78
CA THR B 69 3.86 -5.23 -43.36
C THR B 69 2.63 -5.34 -42.44
N GLN B 70 1.50 -4.70 -42.75
CA GLN B 70 0.24 -4.93 -42.03
C GLN B 70 -0.27 -6.37 -42.18
N MET B 71 -0.22 -6.94 -43.39
CA MET B 71 -0.59 -8.35 -43.61
C MET B 71 0.33 -9.32 -42.84
N TYR B 72 1.63 -9.07 -42.79
CA TYR B 72 2.56 -9.89 -41.99
C TYR B 72 2.25 -9.78 -40.48
N LYS B 73 1.93 -8.58 -39.96
CA LYS B 73 1.51 -8.38 -38.57
C LYS B 73 0.24 -9.17 -38.22
N GLN B 74 -0.76 -9.20 -39.10
CA GLN B 74 -1.96 -10.03 -38.92
C GLN B 74 -1.66 -11.54 -39.00
N ALA B 75 -0.89 -11.97 -40.00
CA ALA B 75 -0.50 -13.38 -40.15
C ALA B 75 0.32 -13.92 -38.98
N ARG B 76 1.09 -13.07 -38.29
CA ARG B 76 1.82 -13.40 -37.05
C ARG B 76 0.97 -13.31 -35.78
N SER B 77 -0.11 -12.53 -35.78
CA SER B 77 -1.04 -12.42 -34.64
C SER B 77 -2.04 -13.58 -34.56
N GLU B 78 -2.48 -14.12 -35.70
CA GLU B 78 -3.31 -15.34 -35.73
C GLU B 78 -2.54 -16.60 -35.33
N ASP B 79 -1.22 -16.65 -35.54
CA ASP B 79 -0.35 -17.71 -35.02
C ASP B 79 -0.34 -17.71 -33.48
N LYS B 80 -0.06 -16.56 -32.86
CA LYS B 80 0.01 -16.43 -31.40
C LYS B 80 -1.30 -16.72 -30.69
N ARG B 81 -2.46 -16.35 -31.26
CA ARG B 81 -3.78 -16.77 -30.76
C ARG B 81 -3.94 -18.29 -30.75
N ALA B 82 -3.61 -18.98 -31.84
CA ALA B 82 -3.69 -20.43 -31.92
C ALA B 82 -2.67 -21.16 -31.03
N LYS B 83 -1.45 -20.62 -30.89
CA LYS B 83 -0.40 -21.14 -30.01
C LYS B 83 -0.80 -21.08 -28.54
N VAL B 84 -1.23 -19.92 -28.02
CA VAL B 84 -1.65 -19.81 -26.61
C VAL B 84 -2.91 -20.61 -26.30
N THR B 85 -3.88 -20.67 -27.21
CA THR B 85 -5.06 -21.55 -27.08
C THR B 85 -4.67 -23.01 -26.81
N SER B 86 -3.65 -23.54 -27.48
CA SER B 86 -3.18 -24.91 -27.24
C SER B 86 -2.51 -25.09 -25.86
N ALA B 87 -1.85 -24.07 -25.33
CA ALA B 87 -1.21 -24.12 -24.01
C ALA B 87 -2.24 -24.03 -22.89
N MET B 88 -3.28 -23.21 -23.04
CA MET B 88 -4.41 -23.13 -22.10
C MET B 88 -5.22 -24.42 -22.05
N GLN B 89 -5.56 -25.02 -23.19
CA GLN B 89 -6.22 -26.33 -23.21
C GLN B 89 -5.34 -27.44 -22.62
N THR B 90 -4.02 -27.43 -22.86
CA THR B 90 -3.11 -28.41 -22.25
C THR B 90 -3.07 -28.28 -20.74
N MET B 91 -3.08 -27.06 -20.17
CA MET B 91 -3.14 -26.84 -18.73
C MET B 91 -4.47 -27.34 -18.14
N LEU B 92 -5.61 -26.88 -18.65
CA LEU B 92 -6.92 -27.22 -18.09
C LEU B 92 -7.21 -28.73 -18.13
N PHE B 93 -6.97 -29.39 -19.26
CA PHE B 93 -7.24 -30.83 -19.40
C PHE B 93 -6.21 -31.71 -18.65
N THR B 94 -5.03 -31.20 -18.31
CA THR B 94 -4.10 -31.88 -17.39
C THR B 94 -4.59 -31.85 -15.94
N MET B 95 -5.09 -30.72 -15.44
CA MET B 95 -5.56 -30.61 -14.05
C MET B 95 -6.71 -31.57 -13.72
N LEU B 96 -7.51 -32.00 -14.69
CA LEU B 96 -8.56 -33.01 -14.52
C LEU B 96 -8.03 -34.40 -14.08
N ARG B 97 -6.75 -34.69 -14.34
CA ARG B 97 -6.10 -35.97 -13.98
C ARG B 97 -5.69 -36.04 -12.51
N LYS B 98 -5.51 -34.88 -11.85
CA LYS B 98 -5.09 -34.77 -10.44
C LYS B 98 -6.23 -34.94 -9.44
N LEU B 99 -7.46 -34.64 -9.84
CA LEU B 99 -8.66 -34.82 -9.02
C LEU B 99 -8.93 -36.32 -8.78
N ASP B 100 -9.08 -36.68 -7.50
CA ASP B 100 -9.52 -38.06 -7.14
C ASP B 100 -11.05 -37.96 -7.19
N ASN B 101 -11.66 -38.37 -8.30
CA ASN B 101 -13.09 -38.16 -8.52
C ASN B 101 -14.01 -38.94 -7.55
N ASP B 102 -13.57 -40.05 -6.97
CA ASP B 102 -14.33 -40.77 -5.94
C ASP B 102 -14.48 -39.97 -4.64
N ALA B 103 -13.45 -39.23 -4.21
CA ALA B 103 -13.52 -38.40 -3.01
C ALA B 103 -14.28 -37.09 -3.25
N LEU B 104 -14.18 -36.52 -4.45
CA LEU B 104 -14.92 -35.31 -4.82
C LEU B 104 -16.42 -35.59 -5.04
N ASN B 105 -16.80 -36.71 -5.66
CA ASN B 105 -18.22 -37.06 -5.84
C ASN B 105 -18.95 -37.21 -4.49
N ASN B 106 -18.29 -37.70 -3.44
CA ASN B 106 -18.91 -37.88 -2.13
C ASN B 106 -19.33 -36.54 -1.49
N ILE B 107 -18.53 -35.47 -1.57
CA ILE B 107 -18.92 -34.18 -0.98
C ILE B 107 -19.96 -33.47 -1.86
N ILE B 108 -19.80 -33.46 -3.19
CA ILE B 108 -20.74 -32.77 -4.08
C ILE B 108 -22.12 -33.44 -4.08
N ASN B 109 -22.23 -34.76 -3.96
CA ASN B 109 -23.53 -35.43 -3.82
C ASN B 109 -24.18 -35.22 -2.44
N ASN B 110 -23.40 -34.95 -1.38
CA ASN B 110 -23.93 -34.62 -0.06
C ASN B 110 -24.41 -33.15 0.07
N ALA B 111 -24.01 -32.25 -0.84
CA ALA B 111 -24.49 -30.89 -0.86
C ALA B 111 -25.98 -30.81 -1.23
N ARG B 112 -26.75 -29.93 -0.57
CA ARG B 112 -28.21 -29.77 -0.73
C ARG B 112 -28.65 -29.46 -2.17
N ASP B 113 -27.85 -28.69 -2.90
CA ASP B 113 -28.16 -28.07 -4.19
C ASP B 113 -27.03 -28.26 -5.24
N GLY B 114 -26.10 -29.19 -4.98
CA GLY B 114 -24.96 -29.50 -5.84
C GLY B 114 -23.79 -28.51 -5.79
N CYS B 115 -23.78 -27.59 -4.84
CA CYS B 115 -22.85 -26.45 -4.77
C CYS B 115 -22.12 -26.42 -3.43
N VAL B 116 -20.81 -26.09 -3.39
CA VAL B 116 -19.99 -26.09 -2.17
C VAL B 116 -19.00 -24.92 -2.14
N PRO B 117 -18.56 -24.44 -0.97
CA PRO B 117 -17.45 -23.50 -0.87
C PRO B 117 -16.16 -24.05 -1.47
N LEU B 118 -15.32 -23.24 -2.10
CA LEU B 118 -14.02 -23.70 -2.59
C LEU B 118 -13.05 -24.08 -1.45
N ASN B 119 -13.08 -23.37 -0.32
CA ASN B 119 -12.09 -23.56 0.75
C ASN B 119 -12.14 -24.94 1.43
N ILE B 120 -13.26 -25.66 1.34
CA ILE B 120 -13.39 -27.00 1.91
C ILE B 120 -12.91 -28.13 1.01
N ILE B 121 -12.59 -27.87 -0.27
CA ILE B 121 -12.22 -28.91 -1.22
C ILE B 121 -10.85 -29.50 -0.92
N PRO B 122 -9.75 -28.74 -0.70
CA PRO B 122 -8.51 -29.36 -0.27
C PRO B 122 -8.63 -30.02 1.11
N LEU B 123 -9.32 -29.42 2.09
CA LEU B 123 -9.52 -29.99 3.43
C LEU B 123 -10.15 -31.39 3.38
N THR B 124 -11.23 -31.57 2.63
CA THR B 124 -12.00 -32.82 2.56
C THR B 124 -11.55 -33.82 1.49
N THR B 125 -10.80 -33.41 0.46
CA THR B 125 -10.45 -34.30 -0.68
C THR B 125 -8.95 -34.49 -0.93
N ALA B 126 -8.04 -33.59 -0.53
CA ALA B 126 -6.63 -33.72 -0.89
C ALA B 126 -5.98 -34.96 -0.26
N ALA B 127 -5.15 -35.68 -1.02
CA ALA B 127 -4.43 -36.88 -0.56
C ALA B 127 -3.14 -36.57 0.22
N LYS B 128 -2.64 -35.32 0.15
CA LYS B 128 -1.30 -34.91 0.58
C LYS B 128 -1.32 -33.56 1.29
N LEU B 129 -0.50 -33.41 2.32
CA LEU B 129 -0.41 -32.22 3.18
C LEU B 129 1.03 -31.72 3.22
N MET B 130 1.22 -30.41 3.14
CA MET B 130 2.49 -29.74 3.44
C MET B 130 2.35 -28.86 4.68
N VAL B 131 3.21 -29.06 5.68
CA VAL B 131 3.25 -28.24 6.89
C VAL B 131 4.55 -27.44 6.90
N VAL B 132 4.48 -26.11 7.04
CA VAL B 132 5.66 -25.23 7.06
C VAL B 132 5.88 -24.68 8.46
N ILE B 133 7.02 -25.00 9.09
CA ILE B 133 7.21 -24.85 10.55
C ILE B 133 8.37 -23.89 10.85
N PRO B 134 8.16 -22.78 11.58
CA PRO B 134 9.17 -21.74 11.78
C PRO B 134 10.22 -22.04 12.87
N ASP B 135 9.91 -22.85 13.89
CA ASP B 135 10.77 -23.09 15.05
C ASP B 135 10.43 -24.42 15.76
N TYR B 136 11.33 -24.89 16.63
CA TYR B 136 11.17 -26.19 17.29
C TYR B 136 10.01 -26.24 18.30
N ASN B 137 9.66 -25.12 18.94
CA ASN B 137 8.46 -25.06 19.77
C ASN B 137 7.19 -25.36 18.97
N THR B 138 7.09 -24.83 17.74
CA THR B 138 5.98 -25.13 16.82
C THR B 138 6.03 -26.56 16.29
N TYR B 139 7.22 -27.13 16.04
CA TYR B 139 7.35 -28.53 15.67
C TYR B 139 6.80 -29.45 16.77
N LYS B 140 7.28 -29.29 18.00
CA LYS B 140 6.90 -30.09 19.17
C LYS B 140 5.40 -30.03 19.47
N ASN B 141 4.78 -28.85 19.33
CA ASN B 141 3.35 -28.65 19.55
C ASN B 141 2.44 -29.22 18.45
N THR B 142 2.95 -29.67 17.30
CA THR B 142 2.12 -30.03 16.13
C THR B 142 2.43 -31.37 15.47
N CYS B 143 3.70 -31.77 15.33
CA CYS B 143 4.11 -32.90 14.48
C CYS B 143 4.91 -34.00 15.20
N ASP B 144 5.21 -33.85 16.49
CA ASP B 144 6.12 -34.75 17.21
C ASP B 144 5.63 -36.22 17.18
N GLY B 145 6.50 -37.13 16.76
CA GLY B 145 6.16 -38.49 16.34
C GLY B 145 6.29 -38.70 14.83
N THR B 146 5.56 -39.67 14.29
CA THR B 146 5.54 -40.03 12.85
C THR B 146 4.16 -39.91 12.22
N THR B 147 3.08 -39.90 13.01
CA THR B 147 1.71 -39.59 12.58
C THR B 147 1.14 -38.44 13.41
N PHE B 148 0.28 -37.63 12.82
CA PHE B 148 -0.40 -36.53 13.51
C PHE B 148 -1.82 -36.32 12.95
N THR B 149 -2.66 -35.61 13.70
CA THR B 149 -4.04 -35.29 13.30
C THR B 149 -4.20 -33.81 12.96
N TYR B 150 -4.78 -33.52 11.80
CA TYR B 150 -5.17 -32.17 11.36
C TYR B 150 -6.38 -32.27 10.42
N ALA B 151 -7.23 -31.25 10.36
CA ALA B 151 -8.41 -31.21 9.49
C ALA B 151 -9.35 -32.43 9.66
N SER B 152 -9.46 -32.96 10.90
CA SER B 152 -10.26 -34.13 11.25
C SER B 152 -9.91 -35.40 10.46
N ALA B 153 -8.63 -35.56 10.13
CA ALA B 153 -8.05 -36.74 9.49
C ALA B 153 -6.72 -37.11 10.14
N LEU B 154 -6.22 -38.31 9.86
CA LEU B 154 -4.94 -38.81 10.33
C LEU B 154 -3.92 -38.79 9.19
N TRP B 155 -2.73 -38.26 9.44
CA TRP B 155 -1.69 -38.05 8.43
C TRP B 155 -0.39 -38.74 8.85
N GLU B 156 0.32 -39.35 7.91
CA GLU B 156 1.61 -40.00 8.16
C GLU B 156 2.75 -39.33 7.37
N ILE B 157 3.84 -38.99 8.05
CA ILE B 157 4.97 -38.21 7.49
C ILE B 157 5.81 -39.08 6.55
N GLN B 158 5.92 -38.71 5.27
CA GLN B 158 6.78 -39.40 4.31
C GLN B 158 8.18 -38.77 4.16
N GLN B 159 8.33 -37.47 4.43
CA GLN B 159 9.58 -36.73 4.25
C GLN B 159 9.59 -35.43 5.07
N VAL B 160 10.77 -34.91 5.39
CA VAL B 160 11.00 -33.55 5.89
C VAL B 160 12.17 -32.94 5.11
N VAL B 161 12.11 -31.65 4.77
CA VAL B 161 13.20 -30.91 4.13
C VAL B 161 13.36 -29.54 4.77
N ASP B 162 14.54 -28.94 4.64
CA ASP B 162 14.85 -27.63 5.21
C ASP B 162 14.69 -26.47 4.20
N ALA B 163 15.00 -25.23 4.60
CA ALA B 163 14.94 -24.06 3.72
C ALA B 163 15.94 -24.07 2.56
N ASP B 164 16.94 -24.96 2.56
CA ASP B 164 17.85 -25.20 1.44
C ASP B 164 17.38 -26.38 0.55
N SER B 165 16.22 -26.97 0.84
CA SER B 165 15.67 -28.18 0.21
C SER B 165 16.47 -29.47 0.43
N LYS B 166 17.37 -29.51 1.44
CA LYS B 166 18.06 -30.73 1.87
C LYS B 166 17.14 -31.58 2.75
N ILE B 167 17.20 -32.91 2.63
CA ILE B 167 16.41 -33.84 3.45
C ILE B 167 16.90 -33.82 4.90
N VAL B 168 15.97 -33.76 5.85
CA VAL B 168 16.22 -33.87 7.30
C VAL B 168 15.65 -35.19 7.81
N GLN B 169 16.42 -36.00 8.52
CA GLN B 169 15.92 -37.21 9.18
C GLN B 169 15.25 -36.86 10.51
N LEU B 170 14.18 -37.55 10.90
CA LEU B 170 13.42 -37.23 12.12
C LEU B 170 14.28 -37.28 13.40
N SER B 171 15.35 -38.08 13.40
CA SER B 171 16.32 -38.18 14.50
C SER B 171 17.14 -36.90 14.72
N GLU B 172 17.20 -35.98 13.75
CA GLU B 172 17.95 -34.72 13.83
C GLU B 172 17.16 -33.59 14.51
N ILE B 173 15.83 -33.68 14.56
CA ILE B 173 14.97 -32.60 15.03
C ILE B 173 14.75 -32.75 16.55
N SER B 174 15.46 -31.95 17.35
CA SER B 174 15.37 -31.96 18.82
C SER B 174 15.81 -30.63 19.43
N MET B 175 15.46 -30.38 20.69
CA MET B 175 15.81 -29.15 21.43
C MET B 175 17.32 -28.86 21.44
N ASP B 176 18.14 -29.90 21.48
CA ASP B 176 19.60 -29.81 21.54
C ASP B 176 20.24 -29.47 20.18
N ASN B 177 19.78 -30.11 19.09
CA ASN B 177 20.34 -29.92 17.74
C ASN B 177 19.68 -28.80 16.92
N SER B 178 18.54 -28.24 17.34
CA SER B 178 17.77 -27.26 16.55
C SER B 178 18.54 -26.03 16.04
N PRO B 179 19.55 -25.46 16.73
CA PRO B 179 20.40 -24.42 16.17
C PRO B 179 21.16 -24.79 14.89
N ASN B 180 21.34 -26.07 14.57
CA ASN B 180 22.10 -26.53 13.40
C ASN B 180 21.24 -26.70 12.13
N LEU B 181 19.91 -26.53 12.19
CA LEU B 181 18.98 -26.72 11.07
C LEU B 181 18.61 -25.39 10.39
N ALA B 182 18.46 -25.40 9.07
CA ALA B 182 18.00 -24.25 8.29
C ALA B 182 16.47 -24.11 8.32
N TRP B 183 15.92 -23.51 9.37
CA TRP B 183 14.49 -23.21 9.48
C TRP B 183 14.01 -22.22 8.40
N PRO B 184 12.75 -22.30 7.94
CA PRO B 184 11.71 -23.24 8.37
C PRO B 184 11.88 -24.65 7.79
N LEU B 185 11.40 -25.66 8.50
CA LEU B 185 11.29 -27.01 7.93
C LEU B 185 9.95 -27.15 7.21
N ILE B 186 9.93 -27.93 6.12
CA ILE B 186 8.71 -28.31 5.41
C ILE B 186 8.52 -29.83 5.56
N VAL B 187 7.39 -30.23 6.15
CA VAL B 187 7.00 -31.61 6.39
C VAL B 187 5.96 -32.03 5.36
N THR B 188 6.16 -33.16 4.68
CA THR B 188 5.18 -33.69 3.71
C THR B 188 4.55 -34.97 4.26
N ALA B 189 3.22 -35.04 4.26
CA ALA B 189 2.46 -36.13 4.84
C ALA B 189 1.39 -36.65 3.88
N LEU B 190 0.97 -37.90 4.05
CA LEU B 190 -0.09 -38.55 3.28
C LEU B 190 -1.29 -38.91 4.17
N ARG B 191 -2.49 -38.87 3.59
CA ARG B 191 -3.75 -39.18 4.30
C ARG B 191 -3.83 -40.67 4.62
N ALA B 192 -3.96 -41.05 5.88
CA ALA B 192 -3.99 -42.45 6.29
C ALA B 192 -5.29 -43.16 5.84
N SER C 2 36.89 11.12 5.25
CA SER C 2 35.47 10.79 5.08
C SER C 2 35.14 9.32 5.41
N LYS C 3 35.65 8.74 6.52
CA LYS C 3 35.64 7.27 6.69
C LYS C 3 34.26 6.64 6.84
N MET C 4 33.26 7.33 7.38
CA MET C 4 31.91 6.76 7.50
C MET C 4 31.27 6.45 6.14
N SER C 5 31.34 7.37 5.17
CA SER C 5 30.82 7.09 3.83
C SER C 5 31.62 6.01 3.08
N ASP C 6 32.93 5.93 3.28
CA ASP C 6 33.76 4.88 2.69
C ASP C 6 33.45 3.49 3.26
N VAL C 7 33.15 3.37 4.55
CA VAL C 7 32.72 2.11 5.18
C VAL C 7 31.37 1.66 4.61
N LYS C 8 30.40 2.57 4.48
CA LYS C 8 29.09 2.25 3.88
C LYS C 8 29.20 1.86 2.41
N CYS C 9 30.06 2.50 1.62
CA CYS C 9 30.30 2.11 0.24
C CYS C 9 31.06 0.78 0.10
N THR C 10 31.97 0.47 1.02
CA THR C 10 32.67 -0.83 1.03
C THR C 10 31.74 -1.99 1.41
N SER C 11 30.75 -1.75 2.27
CA SER C 11 29.72 -2.73 2.63
C SER C 11 28.91 -3.23 1.43
N VAL C 12 28.50 -2.32 0.55
CA VAL C 12 27.74 -2.60 -0.69
C VAL C 12 28.55 -3.43 -1.68
N VAL C 13 29.83 -3.13 -1.86
CA VAL C 13 30.73 -3.88 -2.74
C VAL C 13 31.04 -5.27 -2.16
N LEU C 14 31.26 -5.38 -0.85
CA LEU C 14 31.53 -6.66 -0.19
C LEU C 14 30.34 -7.62 -0.23
N LEU C 15 29.10 -7.19 0.03
CA LEU C 15 27.95 -8.08 -0.13
C LEU C 15 27.70 -8.45 -1.60
N SER C 16 27.97 -7.57 -2.56
CA SER C 16 27.90 -7.90 -4.00
C SER C 16 28.89 -8.99 -4.41
N VAL C 17 30.10 -9.02 -3.85
CA VAL C 17 31.07 -10.12 -4.01
C VAL C 17 30.56 -11.42 -3.37
N LEU C 18 30.06 -11.38 -2.13
CA LEU C 18 29.47 -12.56 -1.48
C LEU C 18 28.27 -13.13 -2.26
N GLN C 19 27.42 -12.27 -2.82
CA GLN C 19 26.27 -12.73 -3.61
C GLN C 19 26.69 -13.44 -4.91
N GLN C 20 27.72 -12.96 -5.61
CA GLN C 20 28.27 -13.62 -6.81
C GLN C 20 28.96 -14.95 -6.53
N LEU C 21 29.52 -15.14 -5.32
CA LEU C 21 30.04 -16.41 -4.82
C LEU C 21 28.95 -17.41 -4.39
N ARG C 22 27.67 -17.16 -4.74
CA ARG C 22 26.50 -18.04 -4.51
C ARG C 22 26.17 -18.27 -3.04
N VAL C 23 26.45 -17.33 -2.14
CA VAL C 23 26.08 -17.43 -0.70
C VAL C 23 24.56 -17.53 -0.50
N GLU C 24 23.73 -17.01 -1.41
CA GLU C 24 22.27 -17.21 -1.40
C GLU C 24 21.84 -18.69 -1.39
N SER C 25 22.71 -19.61 -1.83
CA SER C 25 22.52 -21.06 -1.83
C SER C 25 22.58 -21.68 -0.42
N SER C 26 23.01 -20.93 0.60
CA SER C 26 23.00 -21.34 2.01
C SER C 26 22.18 -20.34 2.83
N SER C 27 20.91 -20.65 3.09
CA SER C 27 19.96 -19.69 3.65
C SER C 27 20.36 -19.18 5.04
N LYS C 28 20.96 -20.02 5.89
CA LYS C 28 21.42 -19.61 7.22
C LYS C 28 22.64 -18.68 7.18
N LEU C 29 23.45 -18.73 6.11
CA LEU C 29 24.60 -17.85 5.92
C LEU C 29 24.21 -16.52 5.26
N TRP C 30 23.36 -16.55 4.23
CA TRP C 30 22.86 -15.33 3.60
C TRP C 30 22.09 -14.43 4.57
N ALA C 31 21.27 -15.01 5.45
CA ALA C 31 20.52 -14.27 6.46
C ALA C 31 21.41 -13.52 7.47
N GLN C 32 22.64 -13.96 7.72
CA GLN C 32 23.63 -13.25 8.54
C GLN C 32 24.36 -12.16 7.75
N CYS C 33 24.74 -12.41 6.50
CA CYS C 33 25.39 -11.42 5.64
C CYS C 33 24.48 -10.21 5.36
N VAL C 34 23.20 -10.45 5.08
CA VAL C 34 22.17 -9.40 4.90
C VAL C 34 22.03 -8.52 6.14
N GLN C 35 22.05 -9.10 7.34
CA GLN C 35 21.87 -8.35 8.58
C GLN C 35 23.09 -7.49 8.94
N LEU C 36 24.31 -8.01 8.75
CA LEU C 36 25.55 -7.25 8.88
C LEU C 36 25.60 -6.08 7.88
N HIS C 37 25.23 -6.29 6.62
CA HIS C 37 25.16 -5.23 5.61
C HIS C 37 24.16 -4.13 6.01
N ASN C 38 22.91 -4.47 6.29
CA ASN C 38 21.87 -3.50 6.60
C ASN C 38 22.17 -2.72 7.89
N ASP C 39 22.80 -3.33 8.89
CA ASP C 39 23.29 -2.62 10.08
C ASP C 39 24.40 -1.61 9.78
N ILE C 40 25.39 -1.95 8.96
CA ILE C 40 26.47 -1.00 8.57
C ILE C 40 25.88 0.23 7.87
N LEU C 41 24.83 0.09 7.05
CA LEU C 41 24.19 1.21 6.37
C LEU C 41 23.40 2.13 7.32
N LEU C 42 22.80 1.58 8.38
CA LEU C 42 22.03 2.34 9.39
C LEU C 42 22.88 2.89 10.54
N ALA C 43 24.15 2.46 10.69
CA ALA C 43 25.06 2.91 11.73
C ALA C 43 25.35 4.43 11.71
N LYS C 44 25.65 5.00 12.88
CA LYS C 44 25.96 6.43 13.09
C LYS C 44 27.34 6.71 13.69
N ASP C 45 27.93 5.79 14.45
CA ASP C 45 29.31 5.86 14.95
C ASP C 45 30.21 4.88 14.19
N THR C 46 31.38 5.32 13.72
CA THR C 46 32.29 4.47 12.92
C THR C 46 32.82 3.27 13.69
N THR C 47 32.91 3.36 15.02
CA THR C 47 33.40 2.27 15.88
C THR C 47 32.44 1.07 15.93
N GLU C 48 31.14 1.25 15.68
CA GLU C 48 30.22 0.12 15.43
C GLU C 48 30.43 -0.44 14.02
N ALA C 49 30.40 0.41 13.00
CA ALA C 49 30.45 0.01 11.61
C ALA C 49 31.73 -0.76 11.24
N PHE C 50 32.89 -0.40 11.81
CA PHE C 50 34.13 -1.18 11.60
C PHE C 50 34.14 -2.53 12.30
N GLU C 51 33.46 -2.72 13.44
CA GLU C 51 33.34 -4.05 14.04
C GLU C 51 32.47 -4.97 13.17
N LYS C 52 31.34 -4.51 12.66
CA LYS C 52 30.49 -5.30 11.74
C LYS C 52 31.15 -5.55 10.39
N MET C 53 32.01 -4.66 9.91
CA MET C 53 32.84 -4.90 8.71
C MET C 53 33.85 -6.04 8.92
N VAL C 54 34.42 -6.20 10.12
CA VAL C 54 35.32 -7.34 10.44
C VAL C 54 34.57 -8.67 10.46
N SER C 55 33.35 -8.75 11.03
CA SER C 55 32.52 -9.95 10.90
C SER C 55 32.12 -10.23 9.45
N LEU C 56 31.64 -9.25 8.68
CA LEU C 56 31.21 -9.46 7.30
C LEU C 56 32.36 -9.90 6.38
N LEU C 57 33.54 -9.30 6.49
CA LEU C 57 34.71 -9.73 5.70
C LEU C 57 35.18 -11.13 6.07
N SER C 58 35.05 -11.56 7.33
CA SER C 58 35.44 -12.91 7.75
C SER C 58 34.65 -14.04 7.07
N VAL C 59 33.46 -13.78 6.52
CA VAL C 59 32.74 -14.72 5.65
C VAL C 59 33.56 -15.01 4.39
N LEU C 60 34.01 -13.98 3.68
CA LEU C 60 34.78 -14.11 2.43
C LEU C 60 36.12 -14.80 2.66
N LEU C 61 36.81 -14.51 3.77
CA LEU C 61 38.09 -15.15 4.10
C LEU C 61 37.93 -16.63 4.50
N SER C 62 36.79 -17.03 5.08
CA SER C 62 36.51 -18.44 5.43
C SER C 62 36.22 -19.32 4.22
N MET C 63 35.73 -18.76 3.09
CA MET C 63 35.47 -19.50 1.85
C MET C 63 36.78 -19.81 1.10
N GLN C 64 37.57 -20.75 1.61
CA GLN C 64 38.87 -21.11 1.05
C GLN C 64 38.76 -21.53 -0.42
N GLY C 65 39.60 -20.95 -1.29
CA GLY C 65 39.61 -21.22 -2.73
C GLY C 65 38.53 -20.53 -3.55
N ALA C 66 37.61 -19.76 -2.95
CA ALA C 66 36.59 -19.02 -3.69
C ALA C 66 37.12 -17.70 -4.31
N VAL C 67 38.17 -17.10 -3.74
CA VAL C 67 38.91 -15.96 -4.32
C VAL C 67 40.42 -16.19 -4.24
N ASP C 68 41.17 -15.73 -5.24
CA ASP C 68 42.63 -15.83 -5.27
C ASP C 68 43.28 -14.68 -4.47
N ILE C 69 43.08 -14.66 -3.15
CA ILE C 69 43.40 -13.51 -2.30
C ILE C 69 44.86 -13.09 -2.37
N ASN C 70 45.78 -14.04 -2.53
CA ASN C 70 47.20 -13.76 -2.64
C ASN C 70 47.56 -13.00 -3.93
N LYS C 71 46.71 -13.05 -4.97
CA LYS C 71 46.78 -12.24 -6.20
C LYS C 71 46.00 -10.93 -6.10
N LEU C 72 44.80 -10.94 -5.51
CA LEU C 72 43.99 -9.72 -5.31
C LEU C 72 44.66 -8.71 -4.36
N CYS C 73 45.43 -9.20 -3.39
CA CYS C 73 46.14 -8.40 -2.39
C CYS C 73 47.53 -7.90 -2.88
N GLU C 74 47.83 -7.96 -4.18
CA GLU C 74 48.97 -7.28 -4.83
C GLU C 74 48.49 -6.09 -5.70
N PRO D 11 28.77 19.61 -54.62
CA PRO D 11 29.30 19.49 -55.97
C PRO D 11 28.77 20.58 -56.87
N SER D 12 27.53 21.02 -56.62
CA SER D 12 26.91 22.11 -57.42
C SER D 12 27.36 23.47 -56.89
N TYR D 13 28.17 23.47 -55.83
CA TYR D 13 28.62 24.75 -55.21
C TYR D 13 29.39 25.57 -56.27
N ALA D 14 30.31 24.94 -56.99
CA ALA D 14 31.08 25.67 -58.00
C ALA D 14 30.18 26.51 -58.92
N ALA D 15 29.04 25.95 -59.36
CA ALA D 15 28.03 26.67 -60.13
C ALA D 15 27.41 27.81 -59.31
N PHE D 16 27.08 27.57 -58.04
CA PHE D 16 26.54 28.60 -57.14
C PHE D 16 27.53 29.76 -56.90
N ALA D 17 28.80 29.45 -56.59
CA ALA D 17 29.85 30.44 -56.36
C ALA D 17 30.12 31.31 -57.58
N THR D 18 30.27 30.69 -58.77
CA THR D 18 30.47 31.44 -60.02
C THR D 18 29.24 32.24 -60.43
N ALA D 19 28.02 31.71 -60.20
CA ALA D 19 26.78 32.45 -60.49
C ALA D 19 26.60 33.69 -59.60
N GLN D 20 26.80 33.59 -58.27
CA GLN D 20 26.61 34.75 -57.39
C GLN D 20 27.68 35.83 -57.65
N GLU D 21 28.92 35.44 -57.94
CA GLU D 21 29.98 36.40 -58.30
C GLU D 21 29.66 37.12 -59.62
N ALA D 22 29.21 36.39 -60.65
CA ALA D 22 28.81 36.98 -61.92
C ALA D 22 27.56 37.88 -61.79
N TYR D 23 26.56 37.50 -60.99
CA TYR D 23 25.38 38.32 -60.71
C TYR D 23 25.76 39.62 -59.98
N GLU D 24 26.54 39.56 -58.90
CA GLU D 24 26.97 40.76 -58.18
C GLU D 24 27.87 41.66 -59.03
N GLN D 25 28.75 41.09 -59.86
CA GLN D 25 29.54 41.83 -60.84
C GLN D 25 28.66 42.55 -61.88
N ALA D 26 27.62 41.89 -62.40
CA ALA D 26 26.74 42.48 -63.41
C ALA D 26 25.94 43.68 -62.87
N VAL D 27 25.36 43.59 -61.67
CA VAL D 27 24.66 44.74 -61.06
C VAL D 27 25.62 45.84 -60.61
N ALA D 28 26.86 45.50 -60.21
CA ALA D 28 27.90 46.49 -59.93
C ALA D 28 28.36 47.27 -61.18
N ASN D 29 28.53 46.60 -62.33
CA ASN D 29 28.88 47.25 -63.60
C ASN D 29 27.68 47.94 -64.30
N GLY D 30 26.44 47.58 -63.97
CA GLY D 30 25.24 48.15 -64.58
C GLY D 30 24.85 47.54 -65.93
N ASP D 31 25.14 46.25 -66.14
CA ASP D 31 24.81 45.50 -67.37
C ASP D 31 23.30 45.45 -67.65
N SER D 32 22.94 45.25 -68.92
CA SER D 32 21.55 45.26 -69.40
C SER D 32 20.64 44.28 -68.64
N GLU D 33 19.41 44.71 -68.31
CA GLU D 33 18.55 44.02 -67.36
C GLU D 33 18.17 42.58 -67.78
N VAL D 34 18.04 42.30 -69.08
CA VAL D 34 17.82 40.92 -69.56
C VAL D 34 18.99 39.97 -69.25
N VAL D 35 20.22 40.48 -69.29
CA VAL D 35 21.43 39.71 -68.92
C VAL D 35 21.49 39.53 -67.40
N LEU D 36 21.17 40.57 -66.64
CA LEU D 36 21.07 40.49 -65.18
C LEU D 36 19.99 39.50 -64.73
N LYS D 37 18.84 39.43 -65.42
CA LYS D 37 17.82 38.38 -65.19
C LYS D 37 18.35 36.99 -65.54
N LYS D 38 19.01 36.79 -66.68
CA LYS D 38 19.64 35.49 -67.01
C LYS D 38 20.64 35.05 -65.93
N LEU D 39 21.44 35.96 -65.40
CA LEU D 39 22.35 35.70 -64.29
C LEU D 39 21.61 35.39 -62.97
N LYS D 40 20.61 36.20 -62.58
CA LYS D 40 19.83 35.99 -61.35
C LYS D 40 19.08 34.66 -61.37
N LYS D 41 18.47 34.33 -62.51
CA LYS D 41 17.73 33.08 -62.73
C LYS D 41 18.66 31.86 -62.73
N SER D 42 19.84 31.97 -63.36
CA SER D 42 20.92 30.98 -63.23
C SER D 42 21.35 30.78 -61.78
N LEU D 43 21.56 31.88 -61.02
CA LEU D 43 21.87 31.83 -59.60
C LEU D 43 20.77 31.11 -58.80
N ASN D 44 19.48 31.35 -59.07
CA ASN D 44 18.39 30.65 -58.39
C ASN D 44 18.42 29.13 -58.60
N VAL D 45 18.60 28.64 -59.83
CA VAL D 45 18.72 27.19 -60.08
C VAL D 45 20.03 26.63 -59.55
N ALA D 46 21.15 27.33 -59.65
CA ALA D 46 22.43 26.90 -59.09
C ALA D 46 22.39 26.78 -57.55
N LYS D 47 21.77 27.75 -56.87
CA LYS D 47 21.51 27.70 -55.43
C LYS D 47 20.62 26.50 -55.09
N SER D 48 19.58 26.26 -55.88
CA SER D 48 18.68 25.12 -55.67
C SER D 48 19.41 23.78 -55.85
N GLU D 49 20.28 23.65 -56.85
CA GLU D 49 21.13 22.46 -57.02
C GLU D 49 22.15 22.29 -55.88
N PHE D 50 22.74 23.39 -55.38
CA PHE D 50 23.61 23.36 -54.21
C PHE D 50 22.86 22.92 -52.93
N ASP D 51 21.66 23.43 -52.68
CA ASP D 51 20.83 22.96 -51.56
C ASP D 51 20.40 21.49 -51.71
N ARG D 52 20.10 21.04 -52.94
CA ARG D 52 19.73 19.65 -53.23
C ARG D 52 20.89 18.66 -53.01
N ASP D 53 22.12 19.05 -53.37
CA ASP D 53 23.32 18.31 -53.00
C ASP D 53 23.57 18.33 -51.49
N ALA D 54 23.44 19.49 -50.83
CA ALA D 54 23.67 19.62 -49.40
C ALA D 54 22.70 18.77 -48.56
N ALA D 55 21.42 18.72 -48.94
CA ALA D 55 20.42 17.89 -48.28
C ALA D 55 20.77 16.39 -48.33
N MET D 56 21.33 15.89 -49.44
CA MET D 56 21.80 14.50 -49.53
C MET D 56 22.97 14.21 -48.58
N GLN D 57 24.04 15.03 -48.58
CA GLN D 57 25.17 14.74 -47.69
C GLN D 57 24.76 14.83 -46.21
N ARG D 58 23.92 15.80 -45.84
CA ARG D 58 23.43 15.97 -44.46
C ARG D 58 22.58 14.77 -43.98
N LYS D 59 21.77 14.16 -44.85
CA LYS D 59 21.05 12.91 -44.52
C LYS D 59 21.98 11.70 -44.36
N LEU D 60 22.99 11.56 -45.23
CA LEU D 60 23.97 10.46 -45.12
C LEU D 60 24.88 10.60 -43.89
N GLU D 61 25.29 11.81 -43.54
CA GLU D 61 26.07 12.10 -42.32
C GLU D 61 25.25 11.83 -41.05
N LYS D 62 23.99 12.27 -40.99
CA LYS D 62 23.06 11.91 -39.90
C LYS D 62 22.95 10.39 -39.73
N MET D 63 22.81 9.64 -40.82
CA MET D 63 22.67 8.18 -40.76
C MET D 63 23.93 7.46 -40.29
N ALA D 64 25.12 7.92 -40.69
CA ALA D 64 26.39 7.37 -40.22
C ALA D 64 26.67 7.66 -38.73
N ASP D 65 26.31 8.85 -38.24
CA ASP D 65 26.47 9.24 -36.83
C ASP D 65 25.64 8.36 -35.88
N GLN D 66 24.43 7.95 -36.28
CA GLN D 66 23.61 6.98 -35.54
C GLN D 66 24.26 5.59 -35.52
N ALA D 67 24.72 5.08 -36.66
CA ALA D 67 25.33 3.75 -36.75
C ALA D 67 26.60 3.63 -35.91
N MET D 68 27.50 4.62 -36.01
CA MET D 68 28.71 4.70 -35.19
C MET D 68 28.40 4.73 -33.69
N THR D 69 27.39 5.50 -33.28
CA THR D 69 26.95 5.58 -31.89
C THR D 69 26.36 4.26 -31.38
N GLN D 70 25.49 3.60 -32.16
CA GLN D 70 24.90 2.33 -31.75
C GLN D 70 25.93 1.21 -31.64
N MET D 71 26.93 1.16 -32.53
CA MET D 71 28.05 0.22 -32.43
C MET D 71 28.87 0.43 -31.16
N TYR D 72 29.17 1.69 -30.79
CA TYR D 72 29.86 2.00 -29.52
C TYR D 72 29.08 1.52 -28.31
N LYS D 73 27.78 1.83 -28.22
CA LYS D 73 26.94 1.40 -27.09
C LYS D 73 26.84 -0.12 -26.99
N GLN D 74 26.61 -0.81 -28.10
CA GLN D 74 26.51 -2.27 -28.12
C GLN D 74 27.81 -2.95 -27.67
N ALA D 75 28.96 -2.55 -28.21
CA ALA D 75 30.25 -3.15 -27.88
C ALA D 75 30.69 -2.89 -26.42
N ARG D 76 30.53 -1.67 -25.93
CA ARG D 76 30.93 -1.28 -24.57
C ARG D 76 29.98 -1.77 -23.47
N SER D 77 28.68 -1.90 -23.77
CA SER D 77 27.70 -2.50 -22.86
C SER D 77 28.00 -3.99 -22.61
N GLU D 78 28.33 -4.75 -23.66
CA GLU D 78 28.75 -6.16 -23.55
C GLU D 78 30.08 -6.33 -22.79
N ASP D 79 31.04 -5.43 -22.99
CA ASP D 79 32.32 -5.40 -22.25
C ASP D 79 32.12 -5.14 -20.73
N LYS D 80 31.19 -4.26 -20.34
CA LYS D 80 30.81 -4.03 -18.92
C LYS D 80 30.22 -5.28 -18.29
N ARG D 81 29.29 -5.93 -18.99
CA ARG D 81 28.52 -7.08 -18.50
C ARG D 81 29.35 -8.37 -18.39
N ALA D 82 30.29 -8.61 -19.30
CA ALA D 82 31.10 -9.83 -19.33
C ALA D 82 32.18 -9.92 -18.24
N LYS D 83 32.74 -8.80 -17.77
CA LYS D 83 33.87 -8.71 -16.83
C LYS D 83 33.49 -8.47 -15.37
N VAL D 84 32.21 -8.50 -15.02
CA VAL D 84 31.69 -8.02 -13.72
C VAL D 84 32.30 -8.71 -12.50
N THR D 85 32.57 -10.02 -12.55
CA THR D 85 33.13 -10.77 -11.40
C THR D 85 34.56 -10.34 -11.07
N SER D 86 35.41 -10.19 -12.08
CA SER D 86 36.80 -9.74 -11.92
C SER D 86 36.89 -8.26 -11.52
N ALA D 87 35.99 -7.42 -12.05
CA ALA D 87 35.90 -6.01 -11.67
C ALA D 87 35.49 -5.82 -10.20
N MET D 88 34.45 -6.51 -9.72
CA MET D 88 34.00 -6.40 -8.34
C MET D 88 35.06 -6.83 -7.32
N GLN D 89 35.74 -7.96 -7.53
CA GLN D 89 36.80 -8.43 -6.63
C GLN D 89 38.02 -7.48 -6.61
N THR D 90 38.39 -6.91 -7.75
CA THR D 90 39.46 -5.90 -7.86
C THR D 90 39.08 -4.57 -7.19
N MET D 91 37.83 -4.13 -7.32
CA MET D 91 37.29 -2.95 -6.65
C MET D 91 37.28 -3.11 -5.13
N LEU D 92 36.78 -4.23 -4.61
CA LEU D 92 36.77 -4.53 -3.17
C LEU D 92 38.15 -4.44 -2.54
N PHE D 93 39.13 -5.20 -3.04
CA PHE D 93 40.49 -5.19 -2.51
C PHE D 93 41.30 -3.92 -2.84
N THR D 94 40.73 -2.98 -3.59
CA THR D 94 41.23 -1.59 -3.68
C THR D 94 40.65 -0.71 -2.57
N MET D 95 39.34 -0.77 -2.30
CA MET D 95 38.69 0.02 -1.25
C MET D 95 39.14 -0.32 0.17
N LEU D 96 39.43 -1.59 0.46
CA LEU D 96 39.94 -2.01 1.78
C LEU D 96 41.32 -1.43 2.13
N ARG D 97 42.13 -1.02 1.14
CA ARG D 97 43.42 -0.33 1.36
C ARG D 97 43.26 1.12 1.83
N LYS D 98 42.24 1.83 1.33
CA LYS D 98 41.97 3.24 1.67
C LYS D 98 41.37 3.43 3.07
N LEU D 99 40.60 2.46 3.57
CA LEU D 99 40.11 2.46 4.95
C LEU D 99 41.25 2.37 5.95
N ASP D 100 42.25 1.53 5.67
CA ASP D 100 43.49 1.36 6.44
C ASP D 100 43.28 1.07 7.94
N ASN D 101 42.15 0.44 8.30
CA ASN D 101 41.84 0.02 9.66
C ASN D 101 42.74 -1.16 10.07
N ASP D 102 43.34 -1.10 11.26
CA ASP D 102 44.26 -2.15 11.71
C ASP D 102 43.62 -3.54 11.83
N ALA D 103 42.35 -3.63 12.25
CA ALA D 103 41.67 -4.92 12.39
C ALA D 103 41.42 -5.59 11.02
N LEU D 104 41.00 -4.83 10.02
CA LEU D 104 40.84 -5.33 8.65
C LEU D 104 42.19 -5.71 8.04
N ASN D 105 43.21 -4.87 8.19
CA ASN D 105 44.57 -5.19 7.73
C ASN D 105 45.12 -6.44 8.43
N ASN D 106 44.85 -6.63 9.73
CA ASN D 106 45.32 -7.80 10.47
C ASN D 106 44.69 -9.12 9.99
N ILE D 107 43.39 -9.17 9.71
CA ILE D 107 42.79 -10.40 9.18
C ILE D 107 43.16 -10.66 7.71
N ILE D 108 43.32 -9.63 6.87
CA ILE D 108 43.78 -9.80 5.48
C ILE D 108 45.24 -10.27 5.42
N ASN D 109 46.15 -9.66 6.20
CA ASN D 109 47.55 -10.08 6.22
C ASN D 109 47.76 -11.49 6.80
N ASN D 110 46.93 -11.95 7.74
CA ASN D 110 46.91 -13.36 8.14
C ASN D 110 46.39 -14.29 7.03
N ALA D 111 45.33 -13.90 6.32
CA ALA D 111 44.74 -14.71 5.25
C ALA D 111 45.68 -14.94 4.04
N ARG D 112 46.56 -13.99 3.70
CA ARG D 112 47.63 -14.21 2.70
C ARG D 112 48.46 -15.46 3.00
N ASP D 113 48.80 -15.65 4.28
CA ASP D 113 49.67 -16.73 4.76
C ASP D 113 48.90 -18.02 5.11
N GLY D 114 47.59 -18.07 4.89
CA GLY D 114 46.73 -19.23 5.15
C GLY D 114 46.18 -19.34 6.58
N CYS D 115 46.36 -18.34 7.44
CA CYS D 115 45.77 -18.31 8.78
C CYS D 115 44.35 -17.73 8.76
N VAL D 116 43.35 -18.59 8.53
CA VAL D 116 41.95 -18.21 8.24
C VAL D 116 40.96 -18.76 9.26
N PRO D 117 39.83 -18.07 9.53
CA PRO D 117 38.82 -18.52 10.45
C PRO D 117 37.89 -19.59 9.84
N LEU D 118 37.35 -20.48 10.66
CA LEU D 118 36.29 -21.42 10.28
C LEU D 118 34.88 -20.86 10.55
N ASN D 119 34.73 -19.98 11.54
CA ASN D 119 33.50 -19.26 11.90
C ASN D 119 33.45 -17.86 11.26
N ILE D 120 32.28 -17.20 11.34
CA ILE D 120 32.21 -15.74 11.33
C ILE D 120 32.84 -15.21 12.63
N ILE D 121 33.71 -14.20 12.57
CA ILE D 121 34.37 -13.62 13.76
C ILE D 121 33.33 -12.96 14.68
N PRO D 122 33.20 -13.39 15.96
CA PRO D 122 32.17 -12.89 16.87
C PRO D 122 32.53 -11.56 17.55
N LEU D 123 31.52 -10.78 17.95
CA LEU D 123 31.70 -9.47 18.59
C LEU D 123 31.51 -9.48 20.12
N THR D 124 30.69 -10.37 20.66
CA THR D 124 30.33 -10.43 22.09
C THR D 124 31.40 -11.11 22.94
N THR D 125 31.49 -10.72 24.22
CA THR D 125 32.47 -11.28 25.18
C THR D 125 32.25 -12.79 25.40
N ALA D 126 33.35 -13.53 25.61
CA ALA D 126 33.37 -14.99 25.81
C ALA D 126 32.78 -15.86 24.67
N ALA D 127 32.58 -15.30 23.47
CA ALA D 127 32.15 -16.06 22.29
C ALA D 127 33.28 -16.89 21.64
N LYS D 128 32.92 -18.03 21.04
CA LYS D 128 33.83 -19.02 20.43
C LYS D 128 34.33 -18.61 19.04
N LEU D 129 35.64 -18.73 18.82
CA LEU D 129 36.31 -18.60 17.52
C LEU D 129 37.18 -19.83 17.24
N MET D 130 37.28 -20.26 15.98
CA MET D 130 38.18 -21.33 15.54
C MET D 130 39.02 -20.88 14.34
N VAL D 131 40.34 -21.08 14.38
CA VAL D 131 41.29 -20.59 13.36
C VAL D 131 42.30 -21.67 12.98
N VAL D 132 42.62 -21.78 11.69
CA VAL D 132 43.64 -22.68 11.15
C VAL D 132 45.04 -22.08 11.31
N ILE D 133 46.02 -22.86 11.77
CA ILE D 133 47.42 -22.48 11.89
C ILE D 133 48.29 -23.39 10.98
N PRO D 134 48.85 -22.88 9.87
CA PRO D 134 49.58 -23.72 8.91
C PRO D 134 50.93 -24.28 9.37
N ASP D 135 51.66 -23.58 10.25
CA ASP D 135 53.05 -23.91 10.63
C ASP D 135 53.46 -23.23 11.94
N TYR D 136 54.51 -23.73 12.62
CA TYR D 136 55.08 -23.10 13.82
C TYR D 136 55.59 -21.67 13.57
N ASN D 137 56.13 -21.42 12.37
CA ASN D 137 56.57 -20.11 11.93
C ASN D 137 55.41 -19.08 11.80
N THR D 138 54.17 -19.53 11.63
CA THR D 138 52.98 -18.67 11.76
C THR D 138 52.50 -18.60 13.21
N TYR D 139 52.43 -19.74 13.91
CA TYR D 139 52.01 -19.82 15.32
C TYR D 139 52.73 -18.80 16.22
N LYS D 140 54.07 -18.73 16.08
CA LYS D 140 54.97 -17.85 16.83
C LYS D 140 54.62 -16.35 16.76
N ASN D 141 53.94 -15.90 15.69
CA ASN D 141 53.56 -14.50 15.52
C ASN D 141 52.18 -14.14 16.12
N THR D 142 51.37 -15.11 16.53
CA THR D 142 49.96 -14.88 16.93
C THR D 142 49.58 -15.51 18.27
N CYS D 143 50.14 -16.66 18.64
CA CYS D 143 49.95 -17.29 19.93
C CYS D 143 51.06 -16.91 20.91
N ASP D 144 50.70 -16.64 22.17
CA ASP D 144 51.64 -16.28 23.23
C ASP D 144 51.13 -16.80 24.59
N GLY D 145 51.73 -17.87 25.10
CA GLY D 145 51.27 -18.56 26.31
C GLY D 145 49.86 -19.13 26.14
N THR D 146 48.95 -18.79 27.06
CA THR D 146 47.52 -19.14 27.00
C THR D 146 46.71 -18.28 26.01
N THR D 147 47.33 -17.28 25.37
CA THR D 147 46.63 -16.27 24.55
C THR D 147 46.86 -16.41 23.04
N PHE D 148 45.93 -15.88 22.27
CA PHE D 148 45.92 -15.80 20.82
C PHE D 148 45.53 -14.37 20.40
N THR D 149 46.17 -13.81 19.38
CA THR D 149 45.94 -12.43 18.90
C THR D 149 45.49 -12.41 17.44
N TYR D 150 44.26 -11.96 17.20
CA TYR D 150 43.64 -11.92 15.87
C TYR D 150 42.60 -10.79 15.81
N ALA D 151 42.39 -10.21 14.62
CA ALA D 151 41.49 -9.06 14.42
C ALA D 151 41.73 -7.88 15.38
N SER D 152 43.00 -7.68 15.76
CA SER D 152 43.47 -6.66 16.71
C SER D 152 42.77 -6.71 18.08
N ALA D 153 42.51 -7.92 18.57
CA ALA D 153 41.97 -8.21 19.91
C ALA D 153 42.67 -9.43 20.54
N LEU D 154 42.45 -9.61 21.85
CA LEU D 154 43.02 -10.71 22.64
C LEU D 154 41.98 -11.81 22.91
N TRP D 155 42.39 -13.05 22.66
CA TRP D 155 41.58 -14.26 22.78
C TRP D 155 42.30 -15.26 23.68
N GLU D 156 41.57 -16.07 24.45
CA GLU D 156 42.15 -17.11 25.31
C GLU D 156 41.89 -18.51 24.75
N ILE D 157 42.95 -19.31 24.58
CA ILE D 157 42.88 -20.63 23.95
C ILE D 157 42.24 -21.65 24.91
N GLN D 158 41.32 -22.49 24.44
CA GLN D 158 40.73 -23.56 25.25
C GLN D 158 41.02 -24.99 24.76
N GLN D 159 41.30 -25.20 23.46
CA GLN D 159 41.86 -26.46 22.96
C GLN D 159 42.55 -26.27 21.59
N VAL D 160 43.42 -27.20 21.22
CA VAL D 160 44.16 -27.26 19.95
C VAL D 160 44.16 -28.71 19.43
N VAL D 161 44.05 -28.91 18.11
CA VAL D 161 44.06 -30.26 17.49
C VAL D 161 44.98 -30.37 16.27
N ASP D 162 45.57 -31.55 16.10
CA ASP D 162 46.21 -32.03 14.86
C ASP D 162 45.19 -32.11 13.70
N ALA D 163 45.67 -32.22 12.45
CA ALA D 163 44.83 -32.46 11.27
C ALA D 163 44.04 -33.79 11.33
N ASP D 164 44.49 -34.75 12.13
CA ASP D 164 43.82 -36.02 12.43
C ASP D 164 42.80 -35.93 13.59
N SER D 165 42.50 -34.73 14.10
CA SER D 165 41.62 -34.42 15.24
C SER D 165 42.09 -34.88 16.63
N LYS D 166 43.30 -35.43 16.74
CA LYS D 166 43.97 -35.68 18.03
C LYS D 166 44.25 -34.36 18.77
N ILE D 167 43.91 -34.28 20.06
CA ILE D 167 44.15 -33.09 20.90
C ILE D 167 45.64 -32.93 21.19
N VAL D 168 46.13 -31.68 21.15
CA VAL D 168 47.54 -31.30 21.40
C VAL D 168 47.61 -30.30 22.55
N GLN D 169 48.46 -30.53 23.54
CA GLN D 169 48.67 -29.59 24.65
C GLN D 169 49.58 -28.41 24.23
N LEU D 170 49.33 -27.21 24.76
CA LEU D 170 50.13 -26.01 24.44
C LEU D 170 51.61 -26.13 24.82
N SER D 171 51.95 -27.02 25.75
CA SER D 171 53.34 -27.35 26.11
C SER D 171 54.08 -28.21 25.07
N GLU D 172 53.38 -28.86 24.13
CA GLU D 172 53.99 -29.71 23.09
C GLU D 172 54.53 -28.91 21.89
N ILE D 173 53.96 -27.71 21.64
CA ILE D 173 54.22 -26.91 20.43
C ILE D 173 55.50 -26.08 20.62
N SER D 174 56.63 -26.63 20.18
CA SER D 174 57.98 -26.05 20.26
C SER D 174 58.81 -26.40 19.02
N MET D 175 59.87 -25.64 18.75
CA MET D 175 60.70 -25.76 17.52
C MET D 175 61.19 -27.19 17.25
N ASP D 176 61.85 -27.83 18.22
CA ASP D 176 62.43 -29.17 18.08
C ASP D 176 61.37 -30.26 17.86
N ASN D 177 60.21 -30.15 18.53
CA ASN D 177 59.11 -31.11 18.42
C ASN D 177 58.21 -30.87 17.20
N SER D 178 58.27 -29.69 16.58
CA SER D 178 57.36 -29.29 15.50
C SER D 178 57.28 -30.23 14.28
N PRO D 179 58.32 -30.98 13.85
CA PRO D 179 58.18 -31.97 12.78
C PRO D 179 57.26 -33.17 13.14
N ASN D 180 57.04 -33.43 14.43
CA ASN D 180 56.25 -34.58 14.90
C ASN D 180 54.73 -34.32 14.91
N LEU D 181 54.32 -33.05 14.92
CA LEU D 181 52.90 -32.65 14.90
C LEU D 181 52.32 -32.78 13.49
N ALA D 182 51.01 -33.05 13.36
CA ALA D 182 50.35 -33.18 12.07
C ALA D 182 49.67 -31.86 11.66
N TRP D 183 50.46 -30.91 11.15
CA TRP D 183 49.99 -29.64 10.59
C TRP D 183 49.04 -29.85 9.39
N PRO D 184 48.11 -28.92 9.12
CA PRO D 184 47.84 -27.69 9.86
C PRO D 184 47.08 -27.94 11.16
N LEU D 185 47.42 -27.20 12.22
CA LEU D 185 46.70 -27.24 13.50
C LEU D 185 45.41 -26.43 13.42
N ILE D 186 44.42 -26.76 14.24
CA ILE D 186 43.21 -25.93 14.44
C ILE D 186 43.15 -25.50 15.91
N VAL D 187 43.08 -24.20 16.16
CA VAL D 187 43.00 -23.58 17.50
C VAL D 187 41.57 -23.16 17.79
N THR D 188 41.03 -23.47 18.97
CA THR D 188 39.76 -22.92 19.46
C THR D 188 40.00 -21.97 20.62
N ALA D 189 39.42 -20.76 20.56
CA ALA D 189 39.63 -19.71 21.54
C ALA D 189 38.34 -18.94 21.86
N LEU D 190 38.33 -18.19 22.96
CA LEU D 190 37.24 -17.30 23.37
C LEU D 190 37.71 -15.84 23.46
N ARG D 191 36.86 -14.83 23.20
CA ARG D 191 37.23 -13.42 23.47
C ARG D 191 37.54 -13.19 24.94
N ALA D 192 38.68 -12.54 25.24
CA ALA D 192 38.96 -12.01 26.58
C ALA D 192 38.33 -10.62 26.78
N ASN D 193 38.04 -10.25 28.03
CA ASN D 193 37.57 -8.92 28.45
C ASN D 193 37.86 -8.66 29.93
ZN ZN G . -30.90 -2.99 1.48
ZN ZN H . -21.78 2.17 -17.26
#